data_5TJ9
#
_entry.id   5TJ9
#
_cell.length_a   66.331
_cell.length_b   184.904
_cell.length_c   102.508
_cell.angle_alpha   90.00
_cell.angle_beta   107.80
_cell.angle_gamma   90.00
#
_symmetry.space_group_name_H-M   'P 1 21 1'
#
loop_
_entity.id
_entity.type
_entity.pdbx_description
1 polymer Adenosylhomocysteinase
2 non-polymer (1R,2S,3R,5R)-3-(6-amino-9H-purin-9-yl)-5-(hydroxymethyl)cyclopentane-1,2-diol
3 non-polymer NICOTINAMIDE-ADENINE-DINUCLEOTIDE
4 non-polymer 'SULFATE ION'
5 non-polymer 'HEXAETHYLENE GLYCOL'
6 non-polymer GLYCEROL
7 non-polymer DI(HYDROXYETHYL)ETHER
8 water water
#
_entity_poly.entity_id   1
_entity_poly.type   'polypeptide(L)'
_entity_poly.pdbx_seq_one_letter_code
;SNAYKMESRIKDISLAEFGLQDMEIAKTDMMGLVELQRKYRDSKPLKGARITGSLHLTIETSVLVETLYELGAEIRWCSC
NIYSTQDHAAAALVKKNIATVFAWKNETIEDYWVCLNDAMTWRNPNDKDKICGPNLIVDDGGDATLILHEGVKAEIEYEK
YNKIPEYLETELDENGKQLSMDLKCMYKVLKMELLKNPFRWRGMLKDLYGVSEETTTGVLRLKIMESEGKLLLPAINVND
SVTKSKFDNTYGCRQSLLHGLFNGCIQMLAGKKIVVLGYGEVGKGCAQGLSGVGARVIVTEIDPICALQASMEGYQVSVL
EDVVSEADIFITATGNKDVITVEHMRKMKENAYIANIGHFDDEIDVYGLENYPGIKVIEVKQNVHKFTFPDTQKSVILLC
KGRLVNLGCATGHPPLVMSMSFTNQVLAQMDLWKSRELVDRSKNTRFFVKKLSKELDEYVARLHLDVLGIKLTKLTETQA
KYINVSINGPYKSEDYRY
;
_entity_poly.pdbx_strand_id   A,B,C,D
#
loop_
_chem_comp.id
_chem_comp.type
_chem_comp.name
_chem_comp.formula
7CY non-polymer (1R,2S,3R,5R)-3-(6-amino-9H-purin-9-yl)-5-(hydroxymethyl)cyclopentane-1,2-diol 'C11 H15 N5 O3'
GOL non-polymer GLYCEROL 'C3 H8 O3'
NAD non-polymer NICOTINAMIDE-ADENINE-DINUCLEOTIDE 'C21 H27 N7 O14 P2'
P6G non-polymer 'HEXAETHYLENE GLYCOL' 'C12 H26 O7'
PEG non-polymer DI(HYDROXYETHYL)ETHER 'C4 H10 O3'
SO4 non-polymer 'SULFATE ION' 'O4 S -2'
#
# COMPACT_ATOMS: atom_id res chain seq x y z
N LYS A 5 -15.26 -8.44 -45.34
CA LYS A 5 -16.70 -8.60 -45.73
C LYS A 5 -16.93 -9.94 -46.45
N MET A 6 -16.47 -10.03 -47.70
CA MET A 6 -16.61 -11.26 -48.51
C MET A 6 -15.63 -12.33 -48.00
N GLU A 7 -14.34 -11.96 -47.96
CA GLU A 7 -13.23 -12.82 -47.52
C GLU A 7 -13.33 -13.26 -46.04
N SER A 8 -13.54 -12.28 -45.17
CA SER A 8 -13.58 -12.45 -43.71
C SER A 8 -14.31 -13.67 -43.12
N ARG A 9 -13.68 -14.25 -42.09
CA ARG A 9 -14.22 -15.37 -41.35
C ARG A 9 -14.30 -14.90 -39.89
N ILE A 10 -15.51 -14.63 -39.42
CA ILE A 10 -15.74 -14.17 -38.05
C ILE A 10 -16.96 -14.87 -37.48
N LYS A 11 -17.20 -14.69 -36.18
CA LYS A 11 -18.35 -15.33 -35.54
C LYS A 11 -19.69 -14.71 -35.95
N ASP A 12 -19.91 -13.45 -35.56
CA ASP A 12 -21.20 -12.80 -35.79
C ASP A 12 -21.10 -11.29 -36.12
N ILE A 13 -21.52 -10.94 -37.33
CA ILE A 13 -21.52 -9.56 -37.83
C ILE A 13 -22.53 -8.65 -37.11
N SER A 14 -23.57 -9.24 -36.50
CA SER A 14 -24.61 -8.46 -35.78
C SER A 14 -24.07 -7.80 -34.50
N LEU A 15 -22.95 -8.29 -34.01
CA LEU A 15 -22.30 -7.74 -32.82
C LEU A 15 -21.51 -6.47 -33.13
N ALA A 16 -21.43 -6.10 -34.40
CA ALA A 16 -20.66 -4.91 -34.81
C ALA A 16 -21.07 -3.62 -34.12
N GLU A 17 -22.37 -3.42 -33.91
CA GLU A 17 -22.83 -2.17 -33.30
C GLU A 17 -22.27 -1.94 -31.88
N PHE A 18 -22.21 -3.02 -31.09
CA PHE A 18 -21.67 -2.93 -29.74
C PHE A 18 -20.15 -2.68 -29.78
N GLY A 19 -19.49 -3.21 -30.80
CA GLY A 19 -18.04 -3.04 -30.97
C GLY A 19 -17.69 -1.60 -31.28
N LEU A 20 -18.45 -0.97 -32.17
CA LEU A 20 -18.23 0.42 -32.56
C LEU A 20 -18.48 1.36 -31.39
N GLN A 21 -19.48 1.05 -30.56
CA GLN A 21 -19.78 1.86 -29.37
C GLN A 21 -18.65 1.75 -28.35
N ASP A 22 -18.08 0.56 -28.20
CA ASP A 22 -16.97 0.36 -27.25
C ASP A 22 -15.71 1.05 -27.74
N MET A 23 -15.49 1.06 -29.06
CA MET A 23 -14.34 1.75 -29.65
C MET A 23 -14.37 3.24 -29.31
N GLU A 24 -15.54 3.88 -29.46
CA GLU A 24 -15.69 5.31 -29.15
C GLU A 24 -15.48 5.64 -27.67
N ILE A 25 -15.92 4.74 -26.79
CA ILE A 25 -15.74 4.92 -25.36
C ILE A 25 -14.25 4.78 -25.02
N ALA A 26 -13.62 3.77 -25.64
CA ALA A 26 -12.19 3.50 -25.45
C ALA A 26 -11.35 4.68 -25.92
N LYS A 27 -11.75 5.27 -27.05
CA LYS A 27 -11.04 6.44 -27.61
C LYS A 27 -10.92 7.63 -26.69
N THR A 28 -11.77 7.72 -25.67
CA THR A 28 -11.66 8.81 -24.70
C THR A 28 -10.27 8.78 -24.06
N ASP A 29 -9.81 7.59 -23.67
CA ASP A 29 -8.47 7.42 -23.06
C ASP A 29 -7.30 7.15 -24.04
N MET A 30 -7.59 6.69 -25.25
CA MET A 30 -6.52 6.39 -26.22
C MET A 30 -6.14 7.62 -27.04
N MET A 31 -5.73 8.70 -26.38
N MET A 31 -5.71 8.69 -26.37
CA MET A 31 -5.40 9.96 -27.07
CA MET A 31 -5.35 9.96 -27.03
C MET A 31 -4.23 9.88 -28.07
C MET A 31 -4.25 9.86 -28.08
N GLY A 32 -3.36 8.88 -27.90
CA GLY A 32 -2.25 8.70 -28.82
C GLY A 32 -2.75 8.36 -30.20
N LEU A 33 -3.61 7.35 -30.31
CA LEU A 33 -4.17 6.94 -31.60
C LEU A 33 -5.09 8.01 -32.18
N VAL A 34 -5.88 8.65 -31.32
CA VAL A 34 -6.78 9.71 -31.76
C VAL A 34 -5.96 10.84 -32.39
N GLU A 35 -4.84 11.17 -31.76
CA GLU A 35 -3.96 12.24 -32.25
C GLU A 35 -3.34 11.88 -33.58
N LEU A 36 -2.82 10.65 -33.70
CA LEU A 36 -2.23 10.21 -34.96
C LEU A 36 -3.26 10.26 -36.09
N GLN A 37 -4.52 9.90 -35.80
CA GLN A 37 -5.59 9.96 -36.82
C GLN A 37 -5.86 11.42 -37.22
N ARG A 38 -6.01 12.29 -36.22
CA ARG A 38 -6.27 13.71 -36.49
C ARG A 38 -5.18 14.34 -37.38
N LYS A 39 -3.92 14.05 -37.04
CA LYS A 39 -2.75 14.61 -37.71
C LYS A 39 -2.37 14.03 -39.07
N TYR A 40 -2.49 12.71 -39.24
CA TYR A 40 -2.06 12.03 -40.48
C TYR A 40 -3.14 11.45 -41.40
N ARG A 41 -4.42 11.59 -41.07
CA ARG A 41 -5.46 11.02 -41.96
C ARG A 41 -5.58 11.69 -43.34
N ASP A 42 -5.11 12.93 -43.47
CA ASP A 42 -5.18 13.65 -44.75
C ASP A 42 -4.02 13.32 -45.68
N SER A 43 -2.80 13.35 -45.13
CA SER A 43 -1.59 13.05 -45.93
C SER A 43 -1.44 11.54 -46.21
N LYS A 44 -1.91 10.71 -45.28
CA LYS A 44 -1.86 9.25 -45.40
C LYS A 44 -0.44 8.75 -45.70
N PRO A 45 0.47 8.85 -44.72
CA PRO A 45 1.85 8.41 -44.94
C PRO A 45 2.02 6.92 -45.22
N LEU A 46 1.01 6.10 -44.89
CA LEU A 46 1.06 4.65 -45.14
C LEU A 46 0.25 4.23 -46.39
N LYS A 47 -0.24 5.19 -47.17
CA LYS A 47 -1.06 4.86 -48.37
C LYS A 47 -0.38 3.84 -49.28
N GLY A 48 -1.16 2.84 -49.70
CA GLY A 48 -0.67 1.79 -50.60
C GLY A 48 0.00 0.62 -49.90
N ALA A 49 0.30 0.76 -48.61
CA ALA A 49 0.97 -0.30 -47.85
C ALA A 49 -0.01 -1.40 -47.49
N ARG A 50 0.42 -2.65 -47.67
CA ARG A 50 -0.37 -3.82 -47.33
C ARG A 50 0.19 -4.32 -46.01
N ILE A 51 -0.61 -4.21 -44.95
CA ILE A 51 -0.22 -4.61 -43.60
C ILE A 51 -0.97 -5.83 -43.08
N THR A 52 -0.23 -6.84 -42.64
CA THR A 52 -0.80 -8.06 -42.06
C THR A 52 -0.56 -8.00 -40.55
N GLY A 53 -1.59 -8.25 -39.75
CA GLY A 53 -1.44 -8.23 -38.29
C GLY A 53 -1.82 -9.53 -37.59
N SER A 54 -0.98 -9.95 -36.64
CA SER A 54 -1.22 -11.14 -35.82
C SER A 54 -1.11 -10.63 -34.40
N LEU A 55 -2.25 -10.23 -33.83
CA LEU A 55 -2.28 -9.65 -32.50
C LEU A 55 -3.71 -9.65 -31.92
N HIS A 56 -3.83 -10.15 -30.69
CA HIS A 56 -5.12 -10.27 -29.95
C HIS A 56 -6.14 -9.24 -30.40
N LEU A 57 -7.11 -9.67 -31.20
CA LEU A 57 -8.07 -8.73 -31.74
C LEU A 57 -9.13 -8.38 -30.70
N THR A 58 -8.82 -7.34 -29.93
CA THR A 58 -9.67 -6.80 -28.89
C THR A 58 -10.19 -5.45 -29.35
N ILE A 59 -10.99 -4.79 -28.51
CA ILE A 59 -11.50 -3.45 -28.82
C ILE A 59 -10.31 -2.51 -28.99
N GLU A 60 -9.33 -2.61 -28.09
CA GLU A 60 -8.14 -1.76 -28.19
C GLU A 60 -7.41 -1.96 -29.53
N THR A 61 -7.33 -3.21 -29.97
CA THR A 61 -6.68 -3.53 -31.25
C THR A 61 -7.45 -2.98 -32.44
N SER A 62 -8.78 -2.91 -32.33
CA SER A 62 -9.61 -2.37 -33.41
C SER A 62 -9.34 -0.89 -33.64
N VAL A 63 -8.94 -0.18 -32.56
CA VAL A 63 -8.63 1.25 -32.67
C VAL A 63 -7.26 1.39 -33.34
N LEU A 64 -6.39 0.40 -33.16
CA LEU A 64 -5.07 0.37 -33.81
C LEU A 64 -5.25 0.17 -35.30
N VAL A 65 -6.07 -0.84 -35.65
CA VAL A 65 -6.38 -1.16 -37.04
C VAL A 65 -7.07 0.02 -37.71
N GLU A 66 -7.97 0.68 -36.98
CA GLU A 66 -8.67 1.84 -37.53
C GLU A 66 -7.67 2.97 -37.81
N THR A 67 -6.68 3.11 -36.93
CA THR A 67 -5.67 4.14 -37.08
C THR A 67 -4.81 3.87 -38.30
N LEU A 68 -4.29 2.64 -38.40
CA LEU A 68 -3.49 2.26 -39.57
C LEU A 68 -4.32 2.45 -40.83
N TYR A 69 -5.62 2.16 -40.74
CA TYR A 69 -6.53 2.34 -41.87
C TYR A 69 -6.67 3.82 -42.27
N GLU A 70 -6.91 4.69 -41.29
CA GLU A 70 -7.03 6.13 -41.56
C GLU A 70 -5.75 6.70 -42.18
N LEU A 71 -4.60 6.11 -41.85
CA LEU A 71 -3.33 6.57 -42.41
C LEU A 71 -3.04 6.00 -43.82
N GLY A 72 -4.04 5.34 -44.42
CA GLY A 72 -3.94 4.85 -45.79
C GLY A 72 -3.66 3.38 -46.08
N ALA A 73 -3.39 2.58 -45.06
CA ALA A 73 -3.05 1.17 -45.28
C ALA A 73 -4.24 0.25 -45.56
N GLU A 74 -3.99 -0.82 -46.32
CA GLU A 74 -4.99 -1.85 -46.60
C GLU A 74 -4.63 -2.91 -45.58
N ILE A 75 -5.63 -3.48 -44.90
CA ILE A 75 -5.34 -4.43 -43.80
C ILE A 75 -6.01 -5.80 -43.82
N ARG A 76 -5.27 -6.79 -43.34
CA ARG A 76 -5.73 -8.18 -43.16
C ARG A 76 -5.26 -8.55 -41.76
N TRP A 77 -6.18 -9.03 -40.90
CA TRP A 77 -5.80 -9.28 -39.51
C TRP A 77 -6.28 -10.60 -38.94
N CYS A 78 -5.56 -11.08 -37.93
CA CYS A 78 -5.88 -12.32 -37.20
C CYS A 78 -5.37 -12.18 -35.75
N SER A 79 -5.76 -13.11 -34.86
CA SER A 79 -5.27 -13.09 -33.46
C SER A 79 -4.04 -13.95 -33.27
N CYS A 80 -3.27 -13.61 -32.24
CA CYS A 80 -2.05 -14.34 -31.89
C CYS A 80 -2.32 -15.36 -30.75
N ASN A 81 -3.60 -15.58 -30.41
CA ASN A 81 -3.99 -16.54 -29.38
C ASN A 81 -5.41 -17.01 -29.68
N ILE A 82 -5.67 -18.30 -29.43
CA ILE A 82 -6.99 -18.89 -29.72
C ILE A 82 -8.17 -18.47 -28.82
N TYR A 83 -7.90 -17.79 -27.71
CA TYR A 83 -8.96 -17.37 -26.75
C TYR A 83 -9.13 -15.86 -26.57
N SER A 84 -8.18 -15.06 -27.05
CA SER A 84 -8.17 -13.61 -26.82
C SER A 84 -9.05 -12.71 -27.70
N THR A 85 -9.58 -13.23 -28.79
CA THR A 85 -10.40 -12.41 -29.67
C THR A 85 -11.73 -12.01 -29.03
N GLN A 86 -12.15 -10.77 -29.24
CA GLN A 86 -13.43 -10.29 -28.76
C GLN A 86 -14.28 -10.18 -30.02
N ASP A 87 -15.23 -11.07 -30.17
CA ASP A 87 -16.08 -11.16 -31.38
C ASP A 87 -16.77 -9.87 -31.80
N HIS A 88 -17.18 -9.05 -30.83
CA HIS A 88 -17.83 -7.77 -31.19
C HIS A 88 -16.79 -6.79 -31.77
N ALA A 89 -15.53 -6.91 -31.35
CA ALA A 89 -14.46 -6.05 -31.87
C ALA A 89 -14.11 -6.42 -33.31
N ALA A 90 -14.09 -7.72 -33.60
CA ALA A 90 -13.78 -8.21 -34.96
C ALA A 90 -14.91 -7.89 -35.94
N ALA A 91 -16.14 -7.81 -35.43
CA ALA A 91 -17.31 -7.51 -36.25
C ALA A 91 -17.32 -6.05 -36.68
N ALA A 92 -16.98 -5.17 -35.74
CA ALA A 92 -16.94 -3.73 -35.98
C ALA A 92 -16.02 -3.39 -37.14
N LEU A 93 -14.87 -4.07 -37.21
CA LEU A 93 -13.88 -3.85 -38.28
C LEU A 93 -14.40 -4.29 -39.65
N VAL A 94 -15.05 -5.45 -39.68
CA VAL A 94 -15.60 -5.99 -40.90
C VAL A 94 -16.75 -5.13 -41.38
N LYS A 95 -17.65 -4.73 -40.48
CA LYS A 95 -18.81 -3.92 -40.88
C LYS A 95 -18.40 -2.57 -41.50
N LYS A 96 -17.35 -1.95 -40.98
CA LYS A 96 -16.84 -0.68 -41.55
C LYS A 96 -15.79 -0.85 -42.67
N ASN A 97 -15.60 -2.08 -43.15
CA ASN A 97 -14.64 -2.39 -44.23
C ASN A 97 -13.26 -1.78 -43.98
N ILE A 98 -12.87 -1.81 -42.72
CA ILE A 98 -11.58 -1.29 -42.28
C ILE A 98 -10.51 -2.35 -42.55
N ALA A 99 -10.87 -3.62 -42.40
CA ALA A 99 -9.92 -4.70 -42.64
C ALA A 99 -10.61 -6.04 -42.87
N THR A 100 -9.86 -6.95 -43.49
CA THR A 100 -10.32 -8.30 -43.75
C THR A 100 -9.84 -9.09 -42.53
N VAL A 101 -10.78 -9.57 -41.73
CA VAL A 101 -10.45 -10.27 -40.48
C VAL A 101 -10.68 -11.78 -40.52
N PHE A 102 -9.74 -12.51 -39.92
CA PHE A 102 -9.79 -13.96 -39.79
C PHE A 102 -9.54 -14.26 -38.33
N ALA A 103 -10.58 -14.11 -37.51
CA ALA A 103 -10.44 -14.33 -36.08
C ALA A 103 -11.76 -14.45 -35.32
N TRP A 104 -11.77 -15.32 -34.33
CA TRP A 104 -12.93 -15.52 -33.46
C TRP A 104 -12.50 -16.10 -32.11
N LYS A 105 -13.29 -15.85 -31.08
CA LYS A 105 -12.99 -16.38 -29.75
C LYS A 105 -13.19 -17.90 -29.77
N ASN A 106 -12.30 -18.63 -29.09
CA ASN A 106 -12.36 -20.10 -28.97
C ASN A 106 -12.10 -20.84 -30.30
N GLU A 107 -10.99 -20.49 -30.95
CA GLU A 107 -10.56 -21.17 -32.18
C GLU A 107 -9.95 -22.52 -31.81
N THR A 108 -9.93 -23.44 -32.77
CA THR A 108 -9.23 -24.70 -32.58
C THR A 108 -7.80 -24.34 -32.97
N ILE A 109 -6.81 -25.11 -32.51
CA ILE A 109 -5.43 -24.81 -32.87
C ILE A 109 -5.21 -24.86 -34.40
N GLU A 110 -5.85 -25.82 -35.08
CA GLU A 110 -5.73 -25.97 -36.54
C GLU A 110 -6.22 -24.71 -37.26
N ASP A 111 -7.40 -24.23 -36.88
CA ASP A 111 -7.98 -23.00 -37.47
C ASP A 111 -7.12 -21.77 -37.20
N TYR A 112 -6.40 -21.78 -36.08
CA TYR A 112 -5.52 -20.67 -35.74
C TYR A 112 -4.48 -20.47 -36.86
N TRP A 113 -3.86 -21.56 -37.29
CA TRP A 113 -2.85 -21.48 -38.34
C TRP A 113 -3.44 -21.22 -39.74
N VAL A 114 -4.68 -21.65 -39.97
CA VAL A 114 -5.33 -21.38 -41.24
C VAL A 114 -5.67 -19.87 -41.29
N CYS A 115 -6.06 -19.29 -40.16
CA CYS A 115 -6.34 -17.85 -40.10
C CYS A 115 -5.11 -17.00 -40.36
N LEU A 116 -4.00 -17.36 -39.72
CA LEU A 116 -2.73 -16.64 -39.89
C LEU A 116 -2.25 -16.71 -41.34
N ASN A 117 -2.39 -17.90 -41.93
CA ASN A 117 -1.98 -18.09 -43.32
C ASN A 117 -2.86 -17.23 -44.23
N ASP A 118 -4.17 -17.21 -43.96
CA ASP A 118 -5.12 -16.41 -44.74
C ASP A 118 -4.80 -14.91 -44.62
N ALA A 119 -4.39 -14.49 -43.43
CA ALA A 119 -4.02 -13.08 -43.19
C ALA A 119 -2.79 -12.69 -44.01
N MET A 120 -1.82 -13.60 -44.10
CA MET A 120 -0.58 -13.38 -44.86
C MET A 120 -0.76 -13.42 -46.38
N THR A 121 -1.91 -13.93 -46.84
CA THR A 121 -2.17 -14.04 -48.29
C THR A 121 -2.91 -12.82 -48.87
N TRP A 122 -2.40 -12.32 -50.00
CA TRP A 122 -2.99 -11.18 -50.68
C TRP A 122 -3.07 -11.42 -52.17
N ARG A 123 -4.21 -11.12 -52.78
CA ARG A 123 -4.34 -11.24 -54.23
C ARG A 123 -3.62 -10.04 -54.87
N ASN A 124 -2.88 -10.30 -55.95
CA ASN A 124 -2.11 -9.25 -56.63
C ASN A 124 -3.09 -8.21 -57.18
N PRO A 125 -3.08 -6.97 -56.61
CA PRO A 125 -3.97 -5.85 -56.92
C PRO A 125 -4.95 -6.02 -58.12
N ASN A 126 -4.84 -5.17 -59.15
CA ASN A 126 -5.71 -5.24 -60.33
C ASN A 126 -4.97 -5.85 -61.53
N ASP A 127 -3.73 -6.32 -61.33
CA ASP A 127 -2.93 -6.90 -62.42
C ASP A 127 -3.45 -8.24 -62.89
N LYS A 128 -3.67 -9.15 -61.95
CA LYS A 128 -4.12 -10.51 -62.28
C LYS A 128 -4.70 -11.19 -61.03
N ASP A 129 -4.83 -12.51 -61.10
CA ASP A 129 -5.32 -13.30 -59.96
C ASP A 129 -4.18 -14.24 -59.53
N LYS A 130 -3.06 -13.63 -59.17
CA LYS A 130 -1.85 -14.31 -58.72
C LYS A 130 -1.62 -13.87 -57.26
N ILE A 131 -1.07 -14.77 -56.43
CA ILE A 131 -0.86 -14.51 -55.00
C ILE A 131 0.50 -13.89 -54.63
N CYS A 132 0.47 -12.90 -53.73
CA CYS A 132 1.68 -12.21 -53.23
C CYS A 132 1.57 -12.02 -51.69
N GLY A 133 2.49 -11.26 -51.09
CA GLY A 133 2.49 -11.05 -49.62
C GLY A 133 2.29 -9.61 -49.13
N PRO A 134 2.44 -9.40 -47.81
CA PRO A 134 2.28 -8.08 -47.24
C PRO A 134 3.58 -7.29 -47.26
N ASN A 135 3.48 -5.97 -47.21
CA ASN A 135 4.64 -5.08 -47.17
C ASN A 135 5.13 -4.94 -45.74
N LEU A 136 4.19 -4.97 -44.79
CA LEU A 136 4.50 -4.84 -43.36
C LEU A 136 3.75 -5.86 -42.51
N ILE A 137 4.31 -6.15 -41.34
CA ILE A 137 3.73 -7.10 -40.42
C ILE A 137 3.66 -6.50 -39.02
N VAL A 138 2.52 -6.68 -38.35
CA VAL A 138 2.32 -6.25 -36.97
C VAL A 138 2.21 -7.56 -36.23
N ASP A 139 3.20 -7.87 -35.41
CA ASP A 139 3.22 -9.17 -34.75
C ASP A 139 3.28 -9.05 -33.24
N ASP A 140 2.69 -10.03 -32.57
CA ASP A 140 2.66 -10.14 -31.13
C ASP A 140 2.94 -11.62 -30.86
N GLY A 141 4.11 -11.91 -30.31
CA GLY A 141 4.50 -13.29 -30.00
C GLY A 141 5.43 -13.95 -31.01
N GLY A 142 5.49 -13.40 -32.22
CA GLY A 142 6.39 -13.92 -33.24
C GLY A 142 5.87 -15.02 -34.15
N ASP A 143 4.57 -15.34 -34.12
CA ASP A 143 4.03 -16.42 -34.99
C ASP A 143 3.94 -16.02 -36.47
N ALA A 144 3.59 -14.77 -36.74
CA ALA A 144 3.53 -14.30 -38.14
C ALA A 144 4.94 -14.30 -38.72
N THR A 145 5.90 -13.88 -37.91
CA THR A 145 7.31 -13.85 -38.30
C THR A 145 7.83 -15.29 -38.44
N LEU A 146 7.40 -16.18 -37.53
CA LEU A 146 7.83 -17.60 -37.56
C LEU A 146 7.37 -18.38 -38.79
N ILE A 147 6.11 -18.19 -39.20
CA ILE A 147 5.56 -18.93 -40.36
C ILE A 147 6.26 -18.52 -41.66
N LEU A 148 6.70 -17.26 -41.72
CA LEU A 148 7.45 -16.75 -42.88
C LEU A 148 8.80 -17.43 -42.97
N HIS A 149 9.53 -17.45 -41.86
CA HIS A 149 10.87 -18.06 -41.81
C HIS A 149 10.87 -19.58 -41.97
N GLU A 150 9.91 -20.25 -41.34
CA GLU A 150 9.79 -21.70 -41.48
C GLU A 150 9.29 -22.07 -42.88
N GLY A 151 8.54 -21.16 -43.50
CA GLY A 151 8.03 -21.34 -44.86
C GLY A 151 9.15 -21.23 -45.88
N VAL A 152 10.10 -20.31 -45.65
CA VAL A 152 11.25 -20.12 -46.55
C VAL A 152 12.19 -21.31 -46.37
N LYS A 153 12.44 -21.68 -45.12
CA LYS A 153 13.29 -22.84 -44.79
C LYS A 153 12.73 -24.12 -45.44
N ALA A 154 11.41 -24.29 -45.39
CA ALA A 154 10.73 -25.46 -45.96
C ALA A 154 10.81 -25.49 -47.50
N GLU A 155 10.77 -24.32 -48.13
CA GLU A 155 10.88 -24.24 -49.60
C GLU A 155 12.29 -24.54 -50.11
N ILE A 156 13.30 -24.15 -49.33
CA ILE A 156 14.72 -24.39 -49.68
C ILE A 156 15.03 -25.88 -49.57
N GLU A 157 14.53 -26.51 -48.51
CA GLU A 157 14.69 -27.95 -48.27
C GLU A 157 13.92 -28.76 -49.34
N TYR A 158 12.82 -28.18 -49.83
CA TYR A 158 11.98 -28.81 -50.86
C TYR A 158 12.74 -28.91 -52.19
N GLU A 159 13.35 -27.80 -52.64
CA GLU A 159 14.11 -27.80 -53.89
C GLU A 159 15.45 -28.54 -53.81
N LYS A 160 16.00 -28.68 -52.61
CA LYS A 160 17.29 -29.36 -52.44
C LYS A 160 17.17 -30.88 -52.68
N TYR A 161 15.99 -31.44 -52.42
CA TYR A 161 15.74 -32.89 -52.62
C TYR A 161 14.56 -33.20 -53.57
N ASN A 162 13.88 -32.16 -54.05
CA ASN A 162 12.73 -32.28 -54.95
C ASN A 162 11.62 -33.18 -54.36
N LYS A 163 11.32 -32.95 -53.09
CA LYS A 163 10.27 -33.68 -52.36
C LYS A 163 9.90 -32.93 -51.07
N ILE A 164 8.82 -33.36 -50.43
CA ILE A 164 8.39 -32.75 -49.16
C ILE A 164 9.41 -33.12 -48.09
N PRO A 165 9.83 -32.16 -47.26
CA PRO A 165 10.79 -32.51 -46.19
C PRO A 165 10.18 -33.45 -45.16
N GLU A 166 10.94 -34.48 -44.75
CA GLU A 166 10.47 -35.45 -43.75
C GLU A 166 9.97 -34.85 -42.43
N TYR A 167 10.58 -33.76 -41.97
CA TYR A 167 10.18 -33.17 -40.68
C TYR A 167 8.75 -32.59 -40.65
N LEU A 168 8.18 -32.30 -41.81
CA LEU A 168 6.80 -31.79 -41.90
C LEU A 168 5.77 -32.91 -41.81
N GLU A 169 6.18 -34.14 -42.12
CA GLU A 169 5.27 -35.30 -42.14
C GLU A 169 5.32 -36.21 -40.93
N THR A 170 6.16 -35.89 -39.95
CA THR A 170 6.28 -36.73 -38.74
C THR A 170 5.58 -36.05 -37.58
N GLU A 171 5.06 -36.86 -36.66
CA GLU A 171 4.39 -36.33 -35.45
C GLU A 171 5.29 -36.39 -34.19
N LEU A 172 6.42 -37.11 -34.28
CA LEU A 172 7.38 -37.20 -33.17
C LEU A 172 8.57 -36.28 -33.47
N ASP A 173 9.25 -35.81 -32.41
CA ASP A 173 10.40 -34.89 -32.55
C ASP A 173 11.74 -35.61 -32.31
N GLU A 174 12.77 -34.83 -31.99
CA GLU A 174 14.12 -35.31 -31.68
C GLU A 174 14.18 -36.64 -30.90
N ASN A 175 13.68 -36.62 -29.67
CA ASN A 175 13.74 -37.78 -28.77
C ASN A 175 12.43 -38.60 -28.68
N GLY A 176 11.74 -38.74 -29.81
CA GLY A 176 10.49 -39.50 -29.86
C GLY A 176 9.35 -38.94 -29.03
N LYS A 177 9.39 -37.63 -28.76
CA LYS A 177 8.36 -36.95 -27.98
C LYS A 177 7.34 -36.33 -28.95
N GLN A 178 6.05 -36.47 -28.61
CA GLN A 178 4.96 -35.95 -29.46
C GLN A 178 5.14 -34.44 -29.68
N LEU A 179 5.02 -33.99 -30.93
CA LEU A 179 5.15 -32.56 -31.24
C LEU A 179 3.98 -31.81 -30.68
N SER A 180 4.22 -30.53 -30.39
CA SER A 180 3.16 -29.66 -29.91
C SER A 180 2.14 -29.53 -31.03
N MET A 181 0.88 -29.35 -30.67
CA MET A 181 -0.19 -29.22 -31.64
C MET A 181 0.03 -27.96 -32.51
N ASP A 182 0.66 -26.92 -31.95
CA ASP A 182 0.95 -25.70 -32.69
C ASP A 182 1.97 -25.91 -33.84
N LEU A 183 2.92 -26.84 -33.67
CA LEU A 183 3.87 -27.15 -34.74
C LEU A 183 3.18 -28.05 -35.76
N LYS A 184 2.41 -29.00 -35.24
CA LYS A 184 1.65 -29.96 -36.06
C LYS A 184 0.88 -29.20 -37.13
N CYS A 185 0.03 -28.28 -36.66
CA CYS A 185 -0.84 -27.47 -37.52
C CYS A 185 -0.13 -26.43 -38.37
N MET A 186 1.06 -26.03 -37.95
CA MET A 186 1.81 -25.06 -38.74
C MET A 186 2.41 -25.84 -39.90
N TYR A 187 3.06 -26.97 -39.60
CA TYR A 187 3.66 -27.80 -40.65
C TYR A 187 2.60 -28.29 -41.64
N LYS A 188 1.42 -28.60 -41.13
CA LYS A 188 0.27 -29.02 -41.94
C LYS A 188 -0.09 -27.94 -42.99
N VAL A 189 -0.11 -26.68 -42.55
CA VAL A 189 -0.40 -25.55 -43.44
C VAL A 189 0.77 -25.32 -44.41
N LEU A 190 2.00 -25.51 -43.92
CA LEU A 190 3.19 -25.35 -44.76
C LEU A 190 3.26 -26.40 -45.86
N LYS A 191 2.89 -27.64 -45.54
CA LYS A 191 2.90 -28.74 -46.53
C LYS A 191 1.87 -28.46 -47.63
N MET A 192 0.69 -27.99 -47.21
CA MET A 192 -0.39 -27.65 -48.14
C MET A 192 0.08 -26.57 -49.12
N GLU A 193 0.83 -25.58 -48.63
CA GLU A 193 1.33 -24.49 -49.48
C GLU A 193 2.50 -24.89 -50.40
N LEU A 194 3.29 -25.90 -50.01
CA LEU A 194 4.38 -26.40 -50.88
C LEU A 194 3.79 -27.11 -52.10
N LEU A 195 2.62 -27.74 -51.91
CA LEU A 195 1.93 -28.43 -53.00
C LEU A 195 1.25 -27.44 -53.96
N LYS A 196 0.70 -26.35 -53.44
CA LYS A 196 0.06 -25.34 -54.31
C LYS A 196 1.07 -24.45 -55.02
N ASN A 197 2.09 -24.00 -54.30
CA ASN A 197 3.10 -23.11 -54.88
C ASN A 197 4.39 -23.10 -54.04
N PRO A 198 5.45 -23.83 -54.48
CA PRO A 198 6.73 -23.87 -53.73
C PRO A 198 7.60 -22.60 -53.80
N PHE A 199 7.06 -21.49 -54.33
CA PHE A 199 7.78 -20.19 -54.38
C PHE A 199 6.99 -19.11 -53.65
N ARG A 200 5.89 -19.51 -53.01
CA ARG A 200 5.02 -18.60 -52.24
C ARG A 200 5.74 -17.70 -51.24
N TRP A 201 6.38 -18.31 -50.24
CA TRP A 201 7.07 -17.57 -49.16
C TRP A 201 8.27 -16.76 -49.64
N ARG A 202 9.10 -17.35 -50.49
CA ARG A 202 10.25 -16.63 -51.01
C ARG A 202 9.84 -15.44 -51.87
N GLY A 203 8.66 -15.54 -52.50
CA GLY A 203 8.12 -14.45 -53.31
C GLY A 203 7.71 -13.25 -52.46
N MET A 204 7.37 -13.51 -51.19
CA MET A 204 6.97 -12.43 -50.27
C MET A 204 8.15 -11.56 -49.83
N LEU A 205 9.38 -12.08 -49.90
CA LEU A 205 10.56 -11.30 -49.46
C LEU A 205 10.80 -10.07 -50.32
N LYS A 206 10.64 -10.22 -51.62
CA LYS A 206 10.83 -9.11 -52.58
C LYS A 206 10.18 -7.80 -52.15
N ASP A 207 8.93 -7.88 -51.68
CA ASP A 207 8.15 -6.70 -51.23
C ASP A 207 7.98 -6.51 -49.72
N LEU A 208 8.48 -7.44 -48.92
CA LEU A 208 8.36 -7.34 -47.47
C LEU A 208 9.42 -6.36 -46.94
N TYR A 209 8.97 -5.28 -46.30
CA TYR A 209 9.88 -4.23 -45.83
C TYR A 209 10.08 -4.10 -44.31
N GLY A 210 9.36 -4.90 -43.51
CA GLY A 210 9.55 -4.81 -42.07
C GLY A 210 8.48 -5.41 -41.18
N VAL A 211 8.82 -5.52 -39.91
CA VAL A 211 7.94 -6.07 -38.88
C VAL A 211 8.18 -5.36 -37.54
N SER A 212 7.10 -5.09 -36.82
CA SER A 212 7.15 -4.45 -35.50
C SER A 212 6.60 -5.46 -34.48
N GLU A 213 7.47 -5.90 -33.54
CA GLU A 213 7.11 -6.89 -32.51
C GLU A 213 6.67 -6.24 -31.20
N GLU A 214 5.52 -6.71 -30.71
CA GLU A 214 4.85 -6.21 -29.50
C GLU A 214 5.34 -6.67 -28.13
N THR A 215 5.67 -7.96 -27.98
CA THR A 215 5.98 -8.50 -26.65
C THR A 215 7.38 -9.11 -26.43
N THR A 216 7.74 -9.22 -25.16
CA THR A 216 9.04 -9.72 -24.71
C THR A 216 9.46 -11.04 -25.34
N THR A 217 8.53 -11.99 -25.39
CA THR A 217 8.79 -13.31 -25.98
C THR A 217 9.09 -13.24 -27.47
N GLY A 218 8.30 -12.44 -28.20
CA GLY A 218 8.52 -12.29 -29.64
C GLY A 218 9.88 -11.67 -29.95
N VAL A 219 10.31 -10.77 -29.07
CA VAL A 219 11.59 -10.09 -29.22
C VAL A 219 12.73 -11.06 -29.04
N LEU A 220 12.61 -11.97 -28.08
CA LEU A 220 13.65 -12.98 -27.85
C LEU A 220 13.85 -13.78 -29.14
N ARG A 221 12.75 -14.17 -29.77
CA ARG A 221 12.78 -14.90 -31.03
C ARG A 221 13.46 -14.10 -32.16
N LEU A 222 13.26 -12.77 -32.17
CA LEU A 222 13.89 -11.90 -33.20
C LEU A 222 15.40 -11.77 -33.00
N LYS A 223 15.83 -11.55 -31.76
CA LYS A 223 17.25 -11.41 -31.46
C LYS A 223 18.02 -12.73 -31.69
N ILE A 224 17.36 -13.87 -31.52
CA ILE A 224 18.00 -15.17 -31.80
C ILE A 224 18.20 -15.27 -33.33
N MET A 225 17.19 -14.87 -34.11
CA MET A 225 17.30 -14.87 -35.59
C MET A 225 18.35 -13.87 -36.06
N GLU A 226 18.44 -12.72 -35.39
CA GLU A 226 19.42 -11.69 -35.74
C GLU A 226 20.85 -12.20 -35.50
N SER A 227 21.10 -12.76 -34.32
CA SER A 227 22.45 -13.25 -33.96
C SER A 227 22.91 -14.46 -34.81
N GLU A 228 21.96 -15.28 -35.26
CA GLU A 228 22.28 -16.43 -36.13
C GLU A 228 22.40 -16.00 -37.59
N GLY A 229 22.10 -14.72 -37.88
CA GLY A 229 22.17 -14.20 -39.23
C GLY A 229 21.10 -14.76 -40.16
N LYS A 230 19.92 -15.06 -39.61
CA LYS A 230 18.81 -15.62 -40.40
C LYS A 230 17.53 -14.77 -40.45
N LEU A 231 17.62 -13.52 -39.99
CA LEU A 231 16.48 -12.59 -40.02
C LEU A 231 16.32 -12.09 -41.46
N LEU A 232 15.14 -12.32 -42.05
CA LEU A 232 14.87 -11.98 -43.45
C LEU A 232 14.23 -10.59 -43.71
N LEU A 233 14.03 -9.79 -42.67
CA LEU A 233 13.44 -8.46 -42.84
C LEU A 233 13.82 -7.52 -41.69
N PRO A 234 13.78 -6.20 -41.93
CA PRO A 234 14.10 -5.31 -40.81
C PRO A 234 13.03 -5.46 -39.74
N ALA A 235 13.40 -5.18 -38.49
CA ALA A 235 12.46 -5.30 -37.38
C ALA A 235 12.61 -4.19 -36.36
N ILE A 236 11.49 -3.89 -35.68
CA ILE A 236 11.47 -2.88 -34.64
C ILE A 236 10.91 -3.50 -33.37
N ASN A 237 11.69 -3.37 -32.31
CA ASN A 237 11.36 -3.88 -31.01
C ASN A 237 10.50 -2.83 -30.30
N VAL A 238 9.18 -3.01 -30.37
CA VAL A 238 8.23 -2.09 -29.73
C VAL A 238 8.15 -2.36 -28.23
N ASN A 239 8.28 -3.64 -27.84
CA ASN A 239 8.21 -4.03 -26.43
C ASN A 239 9.15 -3.24 -25.54
N ASP A 240 10.37 -3.01 -26.02
CA ASP A 240 11.39 -2.30 -25.23
C ASP A 240 11.30 -0.77 -25.24
N SER A 241 10.24 -0.20 -25.78
CA SER A 241 10.05 1.26 -25.69
C SER A 241 9.73 1.45 -24.21
N VAL A 242 10.17 2.56 -23.63
CA VAL A 242 9.89 2.85 -22.23
C VAL A 242 8.37 2.96 -22.03
N THR A 243 7.70 3.61 -22.98
CA THR A 243 6.24 3.79 -22.93
C THR A 243 5.45 2.51 -23.17
N LYS A 244 6.14 1.42 -23.47
CA LYS A 244 5.46 0.14 -23.62
C LYS A 244 5.80 -0.75 -22.39
N SER A 245 7.05 -1.18 -22.26
CA SER A 245 7.48 -2.08 -21.14
C SER A 245 7.20 -1.58 -19.71
N LYS A 246 7.39 -0.30 -19.45
CA LYS A 246 7.13 0.23 -18.12
C LYS A 246 5.67 0.46 -17.78
N PHE A 247 4.79 0.36 -18.78
CA PHE A 247 3.35 0.62 -18.56
C PHE A 247 2.47 -0.58 -18.89
N ASP A 248 2.53 -1.05 -20.13
CA ASP A 248 1.76 -2.20 -20.55
C ASP A 248 2.12 -3.42 -19.69
N ASN A 249 3.39 -3.80 -19.72
CA ASN A 249 3.82 -5.02 -19.00
C ASN A 249 3.56 -5.01 -17.49
N THR A 250 3.80 -3.86 -16.85
CA THR A 250 3.61 -3.75 -15.41
C THR A 250 2.22 -3.30 -14.97
N TYR A 251 1.85 -2.05 -15.27
CA TYR A 251 0.55 -1.54 -14.83
C TYR A 251 -0.64 -2.13 -15.58
N GLY A 252 -0.40 -2.65 -16.79
CA GLY A 252 -1.47 -3.29 -17.55
C GLY A 252 -1.89 -4.53 -16.78
N CYS A 253 -0.93 -5.42 -16.52
CA CYS A 253 -1.18 -6.65 -15.78
C CYS A 253 -1.71 -6.42 -14.36
N ARG A 254 -1.33 -5.30 -13.73
CA ARG A 254 -1.81 -5.04 -12.38
C ARG A 254 -3.34 -5.07 -12.31
N GLN A 255 -3.99 -4.61 -13.38
CA GLN A 255 -5.44 -4.59 -13.45
C GLN A 255 -6.00 -5.83 -14.13
N SER A 256 -5.48 -6.16 -15.31
CA SER A 256 -5.97 -7.29 -16.12
C SER A 256 -5.73 -8.71 -15.57
N LEU A 257 -4.73 -8.89 -14.70
CA LEU A 257 -4.53 -10.20 -14.07
C LEU A 257 -5.68 -10.42 -13.10
N LEU A 258 -5.97 -9.40 -12.30
CA LEU A 258 -7.08 -9.44 -11.35
C LEU A 258 -8.42 -9.69 -12.06
N HIS A 259 -8.62 -9.01 -13.18
CA HIS A 259 -9.85 -9.16 -13.94
C HIS A 259 -10.01 -10.64 -14.30
N GLY A 260 -8.95 -11.22 -14.86
CA GLY A 260 -8.93 -12.62 -15.24
C GLY A 260 -9.11 -13.57 -14.07
N LEU A 261 -8.43 -13.30 -12.96
CA LEU A 261 -8.59 -14.16 -11.79
C LEU A 261 -10.01 -14.10 -11.25
N PHE A 262 -10.57 -12.89 -11.20
CA PHE A 262 -11.93 -12.75 -10.71
C PHE A 262 -12.96 -13.50 -11.58
N ASN A 263 -12.77 -13.53 -12.90
CA ASN A 263 -13.69 -14.23 -13.80
C ASN A 263 -13.55 -15.76 -13.78
N GLY A 264 -12.31 -16.25 -13.66
CA GLY A 264 -12.03 -17.70 -13.67
C GLY A 264 -12.06 -18.40 -12.32
N CYS A 265 -11.53 -17.71 -11.31
CA CYS A 265 -11.45 -18.21 -9.93
C CYS A 265 -12.54 -17.56 -9.05
N ILE A 266 -13.48 -18.37 -8.58
CA ILE A 266 -14.57 -17.88 -7.72
C ILE A 266 -14.10 -17.43 -6.32
N GLN A 267 -12.94 -17.90 -5.88
CA GLN A 267 -12.44 -17.61 -4.52
C GLN A 267 -11.88 -16.21 -4.23
N MET A 268 -11.85 -15.89 -2.93
CA MET A 268 -11.34 -14.63 -2.43
C MET A 268 -9.84 -14.67 -2.45
N LEU A 269 -9.23 -13.63 -2.97
CA LEU A 269 -7.77 -13.57 -3.03
C LEU A 269 -7.13 -13.10 -1.71
N ALA A 270 -7.90 -12.40 -0.86
CA ALA A 270 -7.39 -11.90 0.41
C ALA A 270 -6.94 -13.00 1.37
N GLY A 271 -5.75 -12.83 1.92
CA GLY A 271 -5.19 -13.81 2.85
C GLY A 271 -4.60 -15.04 2.21
N LYS A 272 -4.88 -15.30 0.93
CA LYS A 272 -4.32 -16.48 0.27
C LYS A 272 -2.85 -16.35 -0.03
N LYS A 273 -2.17 -17.49 -0.12
CA LYS A 273 -0.76 -17.53 -0.50
C LYS A 273 -0.73 -17.66 -2.02
N ILE A 274 -0.38 -16.58 -2.71
CA ILE A 274 -0.33 -16.61 -4.17
C ILE A 274 1.12 -16.53 -4.67
N VAL A 275 1.57 -17.60 -5.32
CA VAL A 275 2.92 -17.66 -5.84
C VAL A 275 2.99 -17.00 -7.23
N VAL A 276 3.86 -16.00 -7.36
CA VAL A 276 4.06 -15.32 -8.64
C VAL A 276 5.44 -15.78 -9.08
N LEU A 277 5.48 -16.59 -10.14
CA LEU A 277 6.76 -17.10 -10.64
C LEU A 277 7.31 -16.16 -11.70
N GLY A 278 8.42 -15.51 -11.36
CA GLY A 278 9.07 -14.54 -12.23
C GLY A 278 8.69 -13.17 -11.71
N TYR A 279 9.70 -12.34 -11.44
CA TYR A 279 9.47 -11.00 -10.94
C TYR A 279 10.13 -9.98 -11.86
N GLY A 280 9.79 -10.12 -13.15
CA GLY A 280 10.25 -9.22 -14.20
C GLY A 280 9.27 -8.07 -14.27
N GLU A 281 9.04 -7.54 -15.46
CA GLU A 281 8.12 -6.41 -15.60
C GLU A 281 6.65 -6.83 -15.41
N VAL A 282 6.29 -8.00 -15.92
CA VAL A 282 4.95 -8.53 -15.77
C VAL A 282 4.74 -8.98 -14.32
N GLY A 283 5.72 -9.69 -13.79
CA GLY A 283 5.65 -10.18 -12.41
C GLY A 283 5.45 -9.07 -11.39
N LYS A 284 6.15 -7.95 -11.58
CA LYS A 284 6.03 -6.81 -10.67
C LYS A 284 4.58 -6.29 -10.60
N GLY A 285 3.95 -6.17 -11.77
CA GLY A 285 2.56 -5.70 -11.85
C GLY A 285 1.59 -6.67 -11.21
N CYS A 286 1.77 -7.96 -11.50
CA CYS A 286 0.94 -9.01 -10.94
C CYS A 286 0.95 -8.93 -9.43
N ALA A 287 2.15 -8.91 -8.84
CA ALA A 287 2.33 -8.87 -7.38
C ALA A 287 1.68 -7.64 -6.74
N GLN A 288 1.87 -6.49 -7.36
CA GLN A 288 1.32 -5.21 -6.85
C GLN A 288 -0.22 -5.24 -6.79
N GLY A 289 -0.84 -5.79 -7.83
CA GLY A 289 -2.30 -5.90 -7.86
C GLY A 289 -2.81 -6.92 -6.86
N LEU A 290 -2.17 -8.08 -6.80
CA LEU A 290 -2.57 -9.12 -5.86
C LEU A 290 -2.51 -8.61 -4.41
N SER A 291 -1.44 -7.89 -4.05
CA SER A 291 -1.29 -7.32 -2.71
C SER A 291 -2.34 -6.26 -2.43
N GLY A 292 -2.71 -5.53 -3.47
CA GLY A 292 -3.73 -4.47 -3.37
C GLY A 292 -5.08 -4.97 -2.87
N VAL A 293 -5.37 -6.25 -3.14
CA VAL A 293 -6.61 -6.89 -2.69
C VAL A 293 -6.39 -7.88 -1.52
N GLY A 294 -5.28 -7.70 -0.80
CA GLY A 294 -4.98 -8.48 0.41
C GLY A 294 -4.28 -9.81 0.30
N ALA A 295 -3.82 -10.18 -0.88
CA ALA A 295 -3.13 -11.45 -1.01
C ALA A 295 -1.75 -11.39 -0.42
N ARG A 296 -1.22 -12.55 0.00
CA ARG A 296 0.14 -12.65 0.51
C ARG A 296 0.92 -13.28 -0.62
N VAL A 297 1.66 -12.44 -1.33
CA VAL A 297 2.43 -12.84 -2.49
C VAL A 297 3.78 -13.44 -2.15
N ILE A 298 4.07 -14.57 -2.79
CA ILE A 298 5.34 -15.27 -2.66
C ILE A 298 5.92 -15.27 -4.07
N VAL A 299 7.21 -14.94 -4.19
CA VAL A 299 7.87 -14.86 -5.49
C VAL A 299 8.95 -15.91 -5.68
N THR A 300 9.08 -16.40 -6.92
CA THR A 300 10.16 -17.30 -7.29
C THR A 300 10.95 -16.57 -8.37
N GLU A 301 12.27 -16.75 -8.37
CA GLU A 301 13.17 -16.11 -9.33
C GLU A 301 14.50 -16.81 -9.51
N ILE A 302 15.11 -16.58 -10.67
CA ILE A 302 16.43 -17.08 -11.02
C ILE A 302 17.44 -15.94 -10.97
N ASP A 303 16.96 -14.71 -11.20
CA ASP A 303 17.80 -13.52 -11.23
C ASP A 303 17.88 -12.99 -9.81
N PRO A 304 19.10 -12.90 -9.25
CA PRO A 304 19.26 -12.41 -7.88
C PRO A 304 18.96 -10.92 -7.72
N ILE A 305 18.97 -10.17 -8.82
CA ILE A 305 18.64 -8.73 -8.76
C ILE A 305 17.13 -8.57 -8.62
N CYS A 306 16.38 -9.28 -9.46
CA CYS A 306 14.91 -9.23 -9.38
C CYS A 306 14.44 -9.84 -8.05
N ALA A 307 15.16 -10.83 -7.54
CA ALA A 307 14.84 -11.46 -6.26
C ALA A 307 14.96 -10.41 -5.14
N LEU A 308 16.06 -9.67 -5.11
CA LEU A 308 16.23 -8.59 -4.11
C LEU A 308 15.18 -7.50 -4.23
N GLN A 309 14.73 -7.22 -5.45
CA GLN A 309 13.69 -6.21 -5.64
C GLN A 309 12.38 -6.69 -5.01
N ALA A 310 12.10 -7.98 -5.18
CA ALA A 310 10.89 -8.58 -4.61
C ALA A 310 10.96 -8.46 -3.10
N SER A 311 12.12 -8.79 -2.56
CA SER A 311 12.39 -8.71 -1.13
C SER A 311 12.17 -7.29 -0.59
N MET A 312 12.60 -6.28 -1.34
CA MET A 312 12.39 -4.87 -0.92
C MET A 312 10.91 -4.44 -0.87
N GLU A 313 10.04 -5.09 -1.64
CA GLU A 313 8.59 -4.79 -1.60
C GLU A 313 7.86 -5.62 -0.53
N GLY A 314 8.63 -6.27 0.34
CA GLY A 314 8.07 -7.08 1.42
C GLY A 314 7.64 -8.49 1.07
N TYR A 315 8.03 -9.00 -0.10
CA TYR A 315 7.64 -10.36 -0.49
C TYR A 315 8.64 -11.45 -0.11
N GLN A 316 8.10 -12.60 0.23
CA GLN A 316 8.89 -13.79 0.52
C GLN A 316 9.37 -14.32 -0.82
N VAL A 317 10.64 -14.70 -0.92
CA VAL A 317 11.18 -15.24 -2.16
C VAL A 317 11.61 -16.67 -1.86
N SER A 318 11.00 -17.62 -2.55
CA SER A 318 11.26 -19.05 -2.32
C SER A 318 11.35 -19.83 -3.61
N VAL A 319 11.79 -21.08 -3.49
CA VAL A 319 11.82 -22.00 -4.64
C VAL A 319 10.44 -22.67 -4.62
N LEU A 320 9.86 -22.92 -5.79
CA LEU A 320 8.53 -23.52 -5.90
C LEU A 320 8.36 -24.81 -5.08
N GLU A 321 9.38 -25.67 -5.11
CA GLU A 321 9.32 -26.97 -4.40
C GLU A 321 9.15 -26.89 -2.88
N ASP A 322 9.53 -25.77 -2.27
CA ASP A 322 9.36 -25.58 -0.83
C ASP A 322 7.98 -25.03 -0.44
N VAL A 323 7.26 -24.41 -1.39
CA VAL A 323 5.92 -23.85 -1.13
C VAL A 323 4.77 -24.42 -2.00
N VAL A 324 5.06 -25.35 -2.91
CA VAL A 324 4.03 -25.88 -3.81
C VAL A 324 2.87 -26.64 -3.14
N SER A 325 3.12 -27.27 -2.00
CA SER A 325 2.06 -28.01 -1.31
C SER A 325 1.15 -27.12 -0.45
N GLU A 326 1.64 -25.94 -0.05
CA GLU A 326 0.91 -24.99 0.80
C GLU A 326 0.28 -23.77 0.10
N ALA A 327 0.79 -23.41 -1.06
CA ALA A 327 0.24 -22.26 -1.78
C ALA A 327 -1.14 -22.56 -2.35
N ASP A 328 -1.96 -21.52 -2.45
CA ASP A 328 -3.34 -21.59 -2.92
C ASP A 328 -3.54 -21.33 -4.41
N ILE A 329 -2.78 -20.38 -4.95
CA ILE A 329 -2.89 -20.00 -6.36
C ILE A 329 -1.50 -19.83 -6.96
N PHE A 330 -1.33 -20.21 -8.22
CA PHE A 330 -0.04 -20.12 -8.92
C PHE A 330 -0.16 -19.32 -10.22
N ILE A 331 0.65 -18.27 -10.35
CA ILE A 331 0.68 -17.42 -11.54
C ILE A 331 2.08 -17.45 -12.19
N THR A 332 2.21 -18.09 -13.36
CA THR A 332 3.50 -18.13 -14.06
C THR A 332 3.65 -16.90 -14.95
N ALA A 333 4.79 -16.20 -14.81
CA ALA A 333 5.08 -14.96 -15.54
C ALA A 333 6.58 -14.84 -15.88
N THR A 334 7.15 -15.94 -16.34
CA THR A 334 8.57 -16.04 -16.66
C THR A 334 8.90 -15.94 -18.15
N GLY A 335 7.97 -16.36 -19.00
CA GLY A 335 8.23 -16.41 -20.44
C GLY A 335 9.19 -17.57 -20.75
N ASN A 336 9.22 -18.56 -19.85
CA ASN A 336 10.10 -19.72 -19.95
C ASN A 336 9.23 -20.98 -20.15
N LYS A 337 9.83 -22.17 -20.05
CA LYS A 337 9.07 -23.44 -20.20
C LYS A 337 9.23 -24.34 -18.99
N ASP A 338 8.25 -25.22 -18.80
CA ASP A 338 8.24 -26.20 -17.71
C ASP A 338 8.54 -25.61 -16.33
N VAL A 339 7.84 -24.52 -16.02
CA VAL A 339 7.96 -23.82 -14.74
C VAL A 339 7.08 -24.54 -13.71
N ILE A 340 5.96 -25.07 -14.17
CA ILE A 340 5.05 -25.86 -13.34
C ILE A 340 4.88 -27.16 -14.10
N THR A 341 5.41 -28.23 -13.50
CA THR A 341 5.40 -29.57 -14.07
C THR A 341 4.25 -30.37 -13.49
N VAL A 342 4.07 -31.58 -14.03
CA VAL A 342 3.03 -32.47 -13.54
C VAL A 342 3.36 -32.90 -12.11
N GLU A 343 4.64 -33.14 -11.81
CA GLU A 343 5.04 -33.51 -10.44
C GLU A 343 4.60 -32.44 -9.44
N HIS A 344 4.88 -31.17 -9.75
CA HIS A 344 4.47 -30.06 -8.90
C HIS A 344 2.94 -30.05 -8.68
N MET A 345 2.19 -30.28 -9.76
CA MET A 345 0.74 -30.29 -9.68
C MET A 345 0.15 -31.38 -8.79
N ARG A 346 0.88 -32.49 -8.63
CA ARG A 346 0.43 -33.62 -7.79
C ARG A 346 0.64 -33.33 -6.31
N LYS A 347 1.59 -32.45 -6.01
CA LYS A 347 1.87 -32.03 -4.62
C LYS A 347 0.90 -30.93 -4.13
N MET A 348 0.23 -30.23 -5.05
CA MET A 348 -0.69 -29.14 -4.68
C MET A 348 -1.89 -29.55 -3.83
N LYS A 349 -2.41 -28.59 -3.05
CA LYS A 349 -3.56 -28.81 -2.17
C LYS A 349 -4.85 -28.85 -3.00
N GLU A 350 -5.89 -29.45 -2.43
CA GLU A 350 -7.20 -29.60 -3.08
C GLU A 350 -7.74 -28.25 -3.59
N ASN A 351 -8.12 -28.21 -4.86
CA ASN A 351 -8.67 -27.00 -5.53
C ASN A 351 -7.71 -25.81 -5.64
N ALA A 352 -6.44 -26.11 -5.81
CA ALA A 352 -5.43 -25.08 -6.00
C ALA A 352 -5.61 -24.61 -7.44
N TYR A 353 -5.63 -23.30 -7.63
CA TYR A 353 -5.77 -22.71 -8.95
C TYR A 353 -4.42 -22.44 -9.60
N ILE A 354 -4.33 -22.72 -10.89
CA ILE A 354 -3.11 -22.53 -11.68
C ILE A 354 -3.44 -21.66 -12.89
N ALA A 355 -2.58 -20.68 -13.18
CA ALA A 355 -2.79 -19.78 -14.31
C ALA A 355 -1.48 -19.24 -14.86
N ASN A 356 -1.50 -18.86 -16.13
CA ASN A 356 -0.34 -18.31 -16.81
C ASN A 356 -0.66 -16.94 -17.36
N ILE A 357 0.31 -16.04 -17.29
CA ILE A 357 0.13 -14.71 -17.85
C ILE A 357 1.25 -14.42 -18.87
N GLY A 358 2.16 -15.39 -19.07
CA GLY A 358 3.22 -15.25 -20.09
C GLY A 358 2.60 -15.43 -21.47
N HIS A 359 3.35 -15.15 -22.52
CA HIS A 359 2.77 -15.23 -23.87
C HIS A 359 2.29 -16.62 -24.30
N PHE A 360 3.14 -17.64 -24.14
CA PHE A 360 2.78 -19.01 -24.54
C PHE A 360 2.38 -19.86 -23.36
N ASP A 361 1.63 -20.92 -23.67
CA ASP A 361 1.15 -21.89 -22.68
C ASP A 361 2.24 -22.84 -22.13
N ASP A 362 3.43 -22.81 -22.73
CA ASP A 362 4.56 -23.66 -22.33
C ASP A 362 4.95 -23.59 -20.85
N GLU A 363 4.67 -22.46 -20.18
CA GLU A 363 5.07 -22.31 -18.78
C GLU A 363 4.55 -23.44 -17.89
N ILE A 364 3.30 -23.80 -18.12
CA ILE A 364 2.65 -24.90 -17.39
C ILE A 364 2.66 -26.09 -18.31
N ASP A 365 2.82 -27.28 -17.75
CA ASP A 365 2.84 -28.52 -18.55
C ASP A 365 1.39 -29.02 -18.71
N VAL A 366 0.65 -28.32 -19.56
CA VAL A 366 -0.74 -28.63 -19.81
C VAL A 366 -0.89 -29.96 -20.53
N TYR A 367 -0.11 -30.15 -21.59
CA TYR A 367 -0.16 -31.40 -22.36
C TYR A 367 0.05 -32.61 -21.45
N GLY A 368 1.00 -32.50 -20.52
CA GLY A 368 1.29 -33.59 -19.58
C GLY A 368 0.15 -33.83 -18.61
N LEU A 369 -0.51 -32.74 -18.20
CA LEU A 369 -1.65 -32.82 -17.29
C LEU A 369 -2.87 -33.46 -17.96
N GLU A 370 -3.23 -32.96 -19.14
CA GLU A 370 -4.38 -33.49 -19.90
C GLU A 370 -4.23 -34.94 -20.33
N ASN A 371 -2.98 -35.36 -20.56
CA ASN A 371 -2.67 -36.73 -21.00
C ASN A 371 -2.20 -37.67 -19.89
N TYR A 372 -2.30 -37.23 -18.64
CA TYR A 372 -1.87 -38.06 -17.53
C TYR A 372 -2.83 -39.28 -17.43
N PRO A 373 -2.28 -40.51 -17.37
CA PRO A 373 -3.10 -41.71 -17.29
C PRO A 373 -4.11 -41.68 -16.15
N GLY A 374 -5.39 -41.89 -16.48
CA GLY A 374 -6.47 -41.89 -15.48
C GLY A 374 -6.95 -40.52 -15.04
N ILE A 375 -6.42 -39.47 -15.65
CA ILE A 375 -6.81 -38.11 -15.28
C ILE A 375 -8.29 -37.93 -15.63
N LYS A 376 -9.02 -37.21 -14.78
CA LYS A 376 -10.44 -36.94 -14.99
C LYS A 376 -10.63 -35.43 -15.03
N VAL A 377 -11.19 -34.93 -16.13
CA VAL A 377 -11.41 -33.49 -16.32
C VAL A 377 -12.89 -33.12 -16.43
N ILE A 378 -13.26 -32.00 -15.82
CA ILE A 378 -14.62 -31.47 -15.95
C ILE A 378 -14.51 -29.98 -16.23
N GLU A 379 -15.44 -29.48 -17.04
CA GLU A 379 -15.49 -28.09 -17.38
C GLU A 379 -16.25 -27.38 -16.26
N VAL A 380 -15.54 -26.54 -15.51
CA VAL A 380 -16.16 -25.78 -14.42
C VAL A 380 -17.05 -24.70 -15.01
N LYS A 381 -16.49 -24.00 -15.99
CA LYS A 381 -17.20 -22.96 -16.72
C LYS A 381 -16.40 -22.68 -18.00
N GLN A 382 -16.78 -21.64 -18.73
CA GLN A 382 -16.09 -21.25 -19.96
C GLN A 382 -14.57 -21.08 -19.72
N ASN A 383 -13.76 -21.92 -20.36
CA ASN A 383 -12.28 -21.87 -20.25
C ASN A 383 -11.69 -22.06 -18.83
N VAL A 384 -12.34 -22.88 -18.01
CA VAL A 384 -11.87 -23.19 -16.65
C VAL A 384 -12.14 -24.68 -16.46
N HIS A 385 -11.10 -25.44 -16.17
CA HIS A 385 -11.23 -26.90 -16.06
C HIS A 385 -10.65 -27.47 -14.79
N LYS A 386 -11.40 -28.36 -14.16
CA LYS A 386 -10.91 -29.03 -12.96
C LYS A 386 -10.38 -30.41 -13.32
N PHE A 387 -9.08 -30.62 -13.08
CA PHE A 387 -8.43 -31.90 -13.33
C PHE A 387 -8.31 -32.65 -11.98
N THR A 388 -8.56 -33.96 -11.99
CA THR A 388 -8.48 -34.80 -10.78
C THR A 388 -7.59 -36.03 -11.00
N PHE A 389 -6.61 -36.24 -10.12
CA PHE A 389 -5.69 -37.38 -10.25
C PHE A 389 -6.33 -38.68 -9.75
N PRO A 390 -6.08 -39.82 -10.45
CA PRO A 390 -6.71 -41.09 -10.08
C PRO A 390 -6.22 -41.77 -8.78
N ASP A 391 -4.95 -41.58 -8.41
CA ASP A 391 -4.39 -42.22 -7.19
C ASP A 391 -4.68 -41.48 -5.87
N THR A 392 -4.43 -40.17 -5.86
CA THR A 392 -4.65 -39.34 -4.67
C THR A 392 -6.08 -38.83 -4.55
N GLN A 393 -6.80 -38.79 -5.68
CA GLN A 393 -8.17 -38.27 -5.77
C GLN A 393 -8.24 -36.76 -5.50
N LYS A 394 -7.08 -36.08 -5.56
CA LYS A 394 -7.03 -34.63 -5.35
C LYS A 394 -7.17 -33.88 -6.70
N SER A 395 -7.56 -32.61 -6.64
CA SER A 395 -7.77 -31.82 -7.85
C SER A 395 -7.10 -30.44 -7.91
N VAL A 396 -6.86 -29.99 -9.14
CA VAL A 396 -6.29 -28.67 -9.41
C VAL A 396 -7.18 -28.04 -10.49
N ILE A 397 -7.34 -26.72 -10.44
CA ILE A 397 -8.18 -26.01 -11.38
C ILE A 397 -7.29 -25.13 -12.27
N LEU A 398 -7.27 -25.43 -13.56
CA LEU A 398 -6.46 -24.72 -14.54
C LEU A 398 -7.30 -23.69 -15.28
N LEU A 399 -6.79 -22.47 -15.41
CA LEU A 399 -7.49 -21.41 -16.12
C LEU A 399 -7.08 -21.39 -17.60
N CYS A 400 -8.10 -21.30 -18.47
CA CYS A 400 -8.01 -21.30 -19.94
C CYS A 400 -6.81 -22.05 -20.51
N LYS A 401 -6.72 -23.32 -20.11
CA LYS A 401 -5.71 -24.27 -20.57
C LYS A 401 -4.27 -23.76 -20.61
N GLY A 402 -3.90 -22.96 -19.62
CA GLY A 402 -2.54 -22.44 -19.55
C GLY A 402 -2.19 -21.27 -20.46
N ARG A 403 -3.12 -20.81 -21.27
CA ARG A 403 -2.88 -19.65 -22.15
C ARG A 403 -3.08 -18.35 -21.35
N LEU A 404 -2.51 -17.23 -21.83
CA LEU A 404 -2.58 -15.95 -21.10
C LEU A 404 -3.96 -15.64 -20.50
N VAL A 405 -4.00 -15.69 -19.17
CA VAL A 405 -5.24 -15.54 -18.40
C VAL A 405 -5.96 -14.19 -18.52
N ASN A 406 -5.22 -13.10 -18.61
CA ASN A 406 -5.85 -11.77 -18.70
C ASN A 406 -6.66 -11.58 -19.96
N LEU A 407 -6.23 -12.19 -21.05
CA LEU A 407 -6.95 -12.14 -22.34
C LEU A 407 -7.78 -13.41 -22.54
N GLY A 408 -7.38 -14.51 -21.90
CA GLY A 408 -8.12 -15.76 -22.02
C GLY A 408 -9.43 -15.75 -21.23
N CYS A 409 -9.34 -15.41 -19.94
CA CYS A 409 -10.51 -15.35 -19.04
C CYS A 409 -11.13 -13.95 -18.88
N ALA A 410 -10.50 -12.94 -19.47
CA ALA A 410 -11.03 -11.57 -19.42
C ALA A 410 -10.76 -10.85 -20.75
N THR A 411 -10.73 -9.52 -20.73
CA THR A 411 -10.55 -8.73 -21.96
C THR A 411 -9.20 -8.00 -22.09
N GLY A 412 -8.16 -8.49 -21.41
CA GLY A 412 -6.82 -7.89 -21.49
C GLY A 412 -6.67 -6.53 -20.82
N HIS A 413 -5.56 -5.85 -21.10
CA HIS A 413 -5.30 -4.53 -20.52
C HIS A 413 -6.32 -3.47 -20.95
N PRO A 414 -6.50 -2.43 -20.14
CA PRO A 414 -7.43 -1.36 -20.49
C PRO A 414 -6.88 -0.47 -21.61
N PRO A 415 -7.75 0.37 -22.24
CA PRO A 415 -7.37 1.23 -23.37
C PRO A 415 -6.19 2.16 -23.17
N LEU A 416 -6.07 2.79 -22.01
CA LEU A 416 -4.99 3.75 -21.75
C LEU A 416 -3.58 3.20 -22.04
N VAL A 417 -3.24 2.08 -21.42
CA VAL A 417 -1.90 1.49 -21.65
C VAL A 417 -1.74 0.90 -23.04
N MET A 418 -2.82 0.35 -23.61
CA MET A 418 -2.73 -0.20 -24.95
C MET A 418 -2.50 0.91 -25.96
N SER A 419 -3.06 2.10 -25.70
CA SER A 419 -2.84 3.25 -26.56
C SER A 419 -1.36 3.61 -26.60
N MET A 420 -0.70 3.57 -25.44
CA MET A 420 0.72 3.86 -25.36
C MET A 420 1.50 2.81 -26.17
N SER A 421 1.12 1.55 -25.99
CA SER A 421 1.77 0.47 -26.73
C SER A 421 1.51 0.55 -28.23
N PHE A 422 0.28 0.88 -28.61
CA PHE A 422 -0.10 0.95 -30.02
C PHE A 422 0.33 2.22 -30.75
N THR A 423 0.52 3.31 -30.01
CA THR A 423 1.02 4.54 -30.60
C THR A 423 2.46 4.22 -31.06
N ASN A 424 3.19 3.45 -30.25
CA ASN A 424 4.54 2.99 -30.60
C ASN A 424 4.45 2.07 -31.83
N GLN A 425 3.43 1.20 -31.89
CA GLN A 425 3.23 0.32 -33.05
C GLN A 425 3.07 1.11 -34.34
N VAL A 426 2.12 2.05 -34.35
CA VAL A 426 1.88 2.88 -35.52
C VAL A 426 3.17 3.61 -35.92
N LEU A 427 3.88 4.17 -34.94
CA LEU A 427 5.14 4.88 -35.22
C LEU A 427 6.21 3.96 -35.81
N ALA A 428 6.21 2.69 -35.37
CA ALA A 428 7.16 1.70 -35.89
C ALA A 428 6.85 1.40 -37.35
N GLN A 429 5.58 1.20 -37.65
CA GLN A 429 5.10 0.93 -39.01
C GLN A 429 5.47 2.08 -39.96
N MET A 430 5.23 3.32 -39.52
CA MET A 430 5.56 4.51 -40.34
C MET A 430 7.06 4.58 -40.65
N ASP A 431 7.88 4.20 -39.67
CA ASP A 431 9.33 4.19 -39.80
C ASP A 431 9.77 3.15 -40.83
N LEU A 432 9.33 1.90 -40.65
CA LEU A 432 9.66 0.80 -41.56
C LEU A 432 9.27 1.12 -43.01
N TRP A 433 8.09 1.72 -43.16
CA TRP A 433 7.54 2.07 -44.45
C TRP A 433 8.35 3.18 -45.13
N LYS A 434 8.69 4.23 -44.38
CA LYS A 434 9.46 5.35 -44.94
C LYS A 434 10.90 5.00 -45.37
N SER A 435 11.43 3.88 -44.87
CA SER A 435 12.78 3.42 -45.22
C SER A 435 12.75 2.19 -46.14
N ARG A 436 11.63 1.96 -46.82
CA ARG A 436 11.50 0.77 -47.67
C ARG A 436 12.50 0.75 -48.86
N GLU A 437 12.99 1.93 -49.29
CA GLU A 437 14.00 1.99 -50.39
C GLU A 437 15.37 1.45 -49.97
N LEU A 438 15.68 1.50 -48.67
CA LEU A 438 16.96 0.98 -48.15
C LEU A 438 17.04 -0.56 -48.12
N VAL A 439 15.91 -1.25 -48.21
CA VAL A 439 15.87 -2.72 -48.20
C VAL A 439 16.18 -3.24 -49.61
N ASP A 440 17.45 -3.54 -49.85
CA ASP A 440 17.92 -4.03 -51.15
C ASP A 440 18.34 -5.49 -50.99
N ARG A 441 17.57 -6.40 -51.58
CA ARG A 441 17.82 -7.85 -51.46
C ARG A 441 18.67 -8.44 -52.60
N SER A 442 19.87 -7.90 -52.80
CA SER A 442 20.78 -8.39 -53.85
C SER A 442 22.24 -7.95 -53.64
N LYS A 443 22.74 -8.15 -52.42
CA LYS A 443 24.11 -7.80 -52.05
C LYS A 443 24.77 -8.87 -51.17
N THR A 445 23.14 -9.10 -47.36
CA THR A 445 22.94 -8.13 -46.27
C THR A 445 21.98 -8.66 -45.19
N ARG A 446 22.51 -8.84 -43.97
CA ARG A 446 21.68 -9.31 -42.86
C ARG A 446 20.82 -8.16 -42.34
N PHE A 447 19.63 -8.48 -41.84
CA PHE A 447 18.72 -7.48 -41.27
C PHE A 447 18.86 -7.44 -39.76
N PHE A 448 18.64 -6.25 -39.19
CA PHE A 448 18.78 -6.02 -37.77
C PHE A 448 17.49 -5.62 -37.08
N VAL A 449 17.50 -5.78 -35.76
CA VAL A 449 16.40 -5.39 -34.90
C VAL A 449 16.84 -4.08 -34.24
N LYS A 450 15.99 -3.06 -34.30
CA LYS A 450 16.29 -1.77 -33.68
C LYS A 450 15.12 -1.33 -32.83
N LYS A 451 15.27 -0.18 -32.16
CA LYS A 451 14.24 0.38 -31.29
C LYS A 451 13.97 1.81 -31.69
N LEU A 452 12.82 2.33 -31.27
CA LEU A 452 12.43 3.70 -31.55
C LEU A 452 13.29 4.61 -30.65
N SER A 453 13.50 5.85 -31.08
CA SER A 453 14.32 6.77 -30.32
C SER A 453 13.61 7.23 -29.06
N LYS A 454 14.38 7.77 -28.12
CA LYS A 454 13.82 8.29 -26.88
C LYS A 454 12.91 9.49 -27.18
N GLU A 455 13.22 10.27 -28.22
CA GLU A 455 12.37 11.42 -28.62
C GLU A 455 10.92 10.95 -28.85
N LEU A 456 10.76 9.89 -29.66
CA LEU A 456 9.44 9.33 -29.94
C LEU A 456 8.82 8.69 -28.72
N ASP A 457 9.68 8.18 -27.85
CA ASP A 457 9.26 7.52 -26.63
C ASP A 457 8.63 8.59 -25.71
N GLU A 458 9.29 9.76 -25.60
CA GLU A 458 8.75 10.87 -24.82
C GLU A 458 7.48 11.44 -25.47
N TYR A 459 7.49 11.52 -26.78
CA TYR A 459 6.33 11.99 -27.53
C TYR A 459 5.06 11.19 -27.18
N VAL A 460 5.19 9.86 -27.11
CA VAL A 460 4.07 8.99 -26.76
C VAL A 460 3.52 9.37 -25.39
N ALA A 461 4.42 9.62 -24.43
CA ALA A 461 4.00 10.02 -23.08
C ALA A 461 3.24 11.34 -23.12
N ARG A 462 3.78 12.34 -23.82
CA ARG A 462 3.10 13.66 -23.91
C ARG A 462 1.68 13.55 -24.44
N LEU A 463 1.47 12.69 -25.42
CA LEU A 463 0.15 12.50 -25.99
C LEU A 463 -0.89 11.96 -25.02
N HIS A 464 -0.46 11.39 -23.89
CA HIS A 464 -1.38 10.80 -22.90
C HIS A 464 -1.48 11.54 -21.56
N LEU A 465 -0.81 12.69 -21.44
CA LEU A 465 -0.85 13.45 -20.18
C LEU A 465 -2.23 14.00 -19.83
N ASP A 466 -2.92 14.59 -20.81
CA ASP A 466 -4.25 15.18 -20.57
C ASP A 466 -5.33 14.19 -20.13
N VAL A 467 -5.17 12.93 -20.47
CA VAL A 467 -6.12 11.92 -20.04
C VAL A 467 -6.24 11.96 -18.52
N LEU A 468 -5.09 11.99 -17.85
CA LEU A 468 -5.02 11.96 -16.39
C LEU A 468 -4.91 13.31 -15.68
N GLY A 469 -5.04 14.41 -16.41
CA GLY A 469 -4.98 15.75 -15.81
C GLY A 469 -3.61 16.19 -15.30
N ILE A 470 -2.55 15.55 -15.81
CA ILE A 470 -1.18 15.85 -15.42
C ILE A 470 -0.74 17.23 -15.90
N LYS A 471 -0.07 17.97 -15.04
CA LYS A 471 0.44 19.31 -15.34
C LYS A 471 1.97 19.24 -15.31
N LEU A 472 2.57 19.17 -16.49
CA LEU A 472 4.01 19.04 -16.61
C LEU A 472 4.73 20.38 -16.33
N THR A 473 5.88 20.30 -15.67
CA THR A 473 6.71 21.48 -15.36
C THR A 473 7.62 21.73 -16.56
N LYS A 474 7.95 23.00 -16.78
CA LYS A 474 8.80 23.38 -17.89
C LYS A 474 10.11 24.01 -17.37
N LEU A 475 11.23 23.43 -17.80
CA LEU A 475 12.55 23.90 -17.40
C LEU A 475 12.82 25.31 -17.90
N THR A 476 13.61 26.04 -17.12
CA THR A 476 14.05 27.37 -17.49
C THR A 476 15.34 27.11 -18.26
N GLU A 477 15.83 28.11 -18.99
CA GLU A 477 17.08 27.94 -19.75
C GLU A 477 18.26 27.61 -18.83
N THR A 478 18.32 28.30 -17.70
CA THR A 478 19.38 28.11 -16.71
C THR A 478 19.38 26.69 -16.13
N GLN A 479 18.17 26.17 -15.89
CA GLN A 479 18.01 24.80 -15.37
C GLN A 479 18.41 23.76 -16.41
N ALA A 480 18.01 23.99 -17.66
CA ALA A 480 18.30 23.10 -18.78
C ALA A 480 19.81 23.02 -19.03
N LYS A 481 20.50 24.13 -18.81
CA LYS A 481 21.94 24.18 -18.97
C LYS A 481 22.62 23.47 -17.81
N TYR A 482 22.09 23.67 -16.60
CA TYR A 482 22.64 23.06 -15.38
C TYR A 482 22.59 21.53 -15.39
N ILE A 483 21.49 20.95 -15.87
CA ILE A 483 21.33 19.49 -15.95
C ILE A 483 21.72 18.94 -17.33
N ASN A 484 22.19 19.84 -18.20
CA ASN A 484 22.69 19.49 -19.52
C ASN A 484 21.67 18.79 -20.46
N VAL A 485 20.49 19.38 -20.57
CA VAL A 485 19.46 18.86 -21.48
C VAL A 485 18.79 19.99 -22.21
N SER A 486 17.99 19.63 -23.20
CA SER A 486 17.22 20.59 -23.94
C SER A 486 15.91 20.77 -23.20
N ILE A 487 15.31 21.94 -23.35
CA ILE A 487 14.02 22.24 -22.74
C ILE A 487 12.95 21.28 -23.28
N ASN A 488 13.07 20.91 -24.55
CA ASN A 488 12.12 20.03 -25.23
C ASN A 488 12.54 18.56 -25.21
N GLY A 489 13.51 18.22 -24.36
CA GLY A 489 14.01 16.86 -24.24
C GLY A 489 15.00 16.48 -25.32
N PRO A 490 15.53 15.25 -25.27
CA PRO A 490 15.27 14.22 -24.25
C PRO A 490 15.82 14.60 -22.88
N TYR A 491 15.16 14.12 -21.83
CA TYR A 491 15.55 14.46 -20.45
C TYR A 491 16.44 13.43 -19.77
N LYS A 492 16.62 12.26 -20.38
CA LYS A 492 17.44 11.19 -19.80
C LYS A 492 18.42 10.57 -20.82
N SER A 493 19.43 9.90 -20.29
CA SER A 493 20.43 9.21 -21.11
C SER A 493 19.83 7.90 -21.64
N GLU A 494 20.47 7.34 -22.65
CA GLU A 494 20.01 6.09 -23.25
C GLU A 494 20.00 4.90 -22.28
N ASP A 495 20.80 4.96 -21.22
CA ASP A 495 20.89 3.86 -20.24
C ASP A 495 19.99 4.04 -19.01
N TYR A 496 19.28 5.17 -18.93
CA TYR A 496 18.42 5.44 -17.78
C TYR A 496 17.34 4.38 -17.72
N ARG A 497 17.16 3.80 -16.53
CA ARG A 497 16.20 2.70 -16.31
C ARG A 497 14.80 3.10 -15.87
N TYR A 498 14.56 4.39 -15.65
CA TYR A 498 13.24 4.87 -15.22
C TYR A 498 12.75 4.12 -13.96
N LYS B 5 48.03 17.72 8.15
CA LYS B 5 49.16 17.06 7.44
C LYS B 5 49.16 15.54 7.66
N MET B 6 49.92 15.04 8.63
CA MET B 6 49.99 13.59 8.90
C MET B 6 48.89 13.12 9.85
N GLU B 7 48.54 13.93 10.85
CA GLU B 7 47.50 13.54 11.82
C GLU B 7 46.09 14.03 11.48
N SER B 8 45.13 13.26 11.99
CA SER B 8 43.71 13.48 11.76
C SER B 8 43.13 14.69 12.47
N ARG B 9 42.04 15.20 11.92
CA ARG B 9 41.30 16.33 12.49
C ARG B 9 39.86 15.86 12.66
N ILE B 10 39.50 15.53 13.90
CA ILE B 10 38.15 15.05 14.24
C ILE B 10 37.63 15.68 15.52
N LYS B 11 36.34 15.47 15.78
CA LYS B 11 35.68 16.04 16.95
C LYS B 11 36.16 15.48 18.30
N ASP B 12 35.95 14.19 18.51
CA ASP B 12 36.26 13.56 19.80
C ASP B 12 36.67 12.08 19.65
N ILE B 13 37.93 11.81 19.98
CA ILE B 13 38.49 10.45 19.87
C ILE B 13 37.89 9.45 20.88
N SER B 14 37.37 9.95 22.00
CA SER B 14 36.76 9.07 23.01
C SER B 14 35.46 8.39 22.51
N LEU B 15 34.87 8.92 21.44
CA LEU B 15 33.66 8.35 20.85
C LEU B 15 33.95 7.06 20.05
N ALA B 16 35.22 6.76 19.82
CA ALA B 16 35.63 5.58 19.03
C ALA B 16 35.05 4.23 19.42
N GLU B 17 34.90 3.99 20.71
CA GLU B 17 34.39 2.69 21.17
C GLU B 17 32.96 2.48 20.67
N PHE B 18 32.11 3.51 20.76
CA PHE B 18 30.73 3.43 20.25
C PHE B 18 30.74 3.16 18.75
N GLY B 19 31.64 3.84 18.03
CA GLY B 19 31.79 3.69 16.59
C GLY B 19 32.13 2.26 16.18
N LEU B 20 33.06 1.64 16.92
CA LEU B 20 33.47 0.26 16.63
C LEU B 20 32.36 -0.76 16.91
N GLN B 21 31.55 -0.50 17.95
N GLN B 21 31.55 -0.50 17.95
CA GLN B 21 30.45 -1.41 18.27
CA GLN B 21 30.44 -1.38 18.30
C GLN B 21 29.33 -1.30 17.24
C GLN B 21 29.31 -1.29 17.26
N ASP B 22 29.06 -0.09 16.74
CA ASP B 22 28.02 0.11 15.70
C ASP B 22 28.50 -0.48 14.36
N MET B 23 29.82 -0.42 14.11
CA MET B 23 30.39 -1.02 12.92
C MET B 23 30.13 -2.52 12.94
N GLU B 24 30.42 -3.16 14.08
CA GLU B 24 30.23 -4.62 14.23
C GLU B 24 28.79 -5.08 14.10
N ILE B 25 27.86 -4.26 14.57
CA ILE B 25 26.43 -4.55 14.45
C ILE B 25 26.00 -4.38 12.97
N ALA B 26 26.50 -3.32 12.33
CA ALA B 26 26.17 -3.06 10.92
C ALA B 26 26.65 -4.19 10.00
N LYS B 27 27.81 -4.78 10.32
CA LYS B 27 28.35 -5.88 9.50
C LYS B 27 27.46 -7.09 9.36
N THR B 28 26.45 -7.24 10.24
CA THR B 28 25.49 -8.36 10.13
C THR B 28 24.75 -8.33 8.79
N ASP B 29 24.35 -7.14 8.35
CA ASP B 29 23.63 -6.97 7.08
C ASP B 29 24.50 -6.56 5.89
N MET B 30 25.76 -6.22 6.13
CA MET B 30 26.66 -5.80 5.03
C MET B 30 27.54 -6.96 4.58
N MET B 31 26.93 -8.10 4.25
N MET B 31 26.90 -8.08 4.21
CA MET B 31 27.70 -9.29 3.82
CA MET B 31 27.62 -9.29 3.77
C MET B 31 28.46 -9.16 2.49
C MET B 31 28.52 -9.11 2.54
N GLY B 32 28.30 -8.04 1.79
CA GLY B 32 29.05 -7.79 0.57
C GLY B 32 30.49 -7.40 0.94
N LEU B 33 30.61 -6.45 1.86
CA LEU B 33 31.91 -5.98 2.33
C LEU B 33 32.62 -7.04 3.18
N VAL B 34 31.85 -7.75 3.99
CA VAL B 34 32.39 -8.83 4.84
C VAL B 34 32.99 -9.93 3.96
N GLU B 35 32.30 -10.27 2.88
CA GLU B 35 32.78 -11.29 1.95
C GLU B 35 34.06 -10.86 1.20
N LEU B 36 34.13 -9.58 0.82
CA LEU B 36 35.31 -9.06 0.14
C LEU B 36 36.53 -9.06 1.08
N GLN B 37 36.32 -8.77 2.36
CA GLN B 37 37.43 -8.81 3.34
C GLN B 37 37.89 -10.25 3.53
N ARG B 38 36.94 -11.15 3.77
CA ARG B 38 37.25 -12.56 3.98
C ARG B 38 38.09 -13.11 2.83
N LYS B 39 37.63 -12.83 1.61
CA LYS B 39 38.26 -13.31 0.40
C LYS B 39 39.59 -12.68 0.00
N TYR B 40 39.69 -11.36 0.13
CA TYR B 40 40.91 -10.65 -0.31
C TYR B 40 41.87 -10.08 0.74
N ARG B 41 41.60 -10.25 2.03
CA ARG B 41 42.52 -9.71 3.07
C ARG B 41 43.93 -10.33 3.09
N ASP B 42 44.07 -11.53 2.52
CA ASP B 42 45.37 -12.21 2.46
C ASP B 42 46.14 -11.87 1.19
N SER B 43 45.49 -11.91 0.03
CA SER B 43 46.16 -11.58 -1.24
C SER B 43 46.41 -10.07 -1.37
N LYS B 44 45.59 -9.25 -0.69
CA LYS B 44 45.72 -7.78 -0.69
C LYS B 44 45.89 -7.19 -2.10
N PRO B 45 44.82 -7.22 -2.93
CA PRO B 45 44.89 -6.70 -4.30
C PRO B 45 45.15 -5.20 -4.41
N LEU B 46 44.84 -4.42 -3.36
CA LEU B 46 45.09 -2.98 -3.36
C LEU B 46 46.45 -2.59 -2.72
N LYS B 47 47.27 -3.59 -2.42
CA LYS B 47 48.61 -3.38 -1.79
C LYS B 47 49.41 -2.22 -2.40
N GLY B 48 49.80 -1.27 -1.55
CA GLY B 48 50.60 -0.11 -1.97
C GLY B 48 49.84 1.10 -2.50
N ALA B 49 48.57 0.92 -2.84
CA ALA B 49 47.77 2.01 -3.38
C ALA B 49 47.37 3.02 -2.32
N ARG B 50 47.48 4.31 -2.66
CA ARG B 50 47.10 5.40 -1.78
C ARG B 50 45.75 5.87 -2.26
N ILE B 51 44.76 5.90 -1.35
CA ILE B 51 43.40 6.28 -1.69
C ILE B 51 42.87 7.46 -0.90
N THR B 52 42.35 8.46 -1.62
CA THR B 52 41.74 9.63 -1.01
C THR B 52 40.24 9.55 -1.24
N GLY B 53 39.46 9.62 -0.17
CA GLY B 53 37.99 9.55 -0.29
C GLY B 53 37.24 10.78 0.18
N SER B 54 36.26 11.20 -0.62
CA SER B 54 35.38 12.33 -0.29
C SER B 54 33.98 11.72 -0.30
N LEU B 55 33.55 11.23 0.85
CA LEU B 55 32.24 10.58 0.97
C LEU B 55 31.75 10.59 2.42
N HIS B 56 30.49 10.99 2.62
CA HIS B 56 29.83 11.08 3.95
C HIS B 56 30.41 10.07 4.92
N LEU B 57 31.14 10.53 5.93
CA LEU B 57 31.78 9.60 6.86
C LEU B 57 30.80 9.13 7.94
N THR B 58 30.04 8.10 7.58
CA THR B 58 29.05 7.47 8.43
C THR B 58 29.60 6.12 8.88
N ILE B 59 28.82 5.40 9.69
CA ILE B 59 29.22 4.05 10.14
C ILE B 59 29.36 3.12 8.93
N GLU B 60 28.42 3.21 7.99
CA GLU B 60 28.46 2.38 6.79
C GLU B 60 29.71 2.69 5.98
N THR B 61 30.11 3.97 5.94
CA THR B 61 31.33 4.37 5.21
C THR B 61 32.58 3.84 5.91
N SER B 62 32.55 3.78 7.24
CA SER B 62 33.68 3.27 8.02
C SER B 62 33.97 1.80 7.72
N VAL B 63 32.95 1.04 7.33
CA VAL B 63 33.12 -0.37 6.97
C VAL B 63 33.76 -0.41 5.58
N LEU B 64 33.36 0.53 4.72
CA LEU B 64 33.95 0.64 3.38
C LEU B 64 35.43 0.91 3.54
N VAL B 65 35.76 1.92 4.34
CA VAL B 65 37.15 2.28 4.59
C VAL B 65 37.95 1.10 5.15
N GLU B 66 37.35 0.39 6.11
CA GLU B 66 37.95 -0.79 6.72
C GLU B 66 38.19 -1.88 5.68
N THR B 67 37.28 -2.00 4.71
CA THR B 67 37.40 -3.00 3.64
C THR B 67 38.60 -2.68 2.75
N LEU B 68 38.67 -1.44 2.26
CA LEU B 68 39.79 -0.97 1.43
C LEU B 68 41.12 -1.17 2.19
N TYR B 69 41.07 -0.95 3.50
CA TYR B 69 42.25 -1.13 4.36
C TYR B 69 42.69 -2.59 4.47
N GLU B 70 41.73 -3.49 4.65
CA GLU B 70 42.04 -4.91 4.75
C GLU B 70 42.59 -5.44 3.43
N LEU B 71 42.30 -4.75 2.32
CA LEU B 71 42.80 -5.17 1.00
C LEU B 71 44.20 -4.57 0.66
N GLY B 72 44.83 -3.91 1.65
CA GLY B 72 46.18 -3.36 1.49
C GLY B 72 46.34 -1.91 1.07
N ALA B 73 45.31 -1.09 1.25
CA ALA B 73 45.37 0.32 0.86
C ALA B 73 45.74 1.23 2.02
N GLU B 74 46.36 2.37 1.71
CA GLU B 74 46.69 3.42 2.68
C GLU B 74 45.57 4.41 2.44
N ILE B 75 44.99 4.96 3.51
CA ILE B 75 43.81 5.82 3.32
C ILE B 75 43.77 7.19 4.02
N ARG B 76 43.30 8.18 3.27
CA ARG B 76 43.05 9.54 3.75
C ARG B 76 41.62 9.79 3.35
N TRP B 77 40.81 10.33 4.26
CA TRP B 77 39.39 10.48 3.98
C TRP B 77 38.81 11.78 4.54
N CYS B 78 37.68 12.20 3.98
CA CYS B 78 36.92 13.38 4.45
C CYS B 78 35.47 13.19 3.99
N SER B 79 34.56 14.01 4.50
CA SER B 79 33.13 13.93 4.10
C SER B 79 32.89 14.78 2.88
N CYS B 80 31.78 14.51 2.20
CA CYS B 80 31.39 15.25 1.01
C CYS B 80 30.22 16.20 1.30
N ASN B 81 29.97 16.45 2.59
CA ASN B 81 28.95 17.39 3.06
C ASN B 81 29.29 17.82 4.50
N ILE B 82 29.00 19.08 4.83
CA ILE B 82 29.33 19.64 6.16
C ILE B 82 28.51 19.11 7.34
N TYR B 83 27.38 18.45 7.08
CA TYR B 83 26.54 17.94 8.17
C TYR B 83 26.41 16.41 8.22
N SER B 84 26.94 15.71 7.22
CA SER B 84 26.76 14.25 7.15
C SER B 84 27.73 13.36 7.94
N THR B 85 28.74 13.93 8.58
CA THR B 85 29.69 13.10 9.33
C THR B 85 29.11 12.60 10.65
N GLN B 86 29.43 11.35 11.00
CA GLN B 86 29.06 10.76 12.29
C GLN B 86 30.37 10.68 13.08
N ASP B 87 30.49 11.58 14.05
CA ASP B 87 31.73 11.70 14.85
C ASP B 87 32.24 10.39 15.47
N HIS B 88 31.34 9.52 15.92
CA HIS B 88 31.78 8.23 16.49
C HIS B 88 32.39 7.36 15.38
N ALA B 89 31.83 7.43 14.18
CA ALA B 89 32.34 6.67 13.04
C ALA B 89 33.73 7.16 12.62
N ALA B 90 33.92 8.48 12.65
CA ALA B 90 35.20 9.09 12.30
C ALA B 90 36.26 8.70 13.32
N ALA B 91 35.90 8.76 14.60
CA ALA B 91 36.81 8.41 15.70
C ALA B 91 37.22 6.93 15.71
N ALA B 92 36.33 6.05 15.25
CA ALA B 92 36.63 4.62 15.20
C ALA B 92 37.75 4.34 14.20
N LEU B 93 37.74 5.07 13.09
CA LEU B 93 38.78 4.92 12.08
C LEU B 93 40.14 5.40 12.57
N VAL B 94 40.15 6.52 13.30
CA VAL B 94 41.40 7.07 13.83
C VAL B 94 41.97 6.17 14.94
N LYS B 95 41.11 5.62 15.80
CA LYS B 95 41.56 4.73 16.89
C LYS B 95 42.27 3.48 16.37
N LYS B 96 41.73 2.85 15.34
CA LYS B 96 42.34 1.64 14.76
C LYS B 96 43.44 1.92 13.71
N ASN B 97 43.74 3.19 13.43
CA ASN B 97 44.76 3.57 12.45
C ASN B 97 44.45 3.01 11.06
N ILE B 98 43.17 2.89 10.77
CA ILE B 98 42.71 2.37 9.49
C ILE B 98 42.91 3.46 8.43
N ALA B 99 42.77 4.72 8.83
CA ALA B 99 42.91 5.83 7.91
C ALA B 99 43.17 7.14 8.63
N THR B 100 43.57 8.15 7.85
CA THR B 100 43.84 9.50 8.34
C THR B 100 42.61 10.32 7.94
N VAL B 101 41.84 10.77 8.94
CA VAL B 101 40.58 11.45 8.71
C VAL B 101 40.55 12.96 8.98
N PHE B 102 39.85 13.68 8.12
CA PHE B 102 39.64 15.13 8.24
C PHE B 102 38.13 15.35 8.07
N ALA B 103 37.39 15.15 9.16
CA ALA B 103 35.93 15.27 9.10
C ALA B 103 35.25 15.33 10.45
N TRP B 104 34.18 16.12 10.50
CA TRP B 104 33.37 16.27 11.69
C TRP B 104 32.00 16.83 11.32
N LYS B 105 31.00 16.54 12.13
CA LYS B 105 29.66 17.04 11.88
C LYS B 105 29.68 18.55 12.13
N ASN B 106 28.99 19.30 11.26
CA ASN B 106 28.88 20.77 11.36
C ASN B 106 30.16 21.55 11.03
N GLU B 107 30.75 21.24 9.88
CA GLU B 107 31.94 21.94 9.42
C GLU B 107 31.50 23.27 8.86
N THR B 108 32.38 24.28 8.91
CA THR B 108 32.09 25.55 8.26
C THR B 108 32.46 25.26 6.79
N ILE B 109 31.87 25.95 5.85
CA ILE B 109 32.20 25.72 4.45
C ILE B 109 33.70 25.85 4.21
N GLU B 110 34.36 26.79 4.88
CA GLU B 110 35.81 26.98 4.73
C GLU B 110 36.55 25.71 5.12
N ASP B 111 36.24 25.20 6.31
CA ASP B 111 36.87 23.99 6.79
C ASP B 111 36.59 22.77 5.91
N TYR B 112 35.49 22.79 5.17
CA TYR B 112 35.17 21.68 4.27
C TYR B 112 36.28 21.52 3.22
N TRP B 113 36.56 22.59 2.49
CA TRP B 113 37.57 22.56 1.43
C TRP B 113 38.99 22.38 1.95
N VAL B 114 39.24 22.82 3.19
CA VAL B 114 40.55 22.63 3.79
C VAL B 114 40.74 21.13 4.09
N CYS B 115 39.69 20.48 4.60
CA CYS B 115 39.76 19.05 4.91
C CYS B 115 39.95 18.24 3.63
N LEU B 116 39.17 18.59 2.60
CA LEU B 116 39.27 17.91 1.31
C LEU B 116 40.66 18.06 0.72
N ASN B 117 41.23 19.26 0.86
CA ASN B 117 42.55 19.52 0.33
C ASN B 117 43.57 18.74 1.14
N ASP B 118 43.35 18.63 2.45
CA ASP B 118 44.24 17.85 3.32
C ASP B 118 44.17 16.36 2.96
N ALA B 119 42.96 15.86 2.71
CA ALA B 119 42.78 14.45 2.33
C ALA B 119 43.47 14.12 1.01
N MET B 120 43.58 15.11 0.12
CA MET B 120 44.27 14.94 -1.17
C MET B 120 45.79 15.06 -1.06
N THR B 121 46.26 15.65 0.05
CA THR B 121 47.69 15.87 0.28
C THR B 121 48.39 14.66 0.90
N TRP B 122 49.29 14.04 0.12
CA TRP B 122 50.06 12.88 0.56
C TRP B 122 51.53 13.21 0.81
N ARG B 123 52.01 12.81 1.97
CA ARG B 123 53.39 13.00 2.39
C ARG B 123 54.15 11.72 2.08
N ASN B 124 54.84 11.72 0.94
CA ASN B 124 55.64 10.55 0.52
C ASN B 124 57.00 10.57 1.26
N PRO B 125 57.22 9.63 2.21
CA PRO B 125 58.48 9.61 2.97
C PRO B 125 59.71 9.07 2.21
N ASN B 126 59.50 8.47 1.04
CA ASN B 126 60.61 7.93 0.23
C ASN B 126 61.32 9.01 -0.61
N ASP B 127 61.02 10.28 -0.35
CA ASP B 127 61.63 11.40 -1.05
C ASP B 127 61.87 12.54 -0.04
N LYS B 128 62.37 12.17 1.14
CA LYS B 128 62.69 13.10 2.25
C LYS B 128 61.59 14.13 2.54
N ASP B 129 60.37 13.65 2.73
CA ASP B 129 59.21 14.50 3.03
C ASP B 129 58.93 15.57 1.97
N LYS B 130 58.22 15.14 0.93
CA LYS B 130 57.87 16.01 -0.19
C LYS B 130 56.42 15.62 -0.56
N ILE B 131 55.63 16.59 -1.00
CA ILE B 131 54.21 16.35 -1.32
C ILE B 131 53.96 15.66 -2.66
N CYS B 132 52.90 14.87 -2.70
CA CYS B 132 52.43 14.17 -3.91
C CYS B 132 50.91 13.93 -3.76
N GLY B 133 50.30 13.18 -4.68
CA GLY B 133 48.85 12.93 -4.63
C GLY B 133 48.45 11.48 -4.42
N PRO B 134 47.14 11.21 -4.50
CA PRO B 134 46.64 9.86 -4.35
C PRO B 134 46.74 9.08 -5.64
N ASN B 135 46.54 7.77 -5.54
CA ASN B 135 46.54 6.89 -6.70
C ASN B 135 45.11 6.70 -7.19
N LEU B 136 44.18 6.67 -6.24
CA LEU B 136 42.77 6.44 -6.53
C LEU B 136 41.90 7.35 -5.69
N ILE B 137 40.75 7.73 -6.24
CA ILE B 137 39.81 8.57 -5.53
C ILE B 137 38.43 7.92 -5.48
N VAL B 138 37.82 7.92 -4.28
CA VAL B 138 36.45 7.45 -4.07
C VAL B 138 35.73 8.77 -3.90
N ASP B 139 34.77 9.07 -4.76
CA ASP B 139 34.13 10.36 -4.68
C ASP B 139 32.60 10.25 -4.66
N ASP B 140 31.98 11.24 -4.02
CA ASP B 140 30.53 11.28 -3.90
C ASP B 140 30.10 12.73 -4.08
N GLY B 141 29.64 13.05 -5.29
CA GLY B 141 29.22 14.40 -5.63
C GLY B 141 30.22 15.10 -6.54
N GLY B 142 31.40 14.50 -6.70
CA GLY B 142 32.41 15.05 -7.59
C GLY B 142 33.32 16.16 -7.09
N ASP B 143 33.27 16.51 -5.80
CA ASP B 143 34.13 17.58 -5.25
C ASP B 143 35.65 17.27 -5.28
N ALA B 144 36.04 16.03 -4.95
CA ALA B 144 37.46 15.66 -5.00
C ALA B 144 37.95 15.80 -6.44
N THR B 145 37.14 15.30 -7.37
CA THR B 145 37.43 15.38 -8.80
C THR B 145 37.41 16.85 -9.28
N LEU B 146 36.52 17.66 -8.71
CA LEU B 146 36.40 19.08 -9.08
C LEU B 146 37.64 19.87 -8.67
N ILE B 147 38.07 19.71 -7.41
CA ILE B 147 39.25 20.44 -6.93
C ILE B 147 40.51 20.04 -7.71
N LEU B 148 40.59 18.79 -8.17
CA LEU B 148 41.74 18.34 -8.98
C LEU B 148 41.80 19.08 -10.31
N HIS B 149 40.72 19.00 -11.07
CA HIS B 149 40.63 19.64 -12.38
C HIS B 149 40.74 21.14 -12.34
N GLU B 150 40.07 21.77 -11.39
CA GLU B 150 40.13 23.22 -11.23
C GLU B 150 41.53 23.64 -10.78
N GLY B 151 42.19 22.79 -10.01
CA GLY B 151 43.57 23.05 -9.55
C GLY B 151 44.49 23.11 -10.75
N VAL B 152 44.42 22.09 -11.61
CA VAL B 152 45.19 22.01 -12.85
C VAL B 152 44.93 23.22 -13.71
N LYS B 153 43.65 23.50 -13.91
CA LYS B 153 43.20 24.63 -14.73
C LYS B 153 43.74 25.98 -14.21
N ALA B 154 43.88 26.10 -12.88
CA ALA B 154 44.43 27.30 -12.24
C ALA B 154 45.93 27.43 -12.47
N GLU B 155 46.64 26.31 -12.40
CA GLU B 155 48.08 26.29 -12.61
C GLU B 155 48.43 26.67 -14.06
N ILE B 156 47.67 26.14 -15.02
CA ILE B 156 47.89 26.45 -16.44
C ILE B 156 47.64 27.95 -16.71
N GLU B 157 46.60 28.49 -16.09
CA GLU B 157 46.25 29.92 -16.22
C GLU B 157 47.30 30.79 -15.50
N TYR B 158 47.75 30.31 -14.34
CA TYR B 158 48.77 31.02 -13.56
C TYR B 158 50.05 31.16 -14.36
N GLU B 159 50.51 30.03 -14.89
CA GLU B 159 51.75 29.96 -15.67
C GLU B 159 51.71 30.75 -16.99
N LYS B 160 50.50 30.96 -17.51
CA LYS B 160 50.28 31.69 -18.78
C LYS B 160 50.72 33.16 -18.70
N TYR B 161 50.22 33.89 -17.70
CA TYR B 161 50.57 35.30 -17.46
C TYR B 161 51.48 35.49 -16.24
N ASN B 162 51.91 34.37 -15.63
CA ASN B 162 52.82 34.36 -14.48
C ASN B 162 52.35 35.19 -13.25
N LYS B 163 51.10 34.98 -12.87
CA LYS B 163 50.48 35.67 -11.73
C LYS B 163 49.21 34.93 -11.27
N ILE B 164 48.72 35.28 -10.09
CA ILE B 164 47.49 34.66 -9.59
C ILE B 164 46.34 35.10 -10.50
N PRO B 165 45.60 34.13 -11.08
CA PRO B 165 44.46 34.47 -11.96
C PRO B 165 43.42 35.33 -11.23
N GLU B 166 42.90 36.34 -11.92
CA GLU B 166 41.93 37.26 -11.33
C GLU B 166 40.60 36.61 -10.98
N TYR B 167 40.29 35.45 -11.57
CA TYR B 167 39.01 34.78 -11.27
C TYR B 167 39.00 34.12 -9.87
N LEU B 168 40.19 33.95 -9.27
CA LEU B 168 40.33 33.38 -7.93
C LEU B 168 40.26 34.45 -6.81
N GLU B 169 40.60 35.70 -7.15
CA GLU B 169 40.62 36.82 -6.20
C GLU B 169 39.41 37.75 -6.36
N THR B 170 38.22 37.20 -6.47
CA THR B 170 37.02 38.04 -6.65
C THR B 170 35.75 37.39 -6.12
N GLU B 171 34.82 38.26 -5.72
CA GLU B 171 33.52 37.84 -5.19
C GLU B 171 32.51 37.57 -6.31
N LEU B 172 32.67 38.27 -7.43
CA LEU B 172 31.76 38.18 -8.58
C LEU B 172 32.10 37.02 -9.53
N ASP B 173 31.10 36.59 -10.30
CA ASP B 173 31.27 35.52 -11.30
C ASP B 173 31.44 36.16 -12.70
N GLU B 174 31.02 35.47 -13.77
CA GLU B 174 31.15 36.03 -15.12
C GLU B 174 30.23 37.23 -15.40
N ASN B 175 29.02 37.24 -14.81
CA ASN B 175 28.04 38.33 -15.03
C ASN B 175 27.73 39.16 -13.76
N GLY B 176 28.77 39.49 -13.00
CA GLY B 176 28.65 40.31 -11.79
C GLY B 176 27.75 39.84 -10.66
N LYS B 177 27.53 38.53 -10.55
CA LYS B 177 26.67 37.99 -9.49
C LYS B 177 27.57 37.34 -8.42
N GLN B 178 27.21 37.47 -7.15
CA GLN B 178 28.02 36.92 -6.04
C GLN B 178 28.29 35.41 -6.20
N LEU B 179 29.53 34.97 -5.98
CA LEU B 179 29.87 33.55 -6.10
C LEU B 179 29.31 32.74 -4.93
N SER B 180 29.06 31.44 -5.16
CA SER B 180 28.56 30.59 -4.09
C SER B 180 29.66 30.49 -3.06
N MET B 181 29.29 30.25 -1.82
CA MET B 181 30.27 30.17 -0.74
C MET B 181 31.27 29.00 -0.99
N ASP B 182 30.80 27.90 -1.61
CA ASP B 182 31.66 26.75 -1.94
C ASP B 182 32.73 27.09 -2.99
N LEU B 183 32.40 27.90 -3.98
CA LEU B 183 33.39 28.32 -5.00
C LEU B 183 34.46 29.24 -4.42
N LYS B 184 34.05 30.21 -3.59
CA LYS B 184 35.02 31.12 -2.98
C LYS B 184 36.00 30.40 -2.07
N CYS B 185 35.51 29.42 -1.31
CA CYS B 185 36.36 28.64 -0.40
C CYS B 185 37.26 27.64 -1.14
N MET B 186 36.81 27.17 -2.30
CA MET B 186 37.63 26.25 -3.10
C MET B 186 38.74 27.09 -3.70
N TYR B 187 38.36 28.23 -4.29
CA TYR B 187 39.34 29.13 -4.88
C TYR B 187 40.34 29.66 -3.87
N LYS B 188 39.90 29.84 -2.63
CA LYS B 188 40.75 30.35 -1.57
C LYS B 188 41.85 29.31 -1.29
N VAL B 189 41.50 28.04 -1.42
CA VAL B 189 42.44 26.93 -1.22
C VAL B 189 43.34 26.79 -2.44
N LEU B 190 42.79 26.98 -3.63
CA LEU B 190 43.59 26.88 -4.85
C LEU B 190 44.64 27.99 -4.95
N LYS B 191 44.27 29.20 -4.50
CA LYS B 191 45.19 30.32 -4.51
C LYS B 191 46.36 30.03 -3.55
N MET B 192 46.02 29.55 -2.35
CA MET B 192 47.01 29.19 -1.34
C MET B 192 48.02 28.20 -1.89
N GLU B 193 47.53 27.17 -2.59
CA GLU B 193 48.42 26.16 -3.17
C GLU B 193 49.28 26.67 -4.34
N LEU B 194 48.81 27.69 -5.08
CA LEU B 194 49.61 28.27 -6.16
C LEU B 194 50.79 29.01 -5.55
N LEU B 195 50.56 29.68 -4.42
CA LEU B 195 51.61 30.40 -3.70
C LEU B 195 52.67 29.47 -3.10
N LYS B 196 52.26 28.28 -2.62
CA LYS B 196 53.21 27.31 -2.04
C LYS B 196 53.98 26.56 -3.12
N ASN B 197 53.25 26.10 -4.14
CA ASN B 197 53.85 25.34 -5.25
C ASN B 197 52.87 25.31 -6.44
N PRO B 198 53.15 26.08 -7.52
CA PRO B 198 52.27 26.08 -8.69
C PRO B 198 52.35 24.82 -9.59
N PHE B 199 53.08 23.78 -9.16
CA PHE B 199 53.18 22.51 -9.92
C PHE B 199 52.55 21.34 -9.13
N ARG B 200 51.91 21.66 -8.00
CA ARG B 200 51.28 20.66 -7.13
C ARG B 200 50.29 19.72 -7.83
N TRP B 201 49.26 20.30 -8.44
CA TRP B 201 48.20 19.52 -9.08
C TRP B 201 48.64 18.74 -10.32
N ARG B 202 49.45 19.37 -11.16
CA ARG B 202 49.93 18.68 -12.36
C ARG B 202 50.88 17.55 -12.01
N GLY B 203 51.50 17.63 -10.84
CA GLY B 203 52.38 16.58 -10.34
C GLY B 203 51.60 15.35 -9.91
N MET B 204 50.35 15.55 -9.46
CA MET B 204 49.49 14.43 -9.03
C MET B 204 49.03 13.55 -10.18
N LEU B 205 48.89 14.15 -11.37
CA LEU B 205 48.46 13.43 -12.58
C LEU B 205 49.34 12.22 -12.92
N LYS B 206 50.63 12.34 -12.62
CA LYS B 206 51.61 11.29 -12.90
C LYS B 206 51.20 9.93 -12.32
N ASP B 207 50.87 9.92 -11.04
CA ASP B 207 50.50 8.68 -10.32
C ASP B 207 49.00 8.47 -10.10
N LEU B 208 48.15 9.36 -10.64
CA LEU B 208 46.71 9.24 -10.44
C LEU B 208 46.09 8.31 -11.50
N TYR B 209 45.59 7.16 -11.05
CA TYR B 209 45.04 6.14 -11.95
C TYR B 209 43.51 6.05 -12.08
N GLY B 210 42.75 6.79 -11.28
CA GLY B 210 41.29 6.74 -11.42
C GLY B 210 40.40 7.26 -10.29
N VAL B 211 39.11 7.33 -10.61
CA VAL B 211 38.08 7.77 -9.67
C VAL B 211 36.80 6.94 -9.86
N SER B 212 36.17 6.56 -8.74
CA SER B 212 34.91 5.82 -8.77
C SER B 212 33.86 6.72 -8.12
N GLU B 213 32.91 7.22 -8.94
CA GLU B 213 31.87 8.15 -8.48
C GLU B 213 30.59 7.45 -7.98
N GLU B 214 30.18 7.82 -6.77
CA GLU B 214 29.02 7.26 -6.09
C GLU B 214 27.62 7.69 -6.56
N THR B 215 27.41 9.00 -6.75
CA THR B 215 26.06 9.52 -7.05
C THR B 215 25.81 10.20 -8.41
N THR B 216 24.52 10.27 -8.73
CA THR B 216 23.98 10.84 -9.97
C THR B 216 24.55 12.21 -10.35
N THR B 217 24.61 13.13 -9.39
CA THR B 217 25.13 14.49 -9.64
C THR B 217 26.61 14.45 -10.03
N GLY B 218 27.40 13.68 -9.31
CA GLY B 218 28.84 13.56 -9.62
C GLY B 218 29.05 12.93 -11.00
N VAL B 219 28.17 11.99 -11.37
CA VAL B 219 28.23 11.32 -12.66
C VAL B 219 27.93 12.31 -13.79
N LEU B 220 27.01 13.24 -13.54
CA LEU B 220 26.67 14.25 -14.52
C LEU B 220 27.93 15.08 -14.82
N ARG B 221 28.61 15.51 -13.75
CA ARG B 221 29.85 16.30 -13.86
C ARG B 221 30.92 15.55 -14.64
N LEU B 222 31.07 14.26 -14.35
CA LEU B 222 32.05 13.43 -15.06
C LEU B 222 31.74 13.32 -16.56
N LYS B 223 30.48 13.10 -16.90
CA LYS B 223 30.08 12.97 -18.31
C LYS B 223 30.29 14.24 -19.11
N ILE B 224 30.07 15.40 -18.49
CA ILE B 224 30.28 16.68 -19.18
C ILE B 224 31.76 16.83 -19.53
N MET B 225 32.64 16.56 -18.57
CA MET B 225 34.08 16.62 -18.79
C MET B 225 34.52 15.64 -19.89
N GLU B 226 33.93 14.45 -19.89
CA GLU B 226 34.28 13.43 -20.89
C GLU B 226 33.97 13.91 -22.31
N SER B 227 32.76 14.44 -22.50
CA SER B 227 32.32 14.92 -23.81
C SER B 227 33.14 16.11 -24.30
N GLU B 228 33.55 16.99 -23.38
CA GLU B 228 34.38 18.16 -23.72
C GLU B 228 35.87 17.82 -23.87
N GLY B 229 36.25 16.58 -23.56
CA GLY B 229 37.64 16.15 -23.66
C GLY B 229 38.54 16.63 -22.54
N LYS B 230 37.94 17.02 -21.41
CA LYS B 230 38.67 17.55 -20.26
C LYS B 230 38.89 16.60 -19.08
N LEU B 231 38.50 15.33 -19.23
CA LEU B 231 38.67 14.35 -18.14
C LEU B 231 40.15 13.94 -18.05
N LEU B 232 40.74 14.12 -16.87
CA LEU B 232 42.16 13.87 -16.64
C LEU B 232 42.52 12.49 -16.07
N LEU B 233 41.52 11.62 -15.88
CA LEU B 233 41.79 10.27 -15.36
C LEU B 233 40.65 9.30 -15.66
N PRO B 234 40.92 7.98 -15.68
CA PRO B 234 39.83 7.05 -15.91
C PRO B 234 38.80 7.18 -14.80
N ALA B 235 37.54 6.96 -15.14
CA ALA B 235 36.46 7.07 -14.17
C ALA B 235 35.50 5.89 -14.26
N ILE B 236 34.96 5.49 -13.12
CA ILE B 236 33.98 4.42 -13.08
C ILE B 236 32.71 4.96 -12.46
N ASN B 237 31.64 4.91 -13.24
CA ASN B 237 30.31 5.34 -12.80
C ASN B 237 29.72 4.20 -11.97
N VAL B 238 29.67 4.41 -10.65
CA VAL B 238 29.15 3.42 -9.71
C VAL B 238 27.65 3.61 -9.49
N ASN B 239 27.16 4.86 -9.63
CA ASN B 239 25.73 5.16 -9.42
C ASN B 239 24.82 4.34 -10.33
N ASP B 240 25.19 4.27 -11.61
CA ASP B 240 24.37 3.54 -12.59
C ASP B 240 24.47 2.00 -12.53
N SER B 241 25.17 1.45 -11.54
CA SER B 241 25.16 -0.03 -11.34
C SER B 241 23.72 -0.33 -10.95
N VAL B 242 23.17 -1.45 -11.42
CA VAL B 242 21.79 -1.82 -11.07
C VAL B 242 21.65 -2.00 -9.55
N THR B 243 22.63 -2.63 -8.92
CA THR B 243 22.61 -2.88 -7.48
C THR B 243 22.91 -1.62 -6.64
N LYS B 244 22.99 -0.47 -7.30
CA LYS B 244 23.21 0.79 -6.60
C LYS B 244 21.97 1.64 -6.83
N SER B 245 21.75 2.09 -8.07
CA SER B 245 20.61 2.97 -8.40
C SER B 245 19.22 2.46 -8.04
N LYS B 246 18.91 1.20 -8.35
CA LYS B 246 17.58 0.63 -8.04
C LYS B 246 17.34 0.27 -6.56
N PHE B 247 18.36 0.45 -5.71
CA PHE B 247 18.26 0.10 -4.28
C PHE B 247 18.59 1.27 -3.38
N ASP B 248 19.81 1.77 -3.49
CA ASP B 248 20.26 2.90 -2.72
C ASP B 248 19.36 4.12 -2.96
N ASN B 249 19.34 4.61 -4.20
CA ASN B 249 18.58 5.81 -4.53
C ASN B 249 17.08 5.71 -4.19
N THR B 250 16.48 4.55 -4.43
CA THR B 250 15.05 4.36 -4.20
C THR B 250 14.70 3.85 -2.79
N TYR B 251 15.07 2.60 -2.50
CA TYR B 251 14.75 1.99 -1.21
C TYR B 251 15.54 2.56 -0.03
N GLY B 252 16.72 3.11 -0.28
CA GLY B 252 17.47 3.73 0.78
C GLY B 252 16.70 4.94 1.26
N CYS B 253 16.30 5.79 0.31
CA CYS B 253 15.53 7.00 0.61
C CYS B 253 14.17 6.69 1.20
N ARG B 254 13.54 5.61 0.75
CA ARG B 254 12.22 5.24 1.31
C ARG B 254 12.27 5.22 2.84
N GLN B 255 13.43 4.84 3.40
CA GLN B 255 13.60 4.81 4.85
C GLN B 255 14.29 6.04 5.41
N SER B 256 15.40 6.44 4.79
CA SER B 256 16.18 7.58 5.31
C SER B 256 15.52 8.94 5.17
N LEU B 257 14.60 9.11 4.23
CA LEU B 257 13.87 10.38 4.14
C LEU B 257 12.94 10.49 5.36
N LEU B 258 12.19 9.41 5.64
CA LEU B 258 11.28 9.41 6.80
C LEU B 258 12.03 9.64 8.11
N HIS B 259 13.22 9.05 8.25
CA HIS B 259 14.03 9.21 9.46
C HIS B 259 14.40 10.71 9.61
N GLY B 260 14.89 11.32 8.53
CA GLY B 260 15.23 12.74 8.53
C GLY B 260 14.05 13.64 8.87
N LEU B 261 12.92 13.41 8.21
CA LEU B 261 11.72 14.21 8.50
C LEU B 261 11.27 13.97 9.92
N PHE B 262 11.32 12.73 10.40
CA PHE B 262 10.90 12.47 11.77
C PHE B 262 11.79 13.24 12.78
N ASN B 263 13.11 13.31 12.51
CA ASN B 263 14.02 14.03 13.42
C ASN B 263 13.94 15.55 13.30
N GLY B 264 13.72 16.05 12.08
CA GLY B 264 13.65 17.49 11.83
C GLY B 264 12.29 18.13 11.94
N CYS B 265 11.28 17.39 11.49
CA CYS B 265 9.89 17.88 11.48
C CYS B 265 9.05 17.22 12.57
N ILE B 266 8.62 18.02 13.53
CA ILE B 266 7.83 17.50 14.67
C ILE B 266 6.40 17.06 14.30
N GLN B 267 5.88 17.54 13.18
CA GLN B 267 4.50 17.24 12.80
C GLN B 267 4.21 15.83 12.25
N MET B 268 2.91 15.51 12.23
CA MET B 268 2.42 14.24 11.70
C MET B 268 2.42 14.34 10.19
N LEU B 269 2.87 13.28 9.52
CA LEU B 269 2.90 13.27 8.04
C LEU B 269 1.57 12.78 7.45
N ALA B 270 0.79 12.05 8.22
CA ALA B 270 -0.49 11.57 7.73
C ALA B 270 -1.45 12.70 7.37
N GLY B 271 -2.11 12.57 6.22
CA GLY B 271 -3.07 13.55 5.74
C GLY B 271 -2.54 14.86 5.19
N LYS B 272 -1.24 15.11 5.34
CA LYS B 272 -0.63 16.33 4.85
C LYS B 272 -0.39 16.26 3.36
N LYS B 273 -0.44 17.40 2.69
CA LYS B 273 -0.13 17.47 1.28
C LYS B 273 1.39 17.70 1.20
N ILE B 274 2.13 16.65 0.87
CA ILE B 274 3.59 16.71 0.78
C ILE B 274 3.99 16.68 -0.69
N VAL B 275 4.68 17.73 -1.14
CA VAL B 275 5.12 17.86 -2.52
C VAL B 275 6.52 17.28 -2.73
N VAL B 276 6.63 16.27 -3.58
CA VAL B 276 7.92 15.66 -3.90
C VAL B 276 8.27 16.18 -5.29
N LEU B 277 9.29 17.05 -5.35
CA LEU B 277 9.69 17.62 -6.64
C LEU B 277 10.75 16.73 -7.29
N GLY B 278 10.37 16.08 -8.38
CA GLY B 278 11.24 15.16 -9.09
C GLY B 278 10.81 13.75 -8.75
N TYR B 279 10.49 12.96 -9.76
CA TYR B 279 10.04 11.58 -9.56
C TYR B 279 11.01 10.66 -10.29
N GLY B 280 12.29 10.89 -10.03
CA GLY B 280 13.34 10.07 -10.58
C GLY B 280 13.52 8.88 -9.66
N GLU B 281 14.70 8.30 -9.64
CA GLU B 281 14.94 7.15 -8.76
C GLU B 281 14.80 7.49 -7.28
N VAL B 282 15.19 8.71 -6.89
CA VAL B 282 15.08 9.17 -5.51
C VAL B 282 13.66 9.57 -5.21
N GLY B 283 13.06 10.33 -6.12
CA GLY B 283 11.68 10.79 -5.95
C GLY B 283 10.69 9.66 -5.73
N LYS B 284 10.89 8.57 -6.46
CA LYS B 284 10.04 7.39 -6.36
C LYS B 284 10.07 6.79 -4.96
N GLY B 285 11.27 6.67 -4.40
CA GLY B 285 11.42 6.13 -3.06
C GLY B 285 10.85 7.02 -1.98
N CYS B 286 11.04 8.33 -2.14
CA CYS B 286 10.54 9.30 -1.18
C CYS B 286 9.03 9.19 -1.10
N ALA B 287 8.39 9.23 -2.28
CA ALA B 287 6.93 9.16 -2.39
C ALA B 287 6.36 7.86 -1.82
N GLN B 288 7.08 6.77 -2.06
CA GLN B 288 6.67 5.47 -1.59
C GLN B 288 6.73 5.43 -0.06
N GLY B 289 7.76 6.05 0.52
CA GLY B 289 7.89 6.12 1.97
C GLY B 289 6.82 7.00 2.62
N LEU B 290 6.62 8.19 2.05
CA LEU B 290 5.61 9.14 2.53
C LEU B 290 4.18 8.58 2.47
N SER B 291 3.82 7.90 1.37
CA SER B 291 2.51 7.25 1.26
C SER B 291 2.33 6.19 2.35
N GLY B 292 3.41 5.46 2.63
CA GLY B 292 3.41 4.41 3.64
C GLY B 292 2.99 4.85 5.01
N VAL B 293 3.23 6.11 5.34
CA VAL B 293 2.81 6.66 6.64
C VAL B 293 1.59 7.60 6.53
N GLY B 294 0.82 7.44 5.45
CA GLY B 294 -0.44 8.17 5.24
C GLY B 294 -0.44 9.57 4.66
N ALA B 295 0.66 9.98 4.04
CA ALA B 295 0.72 11.32 3.46
C ALA B 295 0.07 11.32 2.10
N ARG B 296 -0.31 12.51 1.62
CA ARG B 296 -0.87 12.66 0.30
C ARG B 296 0.21 13.32 -0.54
N VAL B 297 0.91 12.48 -1.32
CA VAL B 297 2.02 12.93 -2.14
C VAL B 297 1.57 13.58 -3.45
N ILE B 298 2.13 14.75 -3.72
CA ILE B 298 1.90 15.51 -4.94
C ILE B 298 3.26 15.59 -5.62
N VAL B 299 3.33 15.27 -6.90
CA VAL B 299 4.59 15.25 -7.65
C VAL B 299 4.72 16.37 -8.66
N THR B 300 5.96 16.83 -8.88
CA THR B 300 6.27 17.79 -9.93
C THR B 300 7.32 17.10 -10.79
N GLU B 301 7.19 17.25 -12.09
CA GLU B 301 8.11 16.66 -13.05
C GLU B 301 8.16 17.44 -14.33
N ILE B 302 9.30 17.32 -14.99
CA ILE B 302 9.56 17.92 -16.28
C ILE B 302 9.51 16.83 -17.34
N ASP B 303 9.83 15.60 -16.94
CA ASP B 303 9.84 14.45 -17.82
C ASP B 303 8.44 13.80 -17.87
N PRO B 304 7.78 13.82 -19.05
CA PRO B 304 6.45 13.23 -19.17
C PRO B 304 6.40 11.72 -18.88
N ILE B 305 7.49 11.00 -19.11
CA ILE B 305 7.54 9.56 -18.82
C ILE B 305 7.44 9.37 -17.31
N CYS B 306 8.29 10.07 -16.55
CA CYS B 306 8.28 10.00 -15.09
C CYS B 306 6.95 10.55 -14.50
N ALA B 307 6.35 11.52 -15.20
CA ALA B 307 5.07 12.10 -14.77
C ALA B 307 3.96 11.05 -14.80
N LEU B 308 3.87 10.30 -15.91
CA LEU B 308 2.88 9.21 -16.06
C LEU B 308 3.11 8.08 -15.05
N GLN B 309 4.37 7.80 -14.73
CA GLN B 309 4.70 6.78 -13.73
C GLN B 309 4.09 7.18 -12.37
N ALA B 310 4.23 8.45 -12.02
CA ALA B 310 3.69 8.96 -10.77
C ALA B 310 2.18 8.78 -10.77
N SER B 311 1.57 9.19 -11.87
CA SER B 311 0.13 9.09 -12.05
C SER B 311 -0.33 7.63 -11.90
N MET B 312 0.43 6.69 -12.46
CA MET B 312 0.11 5.27 -12.33
C MET B 312 0.17 4.77 -10.87
N GLU B 313 0.86 5.51 -9.99
CA GLU B 313 0.93 5.14 -8.56
C GLU B 313 -0.11 5.92 -7.73
N GLY B 314 -1.06 6.54 -8.42
CA GLY B 314 -2.11 7.30 -7.75
C GLY B 314 -1.74 8.68 -7.27
N TYR B 315 -0.64 9.26 -7.77
CA TYR B 315 -0.25 10.59 -7.31
C TYR B 315 -0.65 11.68 -8.27
N GLN B 316 -1.08 12.79 -7.69
CA GLN B 316 -1.40 13.99 -8.43
C GLN B 316 -0.09 14.60 -8.94
N VAL B 317 -0.05 15.03 -10.19
CA VAL B 317 1.14 15.67 -10.76
C VAL B 317 0.75 17.11 -11.09
N SER B 318 1.42 18.07 -10.45
CA SER B 318 1.14 19.50 -10.61
C SER B 318 2.40 20.30 -10.76
N VAL B 319 2.22 21.57 -11.14
CA VAL B 319 3.35 22.51 -11.22
C VAL B 319 3.35 23.20 -9.88
N LEU B 320 4.55 23.48 -9.37
CA LEU B 320 4.70 24.08 -8.05
C LEU B 320 3.84 25.33 -7.78
N GLU B 321 3.65 26.19 -8.78
CA GLU B 321 2.85 27.42 -8.58
C GLU B 321 1.41 27.17 -8.15
N ASP B 322 0.80 26.10 -8.66
CA ASP B 322 -0.59 25.78 -8.32
C ASP B 322 -0.79 25.13 -6.94
N VAL B 323 0.29 24.70 -6.29
CA VAL B 323 0.20 24.05 -4.96
C VAL B 323 1.04 24.70 -3.84
N VAL B 324 1.96 25.58 -4.18
CA VAL B 324 2.85 26.20 -3.18
C VAL B 324 2.14 26.80 -1.94
N SER B 325 0.95 27.37 -2.12
CA SER B 325 0.19 27.97 -1.01
C SER B 325 -0.57 26.99 -0.14
N GLU B 326 -1.02 25.88 -0.73
CA GLU B 326 -1.84 24.89 -0.01
C GLU B 326 -1.04 23.72 0.58
N ALA B 327 0.08 23.37 -0.04
CA ALA B 327 0.90 22.26 0.44
C ALA B 327 1.54 22.55 1.81
N ASP B 328 1.82 21.47 2.52
CA ASP B 328 2.36 21.53 3.87
C ASP B 328 3.86 21.33 3.94
N ILE B 329 4.38 20.37 3.16
CA ILE B 329 5.79 20.04 3.16
C ILE B 329 6.32 19.90 1.75
N PHE B 330 7.53 20.42 1.52
CA PHE B 330 8.17 20.38 0.20
C PHE B 330 9.49 19.63 0.28
N ILE B 331 9.67 18.61 -0.57
CA ILE B 331 10.88 17.80 -0.61
C ILE B 331 11.46 17.86 -2.03
N THR B 332 12.63 18.51 -2.20
CA THR B 332 13.25 18.61 -3.52
C THR B 332 14.15 17.40 -3.72
N ALA B 333 14.01 16.77 -4.88
CA ALA B 333 14.75 15.58 -5.23
C ALA B 333 15.01 15.55 -6.73
N THR B 334 15.40 16.70 -7.28
CA THR B 334 15.63 16.85 -8.71
C THR B 334 17.08 16.81 -9.19
N GLY B 335 18.02 17.24 -8.34
CA GLY B 335 19.44 17.33 -8.75
C GLY B 335 19.64 18.53 -9.67
N ASN B 336 18.71 19.49 -9.59
CA ASN B 336 18.71 20.69 -10.42
C ASN B 336 18.91 21.93 -9.50
N LYS B 337 18.65 23.14 -9.99
CA LYS B 337 18.77 24.33 -9.13
C LYS B 337 17.54 25.22 -9.24
N ASP B 338 17.32 26.02 -8.21
CA ASP B 338 16.23 26.98 -8.16
C ASP B 338 14.87 26.36 -8.45
N VAL B 339 14.64 25.23 -7.79
CA VAL B 339 13.39 24.48 -7.89
C VAL B 339 12.39 25.10 -6.91
N ILE B 340 12.93 25.66 -5.82
CA ILE B 340 12.16 26.37 -4.81
C ILE B 340 12.90 27.68 -4.59
N THR B 341 12.23 28.78 -4.93
CA THR B 341 12.78 30.12 -4.85
C THR B 341 12.23 30.87 -3.66
N VAL B 342 12.82 32.04 -3.39
CA VAL B 342 12.37 32.90 -2.32
C VAL B 342 10.92 33.30 -2.59
N GLU B 343 10.61 33.61 -3.85
CA GLU B 343 9.24 34.01 -4.22
C GLU B 343 8.22 32.89 -3.97
N HIS B 344 8.66 31.62 -4.05
CA HIS B 344 7.77 30.50 -3.75
C HIS B 344 7.57 30.44 -2.22
N MET B 345 8.66 30.63 -1.50
CA MET B 345 8.64 30.57 -0.03
C MET B 345 7.76 31.65 0.61
N ARG B 346 7.69 32.82 -0.01
CA ARG B 346 6.87 33.93 0.49
C ARG B 346 5.37 33.64 0.35
N LYS B 347 5.01 32.69 -0.51
CA LYS B 347 3.61 32.30 -0.72
C LYS B 347 3.17 31.09 0.11
N MET B 348 4.11 30.40 0.75
CA MET B 348 3.77 29.22 1.55
C MET B 348 2.99 29.55 2.82
N LYS B 349 2.22 28.57 3.29
CA LYS B 349 1.43 28.73 4.49
C LYS B 349 2.33 28.78 5.74
N GLU B 350 1.74 29.23 6.85
CA GLU B 350 2.44 29.34 8.12
C GLU B 350 3.00 27.97 8.58
N ASN B 351 4.30 27.96 8.86
CA ASN B 351 5.06 26.77 9.31
C ASN B 351 5.15 25.63 8.31
N ALA B 352 5.26 25.99 7.04
CA ALA B 352 5.45 25.01 6.00
C ALA B 352 6.89 24.53 6.14
N TYR B 353 7.11 23.22 5.96
CA TYR B 353 8.44 22.62 6.03
C TYR B 353 9.02 22.46 4.65
N ILE B 354 10.33 22.70 4.52
CA ILE B 354 11.05 22.62 3.25
C ILE B 354 12.32 21.82 3.48
N ALA B 355 12.59 20.83 2.63
CA ALA B 355 13.79 20.04 2.76
C ALA B 355 14.25 19.58 1.38
N ASN B 356 15.52 19.20 1.31
CA ASN B 356 16.15 18.76 0.07
C ASN B 356 16.83 17.43 0.30
N ILE B 357 16.66 16.53 -0.66
CA ILE B 357 17.31 15.23 -0.60
C ILE B 357 18.27 15.03 -1.81
N GLY B 358 18.53 16.09 -2.58
CA GLY B 358 19.47 16.04 -3.71
C GLY B 358 20.88 16.21 -3.16
N HIS B 359 21.91 15.91 -3.94
CA HIS B 359 23.26 16.01 -3.41
C HIS B 359 23.67 17.40 -2.87
N PHE B 360 23.43 18.45 -3.66
CA PHE B 360 23.80 19.83 -3.25
C PHE B 360 22.60 20.63 -2.78
N ASP B 361 22.90 21.74 -2.10
CA ASP B 361 21.90 22.66 -1.55
C ASP B 361 21.32 23.72 -2.54
N ASP B 362 21.78 23.69 -3.79
CA ASP B 362 21.33 24.65 -4.84
C ASP B 362 19.84 24.55 -5.20
N GLU B 363 19.21 23.40 -4.93
CA GLU B 363 17.79 23.17 -5.28
C GLU B 363 16.84 24.16 -4.63
N ILE B 364 17.21 24.63 -3.43
CA ILE B 364 16.44 25.61 -2.70
C ILE B 364 17.31 26.86 -2.65
N ASP B 365 16.71 28.02 -2.83
CA ASP B 365 17.46 29.27 -2.79
C ASP B 365 17.71 29.69 -1.33
N VAL B 366 18.61 28.97 -0.67
CA VAL B 366 18.96 29.22 0.72
C VAL B 366 19.67 30.56 0.91
N TYR B 367 20.61 30.87 0.02
CA TYR B 367 21.35 32.14 0.11
C TYR B 367 20.37 33.32 0.04
N GLY B 368 19.41 33.23 -0.89
CA GLY B 368 18.41 34.28 -1.03
C GLY B 368 17.55 34.39 0.21
N LEU B 369 17.23 33.25 0.81
CA LEU B 369 16.41 33.22 2.03
C LEU B 369 17.15 33.86 3.22
N GLU B 370 18.37 33.42 3.49
CA GLU B 370 19.15 33.95 4.61
C GLU B 370 19.47 35.45 4.50
N ASN B 371 19.59 35.94 3.26
CA ASN B 371 19.93 37.34 3.00
C ASN B 371 18.75 38.23 2.61
N TYR B 372 17.51 37.74 2.78
CA TYR B 372 16.33 38.53 2.43
C TYR B 372 16.31 39.71 3.43
N PRO B 373 16.17 40.96 2.93
CA PRO B 373 16.17 42.13 3.82
C PRO B 373 15.17 42.05 4.97
N GLY B 374 15.66 42.11 6.20
CA GLY B 374 14.82 42.07 7.40
C GLY B 374 14.33 40.69 7.82
N ILE B 375 14.89 39.62 7.25
CA ILE B 375 14.50 38.25 7.60
C ILE B 375 14.94 37.98 9.03
N LYS B 376 14.10 37.28 9.79
CA LYS B 376 14.39 36.92 11.16
C LYS B 376 14.54 35.41 11.19
N VAL B 377 15.60 34.92 11.81
CA VAL B 377 15.91 33.49 11.87
C VAL B 377 16.18 33.00 13.30
N ILE B 378 15.65 31.83 13.64
CA ILE B 378 15.87 31.20 14.96
C ILE B 378 16.19 29.72 14.79
N GLU B 379 16.97 29.18 15.71
CA GLU B 379 17.32 27.77 15.67
C GLU B 379 16.28 27.04 16.52
N VAL B 380 15.49 26.19 15.85
CA VAL B 380 14.46 25.41 16.52
C VAL B 380 15.11 24.27 17.29
N LYS B 381 16.09 23.63 16.66
CA LYS B 381 16.89 22.56 17.25
C LYS B 381 18.10 22.37 16.33
N GLN B 382 18.95 21.39 16.66
CA GLN B 382 20.10 21.07 15.81
C GLN B 382 19.73 20.91 14.35
N ASN B 383 20.35 21.71 13.49
CA ASN B 383 20.15 21.64 12.03
C ASN B 383 18.72 21.92 11.55
N VAL B 384 17.95 22.70 12.30
CA VAL B 384 16.56 23.05 11.90
C VAL B 384 16.38 24.55 12.20
N HIS B 385 15.98 25.31 11.19
CA HIS B 385 15.83 26.76 11.34
C HIS B 385 14.53 27.29 10.78
N LYS B 386 13.93 28.24 11.51
CA LYS B 386 12.67 28.88 11.11
C LYS B 386 12.96 30.30 10.63
N PHE B 387 12.49 30.63 9.45
CA PHE B 387 12.69 31.95 8.87
C PHE B 387 11.36 32.67 8.83
N THR B 388 11.35 33.91 9.29
CA THR B 388 10.15 34.73 9.34
C THR B 388 10.34 36.01 8.53
N PHE B 389 9.49 36.19 7.52
CA PHE B 389 9.54 37.39 6.68
C PHE B 389 8.99 38.60 7.45
N PRO B 390 9.60 39.78 7.28
CA PRO B 390 9.13 40.95 8.02
C PRO B 390 7.82 41.57 7.52
N ASP B 391 7.53 41.47 6.22
CA ASP B 391 6.29 42.08 5.68
C ASP B 391 4.99 41.30 6.02
N THR B 392 5.04 39.97 5.93
CA THR B 392 3.87 39.12 6.21
C THR B 392 3.88 38.48 7.60
N GLN B 393 5.04 38.44 8.26
CA GLN B 393 5.21 37.80 9.58
C GLN B 393 4.95 36.28 9.51
N LYS B 394 4.88 35.72 8.31
CA LYS B 394 4.69 34.28 8.16
C LYS B 394 6.04 33.58 8.16
N SER B 395 6.06 32.32 8.58
CA SER B 395 7.31 31.59 8.68
C SER B 395 7.38 30.29 7.91
N VAL B 396 8.59 29.94 7.50
CA VAL B 396 8.87 28.67 6.84
C VAL B 396 9.96 28.03 7.68
N ILE B 397 9.99 26.71 7.70
CA ILE B 397 10.96 25.97 8.48
C ILE B 397 11.81 25.16 7.53
N LEU B 398 13.10 25.46 7.51
CA LEU B 398 14.06 24.79 6.63
C LEU B 398 14.85 23.74 7.39
N LEU B 399 15.00 22.54 6.82
CA LEU B 399 15.76 21.45 7.43
C LEU B 399 17.21 21.44 6.93
N CYS B 400 18.14 21.57 7.90
CA CYS B 400 19.61 21.60 7.72
C CYS B 400 20.13 22.41 6.53
N LYS B 401 19.72 23.67 6.52
CA LYS B 401 20.10 24.66 5.51
C LYS B 401 20.05 24.17 4.06
N GLY B 402 19.03 23.38 3.76
CA GLY B 402 18.84 22.85 2.42
C GLY B 402 19.76 21.72 1.99
N ARG B 403 20.62 21.22 2.89
CA ARG B 403 21.54 20.10 2.55
C ARG B 403 20.78 18.79 2.65
N LEU B 404 21.26 17.74 1.96
CA LEU B 404 20.59 16.43 1.99
C LEU B 404 20.09 16.07 3.40
N VAL B 405 18.77 16.13 3.57
CA VAL B 405 18.10 15.94 4.85
C VAL B 405 18.26 14.58 5.50
N ASN B 406 18.34 13.51 4.71
CA ASN B 406 18.48 12.16 5.28
C ASN B 406 19.79 11.98 6.04
N LEU B 407 20.85 12.59 5.52
CA LEU B 407 22.19 12.56 6.13
C LEU B 407 22.43 13.72 7.07
N GLY B 408 21.71 14.82 6.86
CA GLY B 408 21.83 16.03 7.69
C GLY B 408 21.03 16.04 8.98
N CYS B 409 19.78 15.57 8.91
CA CYS B 409 18.93 15.49 10.09
C CYS B 409 18.89 14.08 10.67
N ALA B 410 19.36 13.10 9.90
CA ALA B 410 19.41 11.70 10.38
C ALA B 410 20.78 11.08 10.04
N THR B 411 20.84 9.75 9.94
CA THR B 411 22.09 9.03 9.71
C THR B 411 22.21 8.35 8.33
N GLY B 412 21.49 8.88 7.34
CA GLY B 412 21.53 8.32 5.97
C GLY B 412 20.87 6.96 5.82
N HIS B 413 21.11 6.29 4.68
CA HIS B 413 20.52 4.97 4.45
C HIS B 413 21.07 3.93 5.42
N PRO B 414 20.32 2.84 5.65
CA PRO B 414 20.79 1.76 6.53
C PRO B 414 21.87 0.90 5.86
N PRO B 415 22.56 0.07 6.64
CA PRO B 415 23.67 -0.75 6.14
C PRO B 415 23.45 -1.65 4.92
N LEU B 416 22.31 -2.31 4.84
CA LEU B 416 22.05 -3.24 3.74
C LEU B 416 22.25 -2.66 2.34
N VAL B 417 21.58 -1.53 2.06
CA VAL B 417 21.72 -0.91 0.72
C VAL B 417 23.08 -0.27 0.53
N MET B 418 23.70 0.20 1.61
CA MET B 418 25.02 0.82 1.46
C MET B 418 26.06 -0.25 1.18
N SER B 419 25.84 -1.47 1.69
CA SER B 419 26.76 -2.55 1.43
C SER B 419 26.73 -2.88 -0.05
N MET B 420 25.55 -2.77 -0.66
CA MET B 420 25.40 -3.02 -2.09
C MET B 420 26.12 -1.94 -2.90
N SER B 421 25.96 -0.67 -2.49
CA SER B 421 26.62 0.44 -3.15
C SER B 421 28.12 0.39 -2.94
N PHE B 422 28.56 0.14 -1.71
CA PHE B 422 29.97 0.06 -1.40
C PHE B 422 30.69 -1.20 -1.89
N THR B 423 29.97 -2.30 -2.10
CA THR B 423 30.59 -3.50 -2.68
C THR B 423 30.95 -3.14 -4.12
N ASN B 424 30.11 -2.31 -4.76
CA ASN B 424 30.41 -1.83 -6.12
C ASN B 424 31.65 -0.92 -6.08
N GLN B 425 31.72 -0.04 -5.08
CA GLN B 425 32.89 0.85 -4.93
C GLN B 425 34.21 0.09 -4.87
N VAL B 426 34.31 -0.88 -3.96
CA VAL B 426 35.54 -1.67 -3.84
C VAL B 426 35.88 -2.34 -5.18
N LEU B 427 34.90 -2.94 -5.84
CA LEU B 427 35.13 -3.60 -7.14
C LEU B 427 35.59 -2.58 -8.19
N ALA B 428 35.11 -1.35 -8.09
CA ALA B 428 35.50 -0.29 -9.03
C ALA B 428 36.95 0.14 -8.76
N GLN B 429 37.30 0.18 -7.47
CA GLN B 429 38.65 0.53 -7.05
C GLN B 429 39.64 -0.53 -7.50
N MET B 430 39.29 -1.80 -7.29
CA MET B 430 40.14 -2.92 -7.70
C MET B 430 40.31 -2.95 -9.21
N ASP B 431 39.27 -2.58 -9.95
CA ASP B 431 39.34 -2.54 -11.43
C ASP B 431 40.34 -1.47 -11.88
N LEU B 432 40.19 -0.25 -11.35
CA LEU B 432 41.06 0.88 -11.68
C LEU B 432 42.54 0.60 -11.34
N TRP B 433 42.78 -0.09 -10.23
CA TRP B 433 44.13 -0.43 -9.78
C TRP B 433 44.75 -1.50 -10.71
N LYS B 434 44.04 -2.62 -10.92
CA LYS B 434 44.47 -3.68 -11.84
C LYS B 434 44.91 -3.14 -13.19
N SER B 435 44.18 -2.15 -13.70
CA SER B 435 44.43 -1.55 -15.01
C SER B 435 45.34 -0.32 -14.96
N ARG B 436 46.11 -0.15 -13.88
CA ARG B 436 46.95 1.06 -13.76
C ARG B 436 48.00 1.15 -14.92
N GLU B 437 48.54 0.03 -15.37
CA GLU B 437 49.52 0.03 -16.49
C GLU B 437 48.99 0.61 -17.80
N LEU B 438 47.67 0.56 -18.01
CA LEU B 438 47.08 1.07 -19.24
C LEU B 438 46.93 2.61 -19.29
N VAL B 439 47.33 3.29 -18.23
CA VAL B 439 47.27 4.76 -18.18
C VAL B 439 48.62 5.33 -18.60
N ASP B 440 48.74 5.72 -19.87
CA ASP B 440 49.99 6.28 -20.42
C ASP B 440 49.87 7.80 -20.55
N ARG B 441 50.53 8.51 -19.64
CA ARG B 441 50.51 9.98 -19.61
C ARG B 441 51.33 10.61 -20.70
N SER B 442 52.52 10.06 -20.93
CA SER B 442 53.44 10.58 -21.95
C SER B 442 52.89 10.40 -23.37
N LYS B 443 51.70 10.95 -23.58
CA LYS B 443 50.99 10.91 -24.88
C LYS B 443 49.88 11.96 -24.96
N ASN B 444 49.17 12.15 -23.84
CA ASN B 444 48.03 13.09 -23.74
C ASN B 444 46.87 12.42 -24.46
N THR B 445 46.34 11.38 -23.81
CA THR B 445 45.25 10.56 -24.34
C THR B 445 43.92 10.87 -23.62
N ARG B 446 42.79 10.63 -24.30
CA ARG B 446 41.45 10.87 -23.74
C ARG B 446 41.02 9.79 -22.77
N PHE B 447 40.45 10.20 -21.65
CA PHE B 447 39.95 9.29 -20.61
C PHE B 447 38.43 9.20 -20.66
N PHE B 448 37.93 8.01 -20.37
CA PHE B 448 36.48 7.74 -20.45
C PHE B 448 35.87 7.31 -19.12
N VAL B 449 34.54 7.31 -19.11
CA VAL B 449 33.73 6.90 -17.98
C VAL B 449 33.15 5.57 -18.38
N LYS B 450 33.29 4.56 -17.55
CA LYS B 450 32.74 3.24 -17.86
C LYS B 450 32.02 2.70 -16.63
N LYS B 451 31.16 1.72 -16.86
CA LYS B 451 30.39 1.09 -15.80
C LYS B 451 30.84 -0.34 -15.59
N LEU B 452 30.54 -0.87 -14.42
CA LEU B 452 30.88 -2.24 -14.10
C LEU B 452 29.99 -3.16 -14.93
N SER B 453 30.46 -4.37 -15.20
CA SER B 453 29.71 -5.32 -16.00
C SER B 453 28.46 -5.85 -15.27
N LYS B 454 27.54 -6.41 -16.04
CA LYS B 454 26.35 -6.99 -15.47
C LYS B 454 26.72 -8.24 -14.64
N GLU B 455 27.82 -8.92 -14.99
CA GLU B 455 28.28 -10.11 -14.24
C GLU B 455 28.56 -9.71 -12.78
N LEU B 456 29.33 -8.63 -12.59
CA LEU B 456 29.67 -8.15 -11.23
C LEU B 456 28.48 -7.48 -10.55
N ASP B 457 27.50 -7.08 -11.34
CA ASP B 457 26.33 -6.41 -10.78
C ASP B 457 25.47 -7.50 -10.11
N GLU B 458 25.25 -8.61 -10.83
CA GLU B 458 24.51 -9.76 -10.31
C GLU B 458 25.26 -10.38 -9.13
N TYR B 459 26.59 -10.37 -9.21
CA TYR B 459 27.42 -10.88 -8.12
C TYR B 459 27.14 -10.11 -6.83
N VAL B 460 26.97 -8.79 -6.92
CA VAL B 460 26.68 -7.96 -5.73
C VAL B 460 25.34 -8.34 -5.14
N ALA B 461 24.36 -8.64 -5.99
CA ALA B 461 23.06 -9.06 -5.49
C ALA B 461 23.18 -10.42 -4.79
N ARG B 462 23.94 -11.36 -5.38
CA ARG B 462 24.14 -12.69 -4.75
C ARG B 462 24.72 -12.66 -3.33
N LEU B 463 25.68 -11.77 -3.11
CA LEU B 463 26.35 -11.63 -1.80
C LEU B 463 25.43 -11.19 -0.68
N HIS B 464 24.27 -10.61 -1.02
CA HIS B 464 23.31 -10.13 -0.02
C HIS B 464 22.01 -10.93 0.09
N LEU B 465 21.84 -11.99 -0.70
CA LEU B 465 20.59 -12.77 -0.63
C LEU B 465 20.36 -13.38 0.75
N ASP B 466 21.39 -14.00 1.32
CA ASP B 466 21.29 -14.64 2.66
C ASP B 466 20.79 -13.72 3.79
N VAL B 467 21.15 -12.45 3.73
CA VAL B 467 20.73 -11.48 4.75
C VAL B 467 19.21 -11.52 4.99
N LEU B 468 18.45 -11.65 3.90
CA LEU B 468 16.99 -11.65 3.94
C LEU B 468 16.34 -13.03 3.71
N GLY B 469 17.12 -14.10 3.79
CA GLY B 469 16.59 -15.46 3.60
C GLY B 469 15.95 -15.75 2.25
N ILE B 470 16.52 -15.18 1.20
CA ILE B 470 16.03 -15.35 -0.17
C ILE B 470 16.56 -16.63 -0.81
N LYS B 471 15.64 -17.55 -1.14
CA LYS B 471 15.99 -18.81 -1.81
C LYS B 471 15.85 -18.61 -3.33
N LEU B 472 16.98 -18.58 -4.01
CA LEU B 472 17.03 -18.36 -5.44
C LEU B 472 16.82 -19.67 -6.21
N THR B 473 15.94 -19.64 -7.21
CA THR B 473 15.68 -20.80 -8.08
C THR B 473 16.83 -20.91 -9.11
N LYS B 474 17.12 -22.15 -9.52
CA LYS B 474 18.17 -22.41 -10.49
C LYS B 474 17.59 -22.98 -11.79
N LEU B 475 18.04 -22.43 -12.92
CA LEU B 475 17.59 -22.88 -14.24
C LEU B 475 18.10 -24.27 -14.55
N THR B 476 17.27 -25.04 -15.26
CA THR B 476 17.66 -26.36 -15.72
C THR B 476 18.35 -26.14 -17.06
N GLU B 477 18.98 -27.19 -17.57
CA GLU B 477 19.67 -27.14 -18.84
C GLU B 477 18.72 -26.65 -19.96
N THR B 478 17.56 -27.29 -20.08
CA THR B 478 16.53 -26.97 -21.09
C THR B 478 16.00 -25.55 -20.97
N GLN B 479 15.74 -25.10 -19.74
CA GLN B 479 15.21 -23.75 -19.51
C GLN B 479 16.19 -22.66 -19.93
N ALA B 480 17.45 -22.83 -19.54
CA ALA B 480 18.51 -21.87 -19.87
C ALA B 480 18.62 -21.70 -21.38
N LYS B 481 18.60 -22.82 -22.11
CA LYS B 481 18.68 -22.78 -23.57
C LYS B 481 17.42 -22.14 -24.18
N TYR B 482 16.27 -22.34 -23.54
CA TYR B 482 15.00 -21.79 -24.03
C TYR B 482 14.99 -20.26 -23.98
N ILE B 483 15.38 -19.68 -22.84
CA ILE B 483 15.43 -18.20 -22.74
C ILE B 483 16.78 -17.63 -23.22
N ASN B 484 17.62 -18.52 -23.75
CA ASN B 484 18.88 -18.16 -24.37
C ASN B 484 19.88 -17.43 -23.45
N VAL B 485 20.14 -18.04 -22.30
CA VAL B 485 21.09 -17.52 -21.31
C VAL B 485 21.89 -18.66 -20.68
N SER B 486 22.93 -18.29 -19.94
CA SER B 486 23.74 -19.25 -19.22
C SER B 486 23.10 -19.49 -17.86
N ILE B 487 23.26 -20.69 -17.32
CA ILE B 487 22.72 -21.04 -16.00
C ILE B 487 23.26 -20.07 -14.94
N ASN B 488 24.52 -19.66 -15.10
CA ASN B 488 25.17 -18.75 -14.16
C ASN B 488 25.09 -17.27 -14.52
N GLY B 489 24.28 -16.93 -15.54
CA GLY B 489 24.11 -15.54 -15.96
C GLY B 489 25.20 -14.97 -16.84
N PRO B 490 25.07 -13.69 -17.26
CA PRO B 490 23.97 -12.74 -16.95
C PRO B 490 22.62 -13.20 -17.50
N TYR B 491 21.55 -12.80 -16.83
CA TYR B 491 20.20 -13.23 -17.20
C TYR B 491 19.37 -12.22 -18.00
N LYS B 492 19.90 -11.01 -18.15
CA LYS B 492 19.20 -9.97 -18.89
C LYS B 492 20.13 -9.33 -19.89
N SER B 493 19.56 -8.72 -20.91
CA SER B 493 20.34 -8.00 -21.92
C SER B 493 20.79 -6.68 -21.29
N GLU B 494 21.82 -6.06 -21.87
CA GLU B 494 22.37 -4.78 -21.34
C GLU B 494 21.35 -3.64 -21.22
N ASP B 495 20.38 -3.58 -22.13
CA ASP B 495 19.37 -2.51 -22.10
C ASP B 495 18.17 -2.77 -21.15
N TYR B 496 18.17 -3.89 -20.42
CA TYR B 496 17.06 -4.22 -19.51
C TYR B 496 16.98 -3.22 -18.35
N ARG B 497 15.77 -2.75 -18.06
CA ARG B 497 15.57 -1.69 -17.05
C ARG B 497 15.15 -2.12 -15.65
N TYR B 498 14.95 -3.42 -15.42
CA TYR B 498 14.56 -3.93 -14.10
C TYR B 498 13.32 -3.19 -13.55
N TYR C 4 16.07 31.45 47.33
CA TYR C 4 14.79 31.16 46.64
C TYR C 4 14.94 30.04 45.60
N LYS C 5 15.09 28.82 46.10
CA LYS C 5 15.25 27.63 45.25
C LYS C 5 13.87 27.25 44.69
N MET C 6 13.84 26.66 43.49
CA MET C 6 12.57 26.22 42.90
C MET C 6 12.27 24.80 43.44
N GLU C 7 10.99 24.49 43.64
CA GLU C 7 10.60 23.15 44.14
C GLU C 7 10.55 22.08 43.05
N SER C 8 10.40 22.49 41.79
CA SER C 8 10.39 21.56 40.67
C SER C 8 11.78 20.91 40.52
N ARG C 9 11.80 19.61 40.19
CA ARG C 9 13.05 18.90 39.95
C ARG C 9 13.04 18.45 38.49
N ILE C 10 13.95 19.02 37.71
CA ILE C 10 14.10 18.74 36.29
C ILE C 10 15.58 18.73 35.93
N LYS C 11 15.89 18.40 34.67
CA LYS C 11 17.26 18.32 34.20
C LYS C 11 17.94 19.69 34.10
N ASP C 12 17.37 20.59 33.30
CA ASP C 12 17.97 21.90 33.06
C ASP C 12 16.94 22.99 32.67
N ILE C 13 16.88 24.04 33.48
CA ILE C 13 15.93 25.15 33.27
C ILE C 13 16.27 26.00 32.03
N SER C 14 17.56 26.08 31.65
CA SER C 14 17.97 26.89 30.48
C SER C 14 17.48 26.34 29.12
N LEU C 15 17.00 25.10 29.10
CA LEU C 15 16.45 24.50 27.87
C LEU C 15 14.99 24.98 27.64
N ALA C 16 14.49 25.88 28.48
CA ALA C 16 13.12 26.37 28.38
C ALA C 16 12.75 27.03 27.06
N GLU C 17 13.63 27.88 26.54
CA GLU C 17 13.32 28.58 25.30
C GLU C 17 13.09 27.63 24.11
N PHE C 18 13.85 26.53 24.02
CA PHE C 18 13.65 25.56 22.93
C PHE C 18 12.28 24.87 23.07
N GLY C 19 11.94 24.52 24.30
CA GLY C 19 10.65 23.91 24.58
C GLY C 19 9.53 24.86 24.22
N LEU C 20 9.68 26.16 24.53
CA LEU C 20 8.63 27.15 24.20
C LEU C 20 8.43 27.32 22.69
N GLN C 21 9.51 27.27 21.91
N GLN C 21 9.52 27.27 21.92
CA GLN C 21 9.40 27.42 20.45
CA GLN C 21 9.45 27.39 20.45
C GLN C 21 8.81 26.15 19.79
C GLN C 21 8.80 26.16 19.81
N ASP C 22 9.08 24.97 20.36
CA ASP C 22 8.52 23.71 19.85
C ASP C 22 7.01 23.63 20.16
N MET C 23 6.60 24.17 21.31
CA MET C 23 5.19 24.20 21.68
C MET C 23 4.42 25.04 20.67
N GLU C 24 4.98 26.19 20.29
CA GLU C 24 4.32 27.07 19.32
C GLU C 24 4.18 26.42 17.95
N ILE C 25 5.20 25.67 17.54
CA ILE C 25 5.18 24.97 16.25
C ILE C 25 4.13 23.85 16.30
N ALA C 26 4.12 23.11 17.40
CA ALA C 26 3.16 22.02 17.59
C ALA C 26 1.73 22.55 17.53
N LYS C 27 1.47 23.67 18.19
CA LYS C 27 0.13 24.29 18.21
C LYS C 27 -0.46 24.52 16.83
N THR C 28 0.39 24.63 15.81
CA THR C 28 -0.10 24.80 14.44
C THR C 28 -1.06 23.65 14.11
N ASP C 29 -0.70 22.43 14.54
CA ASP C 29 -1.53 21.24 14.30
C ASP C 29 -2.48 20.85 15.44
N MET C 30 -2.25 21.34 16.65
CA MET C 30 -3.10 21.00 17.78
C MET C 30 -4.32 21.94 17.89
N MET C 31 -5.07 22.12 16.81
N MET C 31 -5.08 22.10 16.80
CA MET C 31 -6.22 23.05 16.80
CA MET C 31 -6.25 23.00 16.77
C MET C 31 -7.31 22.77 17.85
C MET C 31 -7.26 22.78 17.89
N GLY C 32 -7.33 21.55 18.39
CA GLY C 32 -8.28 21.18 19.44
C GLY C 32 -7.97 21.92 20.73
N LEU C 33 -6.71 21.85 21.16
CA LEU C 33 -6.29 22.53 22.38
C LEU C 33 -6.25 24.05 22.19
N VAL C 34 -5.90 24.51 20.98
CA VAL C 34 -5.86 25.95 20.67
C VAL C 34 -7.26 26.55 20.78
N GLU C 35 -8.27 25.78 20.36
CA GLU C 35 -9.66 26.22 20.43
C GLU C 35 -10.17 26.27 21.86
N LEU C 36 -9.80 25.28 22.68
CA LEU C 36 -10.23 25.27 24.08
C LEU C 36 -9.61 26.45 24.84
N GLN C 37 -8.37 26.80 24.54
CA GLN C 37 -7.73 27.94 25.20
C GLN C 37 -8.42 29.23 24.77
N ARG C 38 -8.68 29.38 23.48
CA ARG C 38 -9.35 30.58 22.95
C ARG C 38 -10.72 30.78 23.58
N LYS C 39 -11.50 29.70 23.59
CA LYS C 39 -12.87 29.73 24.08
C LYS C 39 -13.05 29.82 25.59
N TYR C 40 -12.29 29.06 26.36
CA TYR C 40 -12.47 29.01 27.82
C TYR C 40 -11.50 29.77 28.72
N ARG C 41 -10.46 30.42 28.18
CA ARG C 41 -9.49 31.13 29.04
C ARG C 41 -10.08 32.33 29.83
N ASP C 42 -11.16 32.94 29.34
CA ASP C 42 -11.79 34.08 30.05
C ASP C 42 -12.67 33.60 31.21
N SER C 43 -13.61 32.69 30.92
CA SER C 43 -14.53 32.14 31.92
C SER C 43 -13.83 31.27 32.98
N LYS C 44 -12.68 30.70 32.61
CA LYS C 44 -11.88 29.83 33.50
C LYS C 44 -12.69 28.74 34.20
N PRO C 45 -13.18 27.75 33.43
CA PRO C 45 -14.01 26.67 33.98
C PRO C 45 -13.33 25.76 35.00
N LEU C 46 -12.00 25.70 34.99
CA LEU C 46 -11.27 24.87 35.96
C LEU C 46 -10.66 25.70 37.11
N LYS C 47 -11.13 26.93 37.31
CA LYS C 47 -10.55 27.78 38.36
C LYS C 47 -10.75 27.21 39.74
N GLY C 48 -9.64 27.10 40.48
CA GLY C 48 -9.64 26.56 41.83
C GLY C 48 -9.24 25.10 41.87
N ALA C 49 -9.30 24.42 40.73
CA ALA C 49 -8.95 23.00 40.66
C ALA C 49 -7.45 22.76 40.81
N ARG C 50 -7.11 21.76 41.64
CA ARG C 50 -5.72 21.35 41.83
C ARG C 50 -5.62 20.05 41.03
N ILE C 51 -4.92 20.11 39.91
CA ILE C 51 -4.77 18.95 39.05
C ILE C 51 -3.38 18.33 39.14
N THR C 52 -3.34 17.00 39.30
CA THR C 52 -2.09 16.24 39.31
C THR C 52 -2.09 15.32 38.10
N GLY C 53 -1.03 15.41 37.28
CA GLY C 53 -0.91 14.58 36.09
C GLY C 53 0.27 13.64 36.12
N SER C 54 0.03 12.40 35.70
CA SER C 54 1.06 11.38 35.61
C SER C 54 0.96 10.91 34.17
N LEU C 55 1.68 11.60 33.29
CA LEU C 55 1.63 11.32 31.85
C LEU C 55 2.86 11.89 31.11
N HIS C 56 3.54 11.00 30.36
CA HIS C 56 4.76 11.32 29.56
C HIS C 56 4.88 12.81 29.26
N LEU C 57 5.82 13.49 29.93
CA LEU C 57 5.94 14.94 29.75
C LEU C 57 6.72 15.28 28.46
N THR C 58 5.98 15.34 27.37
CA THR C 58 6.52 15.68 26.06
C THR C 58 6.07 17.08 25.67
N ILE C 59 6.47 17.51 24.48
CA ILE C 59 6.05 18.82 23.98
C ILE C 59 4.52 18.85 23.91
N GLU C 60 3.95 17.79 23.32
CA GLU C 60 2.50 17.70 23.17
C GLU C 60 1.81 17.82 24.52
N THR C 61 2.35 17.12 25.53
CA THR C 61 1.80 17.17 26.89
C THR C 61 1.88 18.56 27.49
N SER C 62 2.96 19.28 27.20
CA SER C 62 3.12 20.66 27.69
C SER C 62 2.00 21.57 27.21
N VAL C 63 1.47 21.28 26.02
CA VAL C 63 0.36 22.06 25.49
C VAL C 63 -0.90 21.67 26.27
N LEU C 64 -1.00 20.39 26.66
CA LEU C 64 -2.13 19.94 27.47
C LEU C 64 -2.12 20.67 28.80
N VAL C 65 -0.95 20.66 29.46
CA VAL C 65 -0.80 21.31 30.75
C VAL C 65 -1.10 22.81 30.66
N GLU C 66 -0.65 23.44 29.57
CA GLU C 66 -0.90 24.86 29.33
C GLU C 66 -2.39 25.10 29.16
N THR C 67 -3.06 24.20 28.43
CA THR C 67 -4.51 24.33 28.24
C THR C 67 -5.19 24.31 29.59
N LEU C 68 -4.83 23.35 30.45
CA LEU C 68 -5.42 23.24 31.80
C LEU C 68 -5.14 24.50 32.63
N TYR C 69 -3.95 25.07 32.46
CA TYR C 69 -3.54 26.26 33.18
C TYR C 69 -4.33 27.48 32.75
N GLU C 70 -4.47 27.65 31.42
CA GLU C 70 -5.25 28.74 30.86
C GLU C 70 -6.73 28.64 31.27
N LEU C 71 -7.21 27.42 31.53
CA LEU C 71 -8.60 27.24 31.97
C LEU C 71 -8.73 27.47 33.50
N GLY C 72 -7.62 27.75 34.17
CA GLY C 72 -7.64 28.11 35.61
C GLY C 72 -7.11 27.19 36.69
N ALA C 73 -6.65 26.00 36.33
CA ALA C 73 -6.15 25.05 37.33
C ALA C 73 -4.70 25.28 37.76
N GLU C 74 -4.41 24.88 39.01
CA GLU C 74 -3.06 24.91 39.54
C GLU C 74 -2.62 23.49 39.19
N ILE C 75 -1.37 23.32 38.78
CA ILE C 75 -0.90 22.01 38.31
C ILE C 75 0.45 21.50 38.85
N ARG C 76 0.46 20.21 39.19
CA ARG C 76 1.66 19.51 39.61
C ARG C 76 1.71 18.36 38.64
N TRP C 77 2.89 18.07 38.06
CA TRP C 77 2.95 17.04 37.02
C TRP C 77 4.18 16.18 37.09
N CYS C 78 4.07 14.95 36.57
CA CYS C 78 5.18 14.01 36.49
C CYS C 78 4.95 13.11 35.27
N SER C 79 5.93 12.26 34.96
CA SER C 79 5.81 11.33 33.81
C SER C 79 5.37 9.97 34.31
N CYS C 80 4.85 9.17 33.39
CA CYS C 80 4.38 7.82 33.70
C CYS C 80 5.36 6.77 33.16
N ASN C 81 6.59 7.21 32.87
CA ASN C 81 7.65 6.35 32.37
C ASN C 81 9.00 7.07 32.57
N ILE C 82 10.00 6.30 32.98
CA ILE C 82 11.33 6.83 33.25
C ILE C 82 12.13 7.36 32.05
N TYR C 83 11.77 6.93 30.83
CA TYR C 83 12.50 7.33 29.61
C TYR C 83 11.76 8.28 28.67
N SER C 84 10.50 8.58 28.93
CA SER C 84 9.70 9.40 28.02
C SER C 84 9.73 10.91 28.18
N THR C 85 10.25 11.42 29.29
CA THR C 85 10.26 12.88 29.47
C THR C 85 11.22 13.60 28.48
N GLN C 86 10.76 14.74 27.93
CA GLN C 86 11.58 15.59 27.06
C GLN C 86 11.91 16.77 27.94
N ASP C 87 13.16 16.82 28.37
CA ASP C 87 13.63 17.86 29.30
C ASP C 87 13.33 19.28 28.88
N HIS C 88 13.37 19.55 27.57
CA HIS C 88 13.08 20.91 27.08
C HIS C 88 11.59 21.24 27.23
N ALA C 89 10.73 20.22 27.15
CA ALA C 89 9.29 20.42 27.36
C ALA C 89 9.02 20.73 28.85
N ALA C 90 9.67 19.98 29.73
CA ALA C 90 9.55 20.17 31.19
C ALA C 90 9.93 21.57 31.60
N ALA C 91 11.10 22.01 31.13
CA ALA C 91 11.64 23.35 31.44
C ALA C 91 10.72 24.50 31.04
N ALA C 92 10.00 24.33 29.94
CA ALA C 92 9.08 25.37 29.47
C ALA C 92 8.03 25.64 30.53
N LEU C 93 7.42 24.56 31.03
CA LEU C 93 6.38 24.66 32.05
C LEU C 93 6.85 25.36 33.33
N VAL C 94 8.06 25.03 33.77
CA VAL C 94 8.62 25.61 34.99
C VAL C 94 9.01 27.08 34.79
N LYS C 95 9.63 27.38 33.66
CA LYS C 95 10.05 28.75 33.34
C LYS C 95 8.84 29.70 33.33
N LYS C 96 7.77 29.32 32.63
CA LYS C 96 6.54 30.13 32.56
C LYS C 96 5.62 29.99 33.79
N ASN C 97 6.05 29.21 34.77
CA ASN C 97 5.32 28.98 36.02
C ASN C 97 3.90 28.49 35.75
N ILE C 98 3.81 27.55 34.82
CA ILE C 98 2.55 26.93 34.41
C ILE C 98 2.23 25.73 35.30
N ALA C 99 3.27 25.05 35.78
CA ALA C 99 3.06 23.89 36.64
C ALA C 99 4.31 23.50 37.40
N THR C 100 4.13 22.90 38.57
CA THR C 100 5.24 22.41 39.38
C THR C 100 5.54 21.02 38.81
N VAL C 101 6.78 20.79 38.40
CA VAL C 101 7.18 19.55 37.72
C VAL C 101 8.26 18.68 38.39
N PHE C 102 8.02 17.38 38.42
CA PHE C 102 8.96 16.41 38.96
C PHE C 102 9.16 15.37 37.86
N ALA C 103 10.02 15.69 36.89
CA ALA C 103 10.26 14.79 35.77
C ALA C 103 11.51 15.09 34.94
N TRP C 104 12.20 14.04 34.54
CA TRP C 104 13.39 14.16 33.69
C TRP C 104 13.61 12.87 32.92
N LYS C 105 14.37 12.96 31.84
CA LYS C 105 14.64 11.79 31.02
C LYS C 105 15.71 10.96 31.71
N ASN C 106 15.49 9.64 31.72
CA ASN C 106 16.39 8.65 32.31
C ASN C 106 16.45 8.70 33.84
N GLU C 107 15.28 8.57 34.44
CA GLU C 107 15.13 8.55 35.88
C GLU C 107 15.41 7.13 36.33
N THR C 108 15.77 6.96 37.60
CA THR C 108 15.94 5.63 38.18
C THR C 108 14.52 5.24 38.56
N ILE C 109 14.26 3.96 38.80
CA ILE C 109 12.90 3.56 39.18
C ILE C 109 12.51 4.23 40.50
N GLU C 110 13.45 4.35 41.44
CA GLU C 110 13.14 5.01 42.71
C GLU C 110 12.77 6.47 42.49
N ASP C 111 13.48 7.16 41.60
CA ASP C 111 13.17 8.56 41.29
C ASP C 111 11.73 8.69 40.79
N TYR C 112 11.33 7.75 39.94
CA TYR C 112 9.98 7.74 39.38
C TYR C 112 8.94 7.83 40.48
N TRP C 113 9.01 6.90 41.44
CA TRP C 113 8.03 6.83 42.53
C TRP C 113 8.05 8.01 43.50
N VAL C 114 9.20 8.67 43.64
CA VAL C 114 9.31 9.84 44.51
C VAL C 114 8.70 11.05 43.76
N CYS C 115 8.93 11.12 42.45
CA CYS C 115 8.38 12.19 41.61
C CYS C 115 6.85 12.12 41.61
N LEU C 116 6.30 10.91 41.55
CA LEU C 116 4.85 10.72 41.57
C LEU C 116 4.25 11.13 42.91
N ASN C 117 4.88 10.71 44.00
CA ASN C 117 4.42 11.03 45.35
C ASN C 117 4.45 12.53 45.59
N ASP C 118 5.50 13.19 45.09
CA ASP C 118 5.64 14.65 45.23
C ASP C 118 4.60 15.37 44.42
N ALA C 119 4.29 14.84 43.24
CA ALA C 119 3.27 15.43 42.37
C ALA C 119 1.90 15.36 43.05
N MET C 120 1.68 14.27 43.80
CA MET C 120 0.43 14.07 44.54
C MET C 120 0.37 14.91 45.83
N THR C 121 1.51 15.41 46.31
CA THR C 121 1.55 16.20 47.55
C THR C 121 1.27 17.69 47.31
N TRP C 122 0.29 18.23 48.01
CA TRP C 122 -0.05 19.66 47.90
C TRP C 122 0.05 20.34 49.25
N ARG C 123 0.53 21.58 49.25
CA ARG C 123 0.62 22.36 50.47
C ARG C 123 -0.74 23.00 50.66
N ASN C 124 -1.21 23.08 51.90
CA ASN C 124 -2.50 23.70 52.20
C ASN C 124 -2.20 25.20 52.17
N PRO C 125 -2.88 25.97 51.27
CA PRO C 125 -2.56 27.41 51.15
C PRO C 125 -2.79 28.27 52.42
N ASN C 126 -3.94 28.96 52.51
CA ASN C 126 -4.23 29.81 53.66
C ASN C 126 -5.18 29.10 54.64
N ASP C 127 -4.74 27.95 55.12
CA ASP C 127 -5.49 27.14 56.06
C ASP C 127 -4.46 26.35 56.88
N LYS C 128 -3.40 27.05 57.29
CA LYS C 128 -2.29 26.49 58.08
C LYS C 128 -1.62 25.34 57.30
N ASP C 129 -0.65 25.69 56.46
CA ASP C 129 0.06 24.73 55.59
C ASP C 129 0.51 23.38 56.19
N LYS C 130 -0.10 22.31 55.66
CA LYS C 130 0.15 20.92 56.04
C LYS C 130 -0.18 20.08 54.79
N ILE C 131 -0.41 18.78 54.94
CA ILE C 131 -0.70 17.91 53.78
C ILE C 131 -2.18 17.92 53.32
N CYS C 132 -2.36 17.99 52.00
CA CYS C 132 -3.68 17.89 51.35
C CYS C 132 -3.38 17.33 49.95
N GLY C 133 -4.39 16.84 49.23
CA GLY C 133 -4.17 16.24 47.90
C GLY C 133 -4.74 17.01 46.74
N PRO C 134 -4.76 16.37 45.55
CA PRO C 134 -5.33 16.97 44.36
C PRO C 134 -6.85 16.85 44.33
N ASN C 135 -7.48 17.62 43.45
CA ASN C 135 -8.92 17.56 43.22
C ASN C 135 -9.19 16.64 42.04
N LEU C 136 -8.30 16.71 41.05
CA LEU C 136 -8.42 15.92 39.84
C LEU C 136 -7.08 15.32 39.42
N ILE C 137 -7.16 14.18 38.73
CA ILE C 137 -5.97 13.46 38.25
C ILE C 137 -6.05 13.14 36.76
N VAL C 138 -4.95 13.36 36.05
CA VAL C 138 -4.83 13.02 34.65
C VAL C 138 -3.86 11.84 34.71
N ASP C 139 -4.33 10.66 34.34
CA ASP C 139 -3.53 9.46 34.46
C ASP C 139 -3.32 8.74 33.11
N ASP C 140 -2.15 8.13 32.97
CA ASP C 140 -1.76 7.39 31.78
C ASP C 140 -1.07 6.13 32.27
N GLY C 141 -1.83 5.05 32.35
CA GLY C 141 -1.32 3.77 32.83
C GLY C 141 -1.85 3.39 34.21
N GLY C 142 -2.46 4.33 34.91
CA GLY C 142 -3.03 4.05 36.22
C GLY C 142 -2.11 4.09 37.45
N ASP C 143 -0.83 4.49 37.28
CA ASP C 143 0.11 4.56 38.44
C ASP C 143 -0.29 5.60 39.50
N ALA C 144 -0.83 6.74 39.06
CA ALA C 144 -1.29 7.76 40.01
C ALA C 144 -2.48 7.17 40.77
N THR C 145 -3.35 6.51 40.03
CA THR C 145 -4.52 5.86 40.61
C THR C 145 -4.12 4.68 41.53
N LEU C 146 -3.06 3.95 41.16
CA LEU C 146 -2.63 2.80 41.98
C LEU C 146 -2.06 3.21 43.34
N ILE C 147 -1.16 4.21 43.35
CA ILE C 147 -0.53 4.65 44.60
C ILE C 147 -1.59 5.20 45.57
N LEU C 148 -2.62 5.83 45.03
CA LEU C 148 -3.73 6.35 45.83
C LEU C 148 -4.45 5.20 46.51
N HIS C 149 -4.86 4.21 45.71
CA HIS C 149 -5.57 3.04 46.23
C HIS C 149 -4.73 2.19 47.15
N GLU C 150 -3.49 1.91 46.77
CA GLU C 150 -2.57 1.12 47.59
C GLU C 150 -2.19 1.86 48.88
N GLY C 151 -2.23 3.19 48.83
CA GLY C 151 -1.94 4.00 50.00
C GLY C 151 -3.06 3.81 51.04
N VAL C 152 -4.30 3.93 50.57
CA VAL C 152 -5.49 3.75 51.42
C VAL C 152 -5.49 2.33 52.02
N LYS C 153 -5.14 1.35 51.20
CA LYS C 153 -5.09 -0.05 51.62
C LYS C 153 -4.02 -0.26 52.69
N ALA C 154 -2.88 0.39 52.51
CA ALA C 154 -1.76 0.30 53.45
C ALA C 154 -2.11 1.00 54.79
N GLU C 155 -2.85 2.10 54.71
CA GLU C 155 -3.26 2.84 55.90
C GLU C 155 -4.27 2.08 56.76
N ILE C 156 -5.23 1.42 56.12
CA ILE C 156 -6.25 0.63 56.86
C ILE C 156 -5.57 -0.57 57.51
N GLU C 157 -4.65 -1.21 56.78
CA GLU C 157 -3.89 -2.37 57.27
C GLU C 157 -2.97 -1.96 58.44
N TYR C 158 -2.50 -0.71 58.42
CA TYR C 158 -1.63 -0.16 59.46
C TYR C 158 -2.35 0.03 60.80
N GLU C 159 -3.59 0.50 60.75
CA GLU C 159 -4.39 0.69 61.98
C GLU C 159 -4.79 -0.63 62.63
N LYS C 160 -4.99 -1.67 61.81
CA LYS C 160 -5.37 -3.01 62.30
C LYS C 160 -4.41 -3.52 63.39
N TYR C 161 -3.13 -3.64 63.06
CA TYR C 161 -2.10 -4.12 64.00
C TYR C 161 -1.28 -3.00 64.66
N ASN C 162 -1.50 -1.75 64.24
CA ASN C 162 -0.78 -0.57 64.77
C ASN C 162 0.75 -0.66 64.53
N LYS C 163 1.11 -1.18 63.36
CA LYS C 163 2.51 -1.33 62.96
C LYS C 163 2.57 -1.41 61.42
N ILE C 164 3.76 -1.35 60.85
CA ILE C 164 3.94 -1.42 59.41
C ILE C 164 3.51 -2.80 58.89
N PRO C 165 2.64 -2.86 57.84
CA PRO C 165 2.21 -4.15 57.26
C PRO C 165 3.38 -4.98 56.75
N GLU C 166 3.38 -6.28 57.07
CA GLU C 166 4.47 -7.17 56.67
C GLU C 166 4.76 -7.24 55.15
N TYR C 167 3.73 -7.07 54.32
CA TYR C 167 3.93 -7.14 52.84
C TYR C 167 4.71 -5.95 52.24
N LEU C 168 4.77 -4.82 52.94
CA LEU C 168 5.52 -3.64 52.47
C LEU C 168 7.03 -3.79 52.64
N GLU C 169 7.44 -4.27 53.81
CA GLU C 169 8.87 -4.45 54.16
C GLU C 169 9.58 -5.59 53.42
N THR C 170 8.84 -6.66 53.13
CA THR C 170 9.41 -7.82 52.44
C THR C 170 9.73 -7.57 50.96
N GLU C 171 10.73 -8.31 50.47
CA GLU C 171 11.13 -8.27 49.05
C GLU C 171 10.46 -9.39 48.24
N LEU C 172 9.84 -10.33 48.93
CA LEU C 172 9.16 -11.47 48.28
C LEU C 172 7.67 -11.16 48.07
N ASP C 173 6.98 -12.07 47.40
CA ASP C 173 5.55 -11.93 47.11
C ASP C 173 4.77 -13.14 47.63
N GLU C 174 3.52 -13.26 47.18
CA GLU C 174 2.65 -14.39 47.55
C GLU C 174 3.30 -15.76 47.23
N ASN C 175 3.94 -15.84 46.06
CA ASN C 175 4.59 -17.07 45.59
C ASN C 175 5.91 -17.34 46.30
N GLY C 176 6.82 -16.37 46.22
CA GLY C 176 8.16 -16.49 46.82
C GLY C 176 9.25 -15.85 45.96
N LYS C 177 8.90 -15.43 44.74
CA LYS C 177 9.86 -14.80 43.82
C LYS C 177 10.01 -13.30 44.12
N GLN C 178 11.11 -12.73 43.64
CA GLN C 178 11.47 -11.33 43.85
C GLN C 178 10.44 -10.35 43.27
N LEU C 179 10.02 -9.36 44.05
CA LEU C 179 9.06 -8.34 43.59
C LEU C 179 9.68 -7.47 42.50
N SER C 180 8.84 -6.90 41.63
CA SER C 180 9.33 -6.02 40.56
C SER C 180 9.91 -4.78 41.23
N MET C 181 10.95 -4.20 40.60
CA MET C 181 11.57 -3.00 41.16
C MET C 181 10.50 -1.88 41.32
N ASP C 182 9.55 -1.81 40.39
CA ASP C 182 8.47 -0.81 40.48
C ASP C 182 7.67 -0.95 41.78
N LEU C 183 7.36 -2.19 42.18
CA LEU C 183 6.63 -2.43 43.43
C LEU C 183 7.44 -2.15 44.69
N LYS C 184 8.71 -2.58 44.68
CA LYS C 184 9.59 -2.36 45.83
C LYS C 184 9.76 -0.88 46.16
N CYS C 185 9.87 -0.05 45.11
CA CYS C 185 10.01 1.41 45.30
C CYS C 185 8.67 2.04 45.69
N MET C 186 7.56 1.51 45.16
CA MET C 186 6.25 2.04 45.53
C MET C 186 6.01 1.76 47.01
N TYR C 187 6.30 0.53 47.44
CA TYR C 187 6.13 0.15 48.85
C TYR C 187 7.07 0.93 49.78
N LYS C 188 8.28 1.20 49.31
CA LYS C 188 9.30 1.95 50.07
C LYS C 188 8.75 3.36 50.36
N VAL C 189 8.06 3.94 49.38
CA VAL C 189 7.45 5.26 49.49
C VAL C 189 6.22 5.21 50.41
N LEU C 190 5.39 4.18 50.27
CA LEU C 190 4.19 4.05 51.12
C LEU C 190 4.57 3.85 52.59
N LYS C 191 5.63 3.09 52.83
CA LYS C 191 6.12 2.86 54.19
C LYS C 191 6.58 4.19 54.79
N MET C 192 7.29 4.97 53.98
CA MET C 192 7.80 6.27 54.40
C MET C 192 6.66 7.23 54.76
N GLU C 193 5.58 7.21 53.96
CA GLU C 193 4.43 8.08 54.23
C GLU C 193 3.58 7.65 55.44
N LEU C 194 3.61 6.36 55.78
CA LEU C 194 2.88 5.86 56.96
C LEU C 194 3.55 6.40 58.23
N LEU C 195 4.87 6.56 58.18
CA LEU C 195 5.64 7.08 59.30
C LEU C 195 5.48 8.60 59.42
N LYS C 196 5.40 9.30 58.29
CA LYS C 196 5.19 10.77 58.31
C LYS C 196 3.77 11.10 58.77
N ASN C 197 2.78 10.52 58.09
CA ASN C 197 1.36 10.74 58.40
C ASN C 197 0.50 9.58 57.88
N PRO C 198 -0.06 8.77 58.80
CA PRO C 198 -0.88 7.63 58.39
C PRO C 198 -2.33 7.95 57.92
N PHE C 199 -2.72 9.22 57.92
CA PHE C 199 -4.05 9.65 57.45
C PHE C 199 -3.99 10.36 56.08
N ARG C 200 -2.79 10.42 55.50
CA ARG C 200 -2.54 11.09 54.20
C ARG C 200 -3.48 10.73 53.05
N TRP C 201 -3.48 9.47 52.67
CA TRP C 201 -4.26 8.99 51.52
C TRP C 201 -5.79 9.09 51.70
N ARG C 202 -6.29 8.72 52.87
CA ARG C 202 -7.72 8.81 53.14
C ARG C 202 -8.18 10.28 53.25
N GLY C 203 -7.24 11.17 53.60
CA GLY C 203 -7.52 12.60 53.70
C GLY C 203 -7.72 13.24 52.33
N MET C 204 -7.12 12.64 51.30
CA MET C 204 -7.25 13.14 49.92
C MET C 204 -8.65 12.89 49.34
N LEU C 205 -9.28 11.80 49.77
CA LEU C 205 -10.59 11.41 49.24
C LEU C 205 -11.68 12.44 49.39
N LYS C 206 -11.68 13.20 50.48
CA LYS C 206 -12.74 14.19 50.68
C LYS C 206 -12.77 15.27 49.58
N ASP C 207 -11.59 15.71 49.14
CA ASP C 207 -11.49 16.73 48.09
C ASP C 207 -11.10 16.18 46.70
N LEU C 208 -11.12 14.85 46.53
CA LEU C 208 -10.76 14.23 45.25
C LEU C 208 -12.06 13.94 44.48
N TYR C 209 -12.19 14.49 43.27
CA TYR C 209 -13.43 14.37 42.48
C TYR C 209 -13.42 13.55 41.20
N GLY C 210 -12.28 12.98 40.83
CA GLY C 210 -12.20 12.16 39.62
C GLY C 210 -10.84 12.05 38.95
N VAL C 211 -10.75 11.11 38.02
CA VAL C 211 -9.54 10.85 37.25
C VAL C 211 -9.89 10.50 35.80
N SER C 212 -9.13 11.04 34.86
CA SER C 212 -9.34 10.74 33.43
C SER C 212 -8.17 9.85 32.98
N GLU C 213 -8.49 8.66 32.50
CA GLU C 213 -7.45 7.70 32.08
C GLU C 213 -7.24 7.73 30.57
N GLU C 214 -5.96 7.78 30.19
CA GLU C 214 -5.50 7.91 28.80
C GLU C 214 -5.34 6.64 27.97
N THR C 215 -4.87 5.55 28.57
CA THR C 215 -4.55 4.34 27.78
C THR C 215 -5.25 3.06 28.18
N THR C 216 -5.23 2.11 27.23
CA THR C 216 -5.87 0.80 27.35
C THR C 216 -5.54 0.04 28.63
N THR C 217 -4.25 0.00 29.01
CA THR C 217 -3.82 -0.71 30.23
C THR C 217 -4.36 -0.04 31.49
N GLY C 218 -4.42 1.29 31.52
CA GLY C 218 -4.96 2.00 32.67
C GLY C 218 -6.46 1.75 32.85
N VAL C 219 -7.18 1.68 31.72
CA VAL C 219 -8.63 1.42 31.71
C VAL C 219 -8.93 0.04 32.26
N LEU C 220 -8.11 -0.94 31.90
CA LEU C 220 -8.27 -2.32 32.38
C LEU C 220 -8.17 -2.35 33.89
N ARG C 221 -7.19 -1.65 34.44
CA ARG C 221 -7.05 -1.56 35.87
C ARG C 221 -8.27 -0.91 36.50
N LEU C 222 -8.77 0.16 35.87
CA LEU C 222 -9.95 0.85 36.39
C LEU C 222 -11.21 -0.03 36.35
N LYS C 223 -11.37 -0.83 35.30
CA LYS C 223 -12.54 -1.71 35.21
C LYS C 223 -12.53 -2.83 36.25
N ILE C 224 -11.35 -3.33 36.59
CA ILE C 224 -11.22 -4.38 37.62
C ILE C 224 -11.69 -3.81 38.96
N MET C 225 -11.14 -2.67 39.35
CA MET C 225 -11.54 -1.99 40.59
C MET C 225 -13.05 -1.71 40.64
N GLU C 226 -13.63 -1.32 39.51
CA GLU C 226 -15.05 -1.02 39.42
C GLU C 226 -15.90 -2.25 39.71
N SER C 227 -15.58 -3.39 39.09
CA SER C 227 -16.34 -4.63 39.26
C SER C 227 -16.18 -5.23 40.65
N GLU C 228 -15.04 -4.99 41.29
CA GLU C 228 -14.78 -5.47 42.66
C GLU C 228 -15.29 -4.47 43.70
N GLY C 229 -15.88 -3.36 43.26
CA GLY C 229 -16.40 -2.34 44.15
C GLY C 229 -15.32 -1.64 44.96
N LYS C 230 -14.12 -1.52 44.40
CA LYS C 230 -12.98 -0.89 45.10
C LYS C 230 -12.57 0.46 44.54
N LEU C 231 -13.30 0.96 43.54
CA LEU C 231 -12.97 2.25 42.93
C LEU C 231 -13.35 3.35 43.93
N LEU C 232 -12.37 4.19 44.26
CA LEU C 232 -12.55 5.23 45.28
C LEU C 232 -12.88 6.63 44.76
N LEU C 233 -12.95 6.79 43.44
CA LEU C 233 -13.27 8.09 42.83
C LEU C 233 -13.89 7.87 41.47
N PRO C 234 -14.68 8.83 40.97
CA PRO C 234 -15.26 8.66 39.64
C PRO C 234 -14.16 8.67 38.60
N ALA C 235 -14.42 8.06 37.44
CA ALA C 235 -13.41 8.02 36.39
C ALA C 235 -13.97 8.11 34.98
N ILE C 236 -13.15 8.64 34.08
CA ILE C 236 -13.52 8.76 32.70
C ILE C 236 -12.49 8.03 31.87
N ASN C 237 -12.99 7.17 30.99
CA ASN C 237 -12.17 6.40 30.09
C ASN C 237 -11.99 7.19 28.81
N VAL C 238 -10.89 7.92 28.73
CA VAL C 238 -10.58 8.75 27.57
C VAL C 238 -10.09 7.89 26.40
N ASN C 239 -9.38 6.80 26.73
CA ASN C 239 -8.83 5.89 25.70
C ASN C 239 -9.85 5.37 24.69
N ASP C 240 -11.03 5.01 25.16
CA ASP C 240 -12.05 4.43 24.28
C ASP C 240 -12.97 5.41 23.53
N SER C 241 -12.59 6.70 23.51
CA SER C 241 -13.32 7.66 22.69
C SER C 241 -12.91 7.31 21.27
N VAL C 242 -13.83 7.45 20.33
CA VAL C 242 -13.52 7.15 18.94
C VAL C 242 -12.32 7.98 18.47
N THR C 243 -12.33 9.29 18.78
CA THR C 243 -11.25 10.19 18.35
C THR C 243 -9.91 9.97 19.04
N LYS C 244 -9.85 9.01 19.96
CA LYS C 244 -8.60 8.68 20.64
C LYS C 244 -8.12 7.30 20.17
N SER C 245 -8.86 6.24 20.51
CA SER C 245 -8.42 4.87 20.15
C SER C 245 -8.20 4.61 18.66
N LYS C 246 -9.05 5.15 17.79
CA LYS C 246 -8.91 4.94 16.35
C LYS C 246 -7.81 5.77 15.70
N PHE C 247 -7.32 6.81 16.40
CA PHE C 247 -6.29 7.70 15.84
C PHE C 247 -4.95 7.60 16.54
N ASP C 248 -4.95 7.86 17.84
CA ASP C 248 -3.76 7.77 18.66
C ASP C 248 -3.16 6.39 18.58
N ASN C 249 -3.89 5.40 19.09
CA ASN C 249 -3.38 4.02 19.17
C ASN C 249 -2.91 3.44 17.83
N THR C 250 -3.68 3.68 16.78
CA THR C 250 -3.36 3.13 15.46
C THR C 250 -2.46 4.03 14.62
N TYR C 251 -3.01 5.15 14.15
CA TYR C 251 -2.24 6.05 13.29
C TYR C 251 -1.04 6.71 13.95
N GLY C 252 -1.14 6.99 15.25
CA GLY C 252 -0.03 7.58 15.97
C GLY C 252 1.15 6.62 15.93
N CYS C 253 0.88 5.35 16.24
CA CYS C 253 1.91 4.32 16.25
C CYS C 253 2.52 4.06 14.88
N ARG C 254 1.70 4.15 13.83
CA ARG C 254 2.20 3.94 12.47
C ARG C 254 3.46 4.77 12.21
N GLN C 255 3.47 6.00 12.73
CA GLN C 255 4.61 6.89 12.59
C GLN C 255 5.63 6.79 13.75
N SER C 256 5.16 6.83 15.00
CA SER C 256 6.06 6.84 16.16
C SER C 256 6.87 5.53 16.36
N LEU C 257 6.31 4.38 16.00
CA LEU C 257 7.07 3.11 16.07
C LEU C 257 8.28 3.18 15.18
N LEU C 258 8.04 3.61 13.93
CA LEU C 258 9.11 3.75 12.95
C LEU C 258 10.17 4.71 13.45
N HIS C 259 9.74 5.85 13.99
CA HIS C 259 10.69 6.83 14.48
C HIS C 259 11.56 6.16 15.53
N GLY C 260 10.92 5.40 16.42
CA GLY C 260 11.59 4.66 17.49
C GLY C 260 12.54 3.61 16.98
N LEU C 261 12.11 2.85 15.97
CA LEU C 261 12.98 1.81 15.41
C LEU C 261 14.14 2.42 14.64
N PHE C 262 13.91 3.50 13.90
CA PHE C 262 15.02 4.10 13.15
C PHE C 262 16.14 4.61 14.08
N ASN C 263 15.74 5.25 15.19
CA ASN C 263 16.69 5.77 16.17
C ASN C 263 17.42 4.69 16.96
N GLY C 264 16.73 3.60 17.30
CA GLY C 264 17.33 2.54 18.10
C GLY C 264 17.98 1.41 17.34
N CYS C 265 17.36 1.03 16.22
CA CYS C 265 17.84 -0.05 15.36
C CYS C 265 18.49 0.56 14.13
N ILE C 266 19.77 0.27 13.93
CA ILE C 266 20.52 0.82 12.78
C ILE C 266 20.18 0.13 11.43
N GLN C 267 19.61 -1.07 11.50
CA GLN C 267 19.31 -1.87 10.31
C GLN C 267 18.14 -1.42 9.45
N MET C 268 18.14 -1.93 8.22
CA MET C 268 17.11 -1.64 7.24
C MET C 268 15.92 -2.54 7.53
N LEU C 269 14.75 -1.95 7.65
CA LEU C 269 13.53 -2.71 7.95
C LEU C 269 12.99 -3.45 6.72
N ALA C 270 13.35 -2.99 5.52
CA ALA C 270 12.87 -3.64 4.29
C ALA C 270 13.36 -5.08 4.09
N GLY C 271 12.40 -5.94 3.74
CA GLY C 271 12.66 -7.36 3.50
C GLY C 271 12.83 -8.20 4.76
N LYS C 272 12.86 -7.56 5.93
CA LYS C 272 13.06 -8.29 7.16
C LYS C 272 11.76 -8.89 7.63
N LYS C 273 11.87 -9.99 8.36
CA LYS C 273 10.70 -10.62 8.95
C LYS C 273 10.55 -9.89 10.28
N ILE C 274 9.48 -9.15 10.45
CA ILE C 274 9.27 -8.43 11.69
C ILE C 274 8.00 -8.98 12.29
N VAL C 275 8.10 -9.48 13.51
CA VAL C 275 6.96 -10.07 14.19
C VAL C 275 6.27 -9.02 15.03
N VAL C 276 4.97 -8.87 14.83
CA VAL C 276 4.17 -7.93 15.60
C VAL C 276 3.25 -8.79 16.48
N LEU C 277 3.56 -8.83 17.77
CA LEU C 277 2.79 -9.63 18.73
C LEU C 277 1.60 -8.80 19.24
N GLY C 278 0.39 -9.20 18.82
CA GLY C 278 -0.83 -8.50 19.15
C GLY C 278 -1.24 -7.70 17.92
N TYR C 279 -2.47 -7.89 17.45
CA TYR C 279 -2.96 -7.13 16.28
C TYR C 279 -4.25 -6.41 16.65
N GLY C 280 -4.18 -5.67 17.76
CA GLY C 280 -5.28 -4.86 18.26
C GLY C 280 -5.14 -3.47 17.66
N GLU C 281 -5.56 -2.45 18.41
CA GLU C 281 -5.50 -1.09 17.86
C GLU C 281 -4.06 -0.56 17.63
N VAL C 282 -3.13 -0.96 18.49
CA VAL C 282 -1.72 -0.56 18.39
C VAL C 282 -1.00 -1.41 17.35
N GLY C 283 -1.25 -2.72 17.37
CA GLY C 283 -0.64 -3.65 16.44
C GLY C 283 -0.99 -3.35 15.00
N LYS C 284 -2.27 -3.05 14.74
CA LYS C 284 -2.73 -2.72 13.40
C LYS C 284 -1.92 -1.56 12.84
N GLY C 285 -1.68 -0.55 13.69
CA GLY C 285 -0.89 0.61 13.30
C GLY C 285 0.57 0.28 13.07
N CYS C 286 1.14 -0.56 13.95
CA CYS C 286 2.54 -0.97 13.81
C CYS C 286 2.76 -1.73 12.50
N ALA C 287 1.89 -2.69 12.21
CA ALA C 287 2.00 -3.49 10.99
C ALA C 287 1.88 -2.63 9.72
N GLN C 288 1.02 -1.63 9.78
CA GLN C 288 0.76 -0.76 8.62
C GLN C 288 2.02 0.08 8.26
N GLY C 289 2.73 0.56 9.28
CA GLY C 289 3.93 1.35 9.10
C GLY C 289 5.11 0.51 8.63
N LEU C 290 5.27 -0.68 9.21
CA LEU C 290 6.35 -1.60 8.85
C LEU C 290 6.22 -2.02 7.37
N SER C 291 4.99 -2.28 6.92
CA SER C 291 4.75 -2.62 5.51
C SER C 291 5.05 -1.44 4.61
N GLY C 292 4.67 -0.24 5.08
CA GLY C 292 4.90 0.98 4.33
C GLY C 292 6.36 1.18 3.94
N VAL C 293 7.28 0.66 4.75
CA VAL C 293 8.72 0.77 4.48
C VAL C 293 9.35 -0.55 3.99
N GLY C 294 8.53 -1.43 3.45
CA GLY C 294 8.99 -2.71 2.88
C GLY C 294 9.19 -3.96 3.73
N ALA C 295 8.77 -3.93 5.00
CA ALA C 295 8.96 -5.10 5.89
C ALA C 295 7.94 -6.17 5.63
N ARG C 296 8.30 -7.41 5.91
CA ARG C 296 7.39 -8.54 5.79
C ARG C 296 6.91 -8.81 7.21
N VAL C 297 5.71 -8.36 7.51
CA VAL C 297 5.13 -8.51 8.83
C VAL C 297 4.49 -9.87 9.05
N ILE C 298 4.74 -10.42 10.24
CA ILE C 298 4.22 -11.69 10.69
C ILE C 298 3.54 -11.38 12.01
N VAL C 299 2.26 -11.71 12.12
CA VAL C 299 1.44 -11.41 13.31
C VAL C 299 1.19 -12.61 14.21
N THR C 300 1.11 -12.35 15.52
CA THR C 300 0.70 -13.39 16.48
C THR C 300 -0.54 -12.81 17.16
N GLU C 301 -1.50 -13.69 17.46
CA GLU C 301 -2.75 -13.30 18.12
C GLU C 301 -3.43 -14.45 18.84
N ILE C 302 -4.18 -14.08 19.87
CA ILE C 302 -4.98 -15.01 20.66
C ILE C 302 -6.43 -14.92 20.19
N ASP C 303 -6.81 -13.76 19.66
CA ASP C 303 -8.18 -13.50 19.24
C ASP C 303 -8.43 -13.91 17.79
N PRO C 304 -9.33 -14.89 17.56
CA PRO C 304 -9.59 -15.33 16.19
C PRO C 304 -10.10 -14.22 15.26
N ILE C 305 -10.83 -13.24 15.79
CA ILE C 305 -11.32 -12.13 14.98
C ILE C 305 -10.13 -11.27 14.51
N CYS C 306 -9.26 -10.87 15.45
CA CYS C 306 -8.08 -10.06 15.11
C CYS C 306 -7.14 -10.81 14.18
N ALA C 307 -6.98 -12.11 14.41
CA ALA C 307 -6.13 -12.95 13.56
C ALA C 307 -6.60 -12.89 12.10
N LEU C 308 -7.91 -13.02 11.88
CA LEU C 308 -8.48 -12.94 10.52
C LEU C 308 -8.31 -11.57 9.90
N GLN C 309 -8.36 -10.52 10.70
CA GLN C 309 -8.16 -9.17 10.18
C GLN C 309 -6.75 -9.03 9.60
N ALA C 310 -5.76 -9.51 10.35
CA ALA C 310 -4.37 -9.43 9.90
C ALA C 310 -4.24 -10.22 8.61
N SER C 311 -4.88 -11.37 8.57
CA SER C 311 -4.86 -12.22 7.40
C SER C 311 -5.43 -11.49 6.19
N MET C 312 -6.51 -10.73 6.39
CA MET C 312 -7.15 -9.96 5.30
C MET C 312 -6.27 -8.82 4.80
N GLU C 313 -5.30 -8.38 5.61
CA GLU C 313 -4.37 -7.33 5.20
C GLU C 313 -3.08 -7.90 4.59
N GLY C 314 -3.07 -9.20 4.29
CA GLY C 314 -1.91 -9.85 3.66
C GLY C 314 -0.81 -10.34 4.57
N TYR C 315 -1.09 -10.40 5.88
CA TYR C 315 -0.07 -10.83 6.83
C TYR C 315 -0.22 -12.28 7.28
N GLN C 316 0.93 -12.94 7.38
CA GLN C 316 1.04 -14.31 7.90
C GLN C 316 0.73 -14.27 9.41
N VAL C 317 -0.02 -15.26 9.91
CA VAL C 317 -0.33 -15.34 11.35
C VAL C 317 0.19 -16.66 11.90
N SER C 318 1.25 -16.58 12.70
CA SER C 318 1.94 -17.73 13.30
C SER C 318 2.00 -17.61 14.82
N VAL C 319 2.46 -18.69 15.46
CA VAL C 319 2.70 -18.68 16.90
C VAL C 319 4.19 -18.32 17.02
N LEU C 320 4.57 -17.65 18.09
CA LEU C 320 5.96 -17.22 18.27
C LEU C 320 6.97 -18.36 18.15
N GLU C 321 6.65 -19.50 18.74
CA GLU C 321 7.55 -20.68 18.73
C GLU C 321 8.00 -21.16 17.34
N ASP C 322 7.17 -20.95 16.30
CA ASP C 322 7.49 -21.38 14.93
C ASP C 322 8.32 -20.41 14.12
N VAL C 323 8.42 -19.16 14.55
CA VAL C 323 9.20 -18.16 13.81
C VAL C 323 10.31 -17.50 14.64
N VAL C 324 10.39 -17.82 15.94
CA VAL C 324 11.39 -17.20 16.81
C VAL C 324 12.85 -17.33 16.34
N SER C 325 13.16 -18.40 15.62
CA SER C 325 14.53 -18.64 15.11
C SER C 325 14.90 -17.96 13.78
N GLU C 326 13.89 -17.69 12.95
CA GLU C 326 14.06 -17.04 11.63
C GLU C 326 13.79 -15.55 11.61
N ALA C 327 12.94 -15.06 12.51
CA ALA C 327 12.58 -13.63 12.53
C ALA C 327 13.74 -12.73 12.88
N ASP C 328 13.67 -11.52 12.34
CA ASP C 328 14.73 -10.52 12.52
C ASP C 328 14.45 -9.51 13.61
N ILE C 329 13.18 -9.13 13.76
CA ILE C 329 12.78 -8.13 14.75
C ILE C 329 11.47 -8.55 15.39
N PHE C 330 11.32 -8.23 16.69
CA PHE C 330 10.15 -8.56 17.48
C PHE C 330 9.62 -7.30 18.15
N ILE C 331 8.33 -7.01 17.94
CA ILE C 331 7.66 -5.84 18.48
C ILE C 331 6.44 -6.31 19.28
N THR C 332 6.45 -6.12 20.60
CA THR C 332 5.32 -6.55 21.43
C THR C 332 4.32 -5.40 21.61
N ALA C 333 3.05 -5.68 21.27
CA ALA C 333 1.97 -4.70 21.37
C ALA C 333 0.69 -5.37 21.89
N THR C 334 0.83 -6.22 22.91
CA THR C 334 -0.28 -6.97 23.49
C THR C 334 -0.92 -6.40 24.76
N GLY C 335 -0.14 -5.69 25.57
CA GLY C 335 -0.60 -5.18 26.86
C GLY C 335 -0.67 -6.34 27.86
N ASN C 336 0.01 -7.44 27.52
CA ASN C 336 -0.01 -8.64 28.35
C ASN C 336 1.36 -8.84 28.99
N LYS C 337 1.60 -9.97 29.64
CA LYS C 337 2.90 -10.24 30.27
C LYS C 337 3.53 -11.54 29.76
N ASP C 338 4.85 -11.55 29.79
CA ASP C 338 5.67 -12.70 29.39
C ASP C 338 5.32 -13.22 28.01
N VAL C 339 5.18 -12.29 27.07
CA VAL C 339 4.88 -12.64 25.68
C VAL C 339 6.19 -13.10 25.03
N ILE C 340 7.30 -12.48 25.43
CA ILE C 340 8.66 -12.85 24.98
C ILE C 340 9.45 -13.21 26.25
N THR C 341 9.77 -14.50 26.38
CA THR C 341 10.47 -15.04 27.52
C THR C 341 11.95 -15.21 27.26
N VAL C 342 12.71 -15.45 28.33
CA VAL C 342 14.15 -15.67 28.24
C VAL C 342 14.42 -16.85 27.30
N GLU C 343 13.59 -17.89 27.39
CA GLU C 343 13.72 -19.08 26.55
C GLU C 343 13.47 -18.77 25.07
N HIS C 344 12.57 -17.83 24.77
CA HIS C 344 12.35 -17.43 23.37
C HIS C 344 13.61 -16.72 22.87
N MET C 345 14.14 -15.84 23.71
CA MET C 345 15.35 -15.05 23.39
C MET C 345 16.60 -15.89 23.13
N ARG C 346 16.73 -17.03 23.81
CA ARG C 346 17.90 -17.90 23.61
C ARG C 346 17.89 -18.58 22.23
N LYS C 347 16.73 -18.68 21.61
CA LYS C 347 16.58 -19.31 20.29
C LYS C 347 16.72 -18.31 19.11
N MET C 348 16.62 -17.00 19.40
CA MET C 348 16.71 -15.97 18.35
C MET C 348 18.05 -15.96 17.63
N LYS C 349 18.04 -15.43 16.40
CA LYS C 349 19.26 -15.36 15.59
C LYS C 349 20.17 -14.25 16.11
N GLU C 350 21.43 -14.27 15.65
CA GLU C 350 22.42 -13.29 16.04
C GLU C 350 21.94 -11.88 15.71
N ASN C 351 22.11 -10.98 16.69
CA ASN C 351 21.75 -9.56 16.58
C ASN C 351 20.28 -9.26 16.27
N ALA C 352 19.40 -10.14 16.72
CA ALA C 352 17.97 -9.92 16.55
C ALA C 352 17.60 -8.75 17.47
N TYR C 353 16.65 -7.93 17.02
CA TYR C 353 16.19 -6.77 17.78
C TYR C 353 14.85 -7.06 18.47
N ILE C 354 14.73 -6.60 19.71
CA ILE C 354 13.52 -6.81 20.51
C ILE C 354 13.01 -5.46 21.00
N ALA C 355 11.73 -5.19 20.79
CA ALA C 355 11.15 -3.94 21.25
C ALA C 355 9.74 -4.16 21.76
N ASN C 356 9.30 -3.23 22.61
CA ASN C 356 7.97 -3.25 23.20
C ASN C 356 7.35 -1.89 22.99
N ILE C 357 6.09 -1.87 22.56
CA ILE C 357 5.37 -0.62 22.34
C ILE C 357 4.12 -0.58 23.24
N GLY C 358 3.96 -1.60 24.08
CA GLY C 358 2.86 -1.65 25.05
C GLY C 358 3.23 -0.72 26.20
N HIS C 359 2.29 -0.47 27.10
CA HIS C 359 2.54 0.50 28.19
C HIS C 359 3.62 0.11 29.21
N PHE C 360 3.60 -1.14 29.67
CA PHE C 360 4.59 -1.59 30.67
C PHE C 360 5.65 -2.51 30.08
N ASP C 361 6.72 -2.67 30.84
CA ASP C 361 7.85 -3.54 30.47
C ASP C 361 7.67 -5.01 30.88
N ASP C 362 6.43 -5.43 31.17
CA ASP C 362 6.16 -6.83 31.55
C ASP C 362 6.03 -7.75 30.35
N GLU C 363 5.84 -7.19 29.15
CA GLU C 363 5.65 -8.01 27.95
C GLU C 363 6.89 -8.84 27.63
N ILE C 364 8.05 -8.23 27.73
CA ILE C 364 9.31 -8.91 27.50
C ILE C 364 9.84 -9.20 28.88
N ASP C 365 10.40 -10.40 29.09
CA ASP C 365 10.96 -10.74 30.39
C ASP C 365 12.37 -10.13 30.52
N VAL C 366 12.40 -8.84 30.84
CA VAL C 366 13.64 -8.09 30.97
C VAL C 366 14.41 -8.46 32.24
N TYR C 367 13.69 -8.64 33.34
CA TYR C 367 14.32 -8.99 34.61
C TYR C 367 15.06 -10.33 34.47
N GLY C 368 14.38 -11.32 33.89
CA GLY C 368 14.99 -12.64 33.67
C GLY C 368 16.20 -12.59 32.73
N LEU C 369 16.15 -11.66 31.76
CA LEU C 369 17.25 -11.47 30.80
C LEU C 369 18.48 -10.86 31.48
N GLU C 370 18.24 -9.76 32.20
CA GLU C 370 19.30 -9.05 32.91
C GLU C 370 19.93 -9.85 34.03
N ASN C 371 19.20 -10.84 34.55
CA ASN C 371 19.68 -11.68 35.66
C ASN C 371 19.93 -13.13 35.25
N TYR C 372 20.13 -13.38 33.95
CA TYR C 372 20.43 -14.73 33.49
C TYR C 372 21.86 -14.99 33.95
N PRO C 373 22.13 -16.16 34.56
CA PRO C 373 23.50 -16.43 35.01
C PRO C 373 24.57 -16.16 33.94
N GLY C 374 25.54 -15.32 34.28
CA GLY C 374 26.64 -14.98 33.36
C GLY C 374 26.28 -14.27 32.07
N ILE C 375 25.26 -13.40 32.10
CA ILE C 375 24.87 -12.66 30.89
C ILE C 375 25.89 -11.54 30.74
N LYS C 376 26.18 -11.16 29.49
CA LYS C 376 27.16 -10.12 29.20
C LYS C 376 26.39 -8.97 28.51
N VAL C 377 26.34 -7.80 29.12
CA VAL C 377 25.57 -6.67 28.57
C VAL C 377 26.43 -5.46 28.24
N ILE C 378 26.18 -4.83 27.09
CA ILE C 378 26.90 -3.61 26.70
C ILE C 378 25.95 -2.58 26.11
N GLU C 379 26.24 -1.31 26.35
CA GLU C 379 25.44 -0.20 25.84
C GLU C 379 25.91 0.09 24.40
N VAL C 380 24.98 0.01 23.46
CA VAL C 380 25.27 0.27 22.05
C VAL C 380 25.19 1.76 21.80
N LYS C 381 24.22 2.38 22.45
CA LYS C 381 23.98 3.82 22.43
C LYS C 381 22.99 4.16 23.54
N GLN C 382 22.61 5.43 23.68
CA GLN C 382 21.66 5.82 24.72
C GLN C 382 20.36 4.99 24.56
N ASN C 383 20.01 4.29 25.64
CA ASN C 383 18.80 3.46 25.69
C ASN C 383 18.72 2.28 24.68
N VAL C 384 19.87 1.67 24.38
CA VAL C 384 19.96 0.50 23.51
C VAL C 384 21.03 -0.42 24.09
N HIS C 385 20.68 -1.67 24.34
CA HIS C 385 21.63 -2.60 24.94
C HIS C 385 21.71 -3.95 24.23
N LYS C 386 22.93 -4.49 24.14
CA LYS C 386 23.16 -5.79 23.52
C LYS C 386 23.49 -6.82 24.61
N PHE C 387 22.66 -7.86 24.69
CA PHE C 387 22.82 -8.93 25.66
C PHE C 387 23.36 -10.16 24.96
N THR C 388 24.43 -10.74 25.51
CA THR C 388 25.07 -11.92 24.94
C THR C 388 24.98 -13.07 25.92
N PHE C 389 24.44 -14.21 25.47
CA PHE C 389 24.34 -15.39 26.32
C PHE C 389 25.69 -16.10 26.38
N PRO C 390 26.09 -16.58 27.58
CA PRO C 390 27.40 -17.19 27.74
C PRO C 390 27.63 -18.54 27.07
N ASP C 391 26.59 -19.39 26.95
CA ASP C 391 26.74 -20.74 26.35
C ASP C 391 26.81 -20.80 24.82
N THR C 392 25.99 -20.01 24.14
CA THR C 392 25.96 -19.98 22.67
C THR C 392 26.75 -18.80 22.10
N GLN C 393 27.03 -17.82 22.96
CA GLN C 393 27.74 -16.59 22.57
C GLN C 393 26.97 -15.76 21.52
N LYS C 394 25.66 -16.03 21.42
CA LYS C 394 24.79 -15.28 20.52
C LYS C 394 24.25 -14.09 21.28
N SER C 395 23.84 -13.05 20.56
CA SER C 395 23.33 -11.84 21.18
C SER C 395 21.97 -11.39 20.66
N VAL C 396 21.32 -10.54 21.45
CA VAL C 396 20.05 -9.92 21.07
C VAL C 396 20.19 -8.46 21.45
N ILE C 397 19.57 -7.58 20.68
CA ILE C 397 19.66 -6.15 20.96
C ILE C 397 18.29 -5.69 21.45
N LEU C 398 18.24 -5.24 22.70
CA LEU C 398 17.00 -4.79 23.30
C LEU C 398 16.90 -3.25 23.26
N LEU C 399 15.77 -2.74 22.80
CA LEU C 399 15.56 -1.30 22.76
C LEU C 399 14.94 -0.83 24.10
N CYS C 400 15.57 0.20 24.69
CA CYS C 400 15.22 0.85 25.97
C CYS C 400 14.61 -0.01 27.06
N LYS C 401 15.35 -1.07 27.40
CA LYS C 401 14.99 -2.01 28.47
C LYS C 401 13.54 -2.48 28.50
N GLY C 402 12.95 -2.68 27.34
CA GLY C 402 11.57 -3.16 27.25
C GLY C 402 10.47 -2.13 27.47
N ARG C 403 10.82 -0.88 27.75
CA ARG C 403 9.82 0.18 27.92
C ARG C 403 9.35 0.64 26.53
N LEU C 404 8.18 1.29 26.47
CA LEU C 404 7.62 1.73 25.18
C LEU C 404 8.62 2.45 24.30
N VAL C 405 8.95 1.78 23.19
CA VAL C 405 9.98 2.22 22.26
C VAL C 405 9.73 3.55 21.56
N ASN C 406 8.48 3.85 21.21
CA ASN C 406 8.18 5.10 20.51
C ASN C 406 8.46 6.34 21.35
N LEU C 407 8.32 6.21 22.68
CA LEU C 407 8.59 7.33 23.62
C LEU C 407 9.98 7.22 24.29
N GLY C 408 10.50 5.99 24.36
CA GLY C 408 11.81 5.73 24.94
C GLY C 408 12.98 6.08 24.03
N CYS C 409 12.89 5.67 22.76
CA CYS C 409 13.91 5.94 21.72
C CYS C 409 13.52 7.04 20.75
N ALA C 410 12.37 7.65 20.97
CA ALA C 410 11.93 8.73 20.12
C ALA C 410 11.03 9.67 20.95
N THR C 411 10.18 10.44 20.29
CA THR C 411 9.33 11.43 20.97
C THR C 411 7.84 11.10 21.07
N GLY C 412 7.47 9.86 20.77
CA GLY C 412 6.07 9.49 20.81
C GLY C 412 5.32 9.99 19.60
N HIS C 413 4.00 9.94 19.67
CA HIS C 413 3.19 10.38 18.55
C HIS C 413 3.35 11.86 18.26
N PRO C 414 3.04 12.28 17.02
CA PRO C 414 3.13 13.67 16.64
C PRO C 414 1.92 14.47 17.16
N PRO C 415 2.02 15.81 17.22
CA PRO C 415 1.00 16.71 17.78
C PRO C 415 -0.44 16.55 17.32
N LEU C 416 -0.67 16.30 16.03
CA LEU C 416 -2.04 16.17 15.52
C LEU C 416 -2.86 15.13 16.28
N VAL C 417 -2.41 13.86 16.29
CA VAL C 417 -3.15 12.82 17.02
C VAL C 417 -3.17 13.06 18.52
N MET C 418 -2.12 13.68 19.05
CA MET C 418 -2.07 13.95 20.49
C MET C 418 -3.08 15.02 20.90
N SER C 419 -3.31 15.99 20.00
CA SER C 419 -4.29 17.02 20.27
C SER C 419 -5.69 16.40 20.34
N MET C 420 -5.94 15.38 19.55
CA MET C 420 -7.22 14.69 19.56
C MET C 420 -7.37 13.96 20.90
N SER C 421 -6.32 13.27 21.31
CA SER C 421 -6.36 12.57 22.59
C SER C 421 -6.52 13.55 23.75
N PHE C 422 -5.68 14.59 23.74
CA PHE C 422 -5.67 15.59 24.79
C PHE C 422 -6.88 16.52 24.81
N THR C 423 -7.60 16.66 23.70
CA THR C 423 -8.81 17.48 23.71
C THR C 423 -9.83 16.71 24.56
N ASN C 424 -9.85 15.39 24.41
CA ASN C 424 -10.73 14.53 25.23
C ASN C 424 -10.35 14.65 26.71
N GLN C 425 -9.06 14.74 27.01
CA GLN C 425 -8.61 14.88 28.39
C GLN C 425 -9.15 16.14 29.03
N VAL C 426 -9.02 17.27 28.34
CA VAL C 426 -9.51 18.55 28.86
C VAL C 426 -11.01 18.48 29.04
N LEU C 427 -11.71 17.93 28.02
CA LEU C 427 -13.16 17.77 28.11
C LEU C 427 -13.56 16.84 29.25
N ALA C 428 -12.70 15.86 29.55
CA ALA C 428 -12.96 14.91 30.65
C ALA C 428 -12.73 15.61 31.99
N GLN C 429 -11.65 16.37 32.07
CA GLN C 429 -11.33 17.12 33.30
C GLN C 429 -12.44 18.11 33.66
N MET C 430 -13.01 18.78 32.67
CA MET C 430 -14.10 19.75 32.88
C MET C 430 -15.37 19.04 33.37
N ASP C 431 -15.68 17.90 32.75
CA ASP C 431 -16.86 17.11 33.11
C ASP C 431 -16.78 16.68 34.58
N LEU C 432 -15.61 16.16 35.00
CA LEU C 432 -15.40 15.73 36.37
C LEU C 432 -15.49 16.90 37.35
N TRP C 433 -14.91 18.04 36.98
CA TRP C 433 -14.92 19.22 37.83
C TRP C 433 -16.30 19.83 37.97
N LYS C 434 -17.04 19.93 36.87
CA LYS C 434 -18.39 20.52 36.89
C LYS C 434 -19.40 19.63 37.65
N SER C 435 -19.12 18.32 37.75
CA SER C 435 -19.96 17.34 38.45
C SER C 435 -19.61 17.15 39.92
N ARG C 436 -18.51 17.77 40.37
CA ARG C 436 -17.99 17.58 41.74
C ARG C 436 -19.05 17.56 42.90
N GLU C 437 -20.17 18.26 42.73
CA GLU C 437 -21.22 18.32 43.76
C GLU C 437 -21.92 16.98 43.99
N LEU C 438 -22.08 16.18 42.93
CA LEU C 438 -22.74 14.86 43.04
C LEU C 438 -21.90 13.82 43.80
N VAL C 439 -20.58 14.04 43.86
CA VAL C 439 -19.67 13.15 44.59
C VAL C 439 -19.95 13.32 46.08
N ASP C 440 -20.71 12.39 46.65
CA ASP C 440 -21.09 12.44 48.05
C ASP C 440 -20.35 11.33 48.80
N ARG C 441 -19.50 11.74 49.76
CA ARG C 441 -18.69 10.82 50.57
C ARG C 441 -19.41 10.31 51.83
N SER C 442 -20.70 10.55 51.96
CA SER C 442 -21.45 10.10 53.14
C SER C 442 -21.81 8.62 53.00
N LYS C 443 -22.79 8.31 52.14
CA LYS C 443 -23.21 6.93 51.93
C LYS C 443 -22.23 6.21 51.00
N ASN C 444 -21.93 4.95 51.31
CA ASN C 444 -21.00 4.12 50.52
C ASN C 444 -21.52 3.88 49.11
N THR C 445 -21.53 4.95 48.33
CA THR C 445 -21.97 4.90 46.95
C THR C 445 -20.75 4.54 46.10
N ARG C 446 -20.83 3.41 45.41
CA ARG C 446 -19.74 2.95 44.55
C ARG C 446 -19.44 3.98 43.46
N PHE C 447 -18.18 4.04 43.03
CA PHE C 447 -17.79 4.94 41.96
C PHE C 447 -17.69 4.16 40.65
N PHE C 448 -17.96 4.83 39.54
CA PHE C 448 -18.00 4.16 38.24
C PHE C 448 -17.15 4.82 37.16
N VAL C 449 -16.94 4.06 36.08
CA VAL C 449 -16.12 4.46 34.93
C VAL C 449 -17.00 4.76 33.72
N LYS C 450 -16.99 6.01 33.25
CA LYS C 450 -17.82 6.34 32.09
C LYS C 450 -17.03 6.93 30.93
N LYS C 451 -17.66 6.96 29.75
CA LYS C 451 -17.05 7.54 28.56
C LYS C 451 -17.75 8.84 28.22
N LEU C 452 -17.09 9.66 27.42
CA LEU C 452 -17.66 10.90 26.96
C LEU C 452 -18.74 10.57 25.93
N SER C 453 -19.62 11.52 25.69
CA SER C 453 -20.70 11.33 24.75
C SER C 453 -20.16 11.27 23.32
N LYS C 454 -20.96 10.72 22.42
CA LYS C 454 -20.59 10.67 21.04
C LYS C 454 -20.62 12.11 20.49
N GLU C 455 -21.55 12.95 21.00
CA GLU C 455 -21.64 14.36 20.62
C GLU C 455 -20.29 15.03 20.76
N LEU C 456 -19.66 14.87 21.93
CA LEU C 456 -18.35 15.47 22.18
C LEU C 456 -17.23 14.81 21.39
N ASP C 457 -17.38 13.52 21.14
CA ASP C 457 -16.38 12.77 20.42
C ASP C 457 -16.32 13.33 18.99
N GLU C 458 -17.47 13.56 18.37
CA GLU C 458 -17.54 14.15 17.02
C GLU C 458 -17.02 15.57 17.03
N TYR C 459 -17.32 16.29 18.12
CA TYR C 459 -16.84 17.67 18.30
C TYR C 459 -15.29 17.74 18.19
N VAL C 460 -14.60 16.76 18.79
CA VAL C 460 -13.14 16.72 18.74
C VAL C 460 -12.67 16.58 17.30
N ALA C 461 -13.32 15.70 16.54
CA ALA C 461 -12.99 15.51 15.14
C ALA C 461 -13.23 16.82 14.35
N ARG C 462 -14.38 17.48 14.56
CA ARG C 462 -14.68 18.77 13.88
C ARG C 462 -13.62 19.83 14.07
N LEU C 463 -13.04 19.86 15.27
CA LEU C 463 -12.01 20.84 15.60
C LEU C 463 -10.68 20.64 14.88
N HIS C 464 -10.48 19.48 14.25
CA HIS C 464 -9.22 19.21 13.57
C HIS C 464 -9.33 19.05 12.05
N LEU C 465 -10.51 19.26 11.48
CA LEU C 465 -10.70 19.11 10.04
C LEU C 465 -9.88 20.10 9.21
N ASP C 466 -9.82 21.36 9.66
CA ASP C 466 -9.05 22.40 8.95
C ASP C 466 -7.55 22.15 8.88
N VAL C 467 -6.98 21.45 9.86
CA VAL C 467 -5.56 21.15 9.82
C VAL C 467 -5.20 20.50 8.47
N LEU C 468 -6.07 19.59 8.03
CA LEU C 468 -5.85 18.83 6.81
C LEU C 468 -6.66 19.30 5.59
N GLY C 469 -7.29 20.46 5.68
CA GLY C 469 -8.09 21.00 4.56
C GLY C 469 -9.26 20.11 4.16
N ILE C 470 -9.90 19.52 5.16
CA ILE C 470 -11.04 18.63 4.95
C ILE C 470 -12.33 19.42 4.78
N LYS C 471 -13.05 19.16 3.68
CA LYS C 471 -14.32 19.81 3.37
C LYS C 471 -15.44 18.81 3.68
N LEU C 472 -16.15 19.07 4.76
CA LEU C 472 -17.20 18.19 5.20
C LEU C 472 -18.49 18.48 4.44
N THR C 473 -19.18 17.40 4.00
CA THR C 473 -20.45 17.53 3.29
C THR C 473 -21.55 17.68 4.33
N LYS C 474 -22.58 18.46 4.00
CA LYS C 474 -23.69 18.68 4.91
C LYS C 474 -24.98 18.02 4.38
N LEU C 475 -25.72 17.37 5.28
CA LEU C 475 -26.98 16.70 4.94
C LEU C 475 -28.13 17.69 4.70
N THR C 476 -29.07 17.29 3.85
CA THR C 476 -30.27 18.09 3.58
C THR C 476 -31.32 17.52 4.54
N GLU C 477 -32.34 18.30 4.88
CA GLU C 477 -33.39 17.81 5.80
C GLU C 477 -33.96 16.44 5.39
N THR C 478 -34.19 16.27 4.09
CA THR C 478 -34.72 15.02 3.55
C THR C 478 -33.75 13.86 3.78
N GLN C 479 -32.46 14.10 3.52
CA GLN C 479 -31.42 13.09 3.70
C GLN C 479 -31.26 12.71 5.16
N ALA C 480 -31.23 13.73 6.00
CA ALA C 480 -31.09 13.53 7.45
C ALA C 480 -32.26 12.72 8.00
N LYS C 481 -33.45 12.97 7.47
CA LYS C 481 -34.63 12.24 7.89
C LYS C 481 -34.60 10.80 7.34
N TYR C 482 -34.11 10.63 6.11
CA TYR C 482 -34.03 9.31 5.46
C TYR C 482 -33.08 8.35 6.22
N ILE C 483 -31.95 8.86 6.74
CA ILE C 483 -31.01 8.02 7.50
C ILE C 483 -31.25 8.16 9.02
N ASN C 484 -32.32 8.85 9.39
CA ASN C 484 -32.76 8.99 10.79
C ASN C 484 -31.71 9.60 11.74
N VAL C 485 -31.18 10.76 11.36
CA VAL C 485 -30.19 11.48 12.18
C VAL C 485 -30.43 12.98 12.08
N SER C 486 -29.85 13.70 13.01
CA SER C 486 -29.96 15.15 13.00
C SER C 486 -28.89 15.70 12.05
N ILE C 487 -29.18 16.82 11.39
CA ILE C 487 -28.23 17.44 10.49
C ILE C 487 -26.87 17.66 11.18
N ASN C 488 -26.92 18.03 12.46
CA ASN C 488 -25.71 18.30 13.26
C ASN C 488 -25.21 17.10 14.08
N GLY C 489 -25.72 15.91 13.78
CA GLY C 489 -25.28 14.70 14.46
C GLY C 489 -25.91 14.43 15.83
N PRO C 490 -25.53 13.30 16.46
CA PRO C 490 -24.57 12.29 15.97
C PRO C 490 -25.06 11.50 14.76
N TYR C 491 -24.10 10.99 13.98
CA TYR C 491 -24.39 10.30 12.72
C TYR C 491 -24.37 8.77 12.76
N LYS C 492 -23.89 8.21 13.86
CA LYS C 492 -23.79 6.75 13.99
C LYS C 492 -24.40 6.30 15.28
N SER C 493 -24.89 5.06 15.32
CA SER C 493 -25.48 4.53 16.56
C SER C 493 -24.34 4.28 17.57
N GLU C 494 -24.70 4.12 18.84
CA GLU C 494 -23.67 3.95 19.89
C GLU C 494 -22.73 2.76 19.76
N ASP C 495 -23.12 1.73 19.02
CA ASP C 495 -22.27 0.53 18.84
C ASP C 495 -21.49 0.49 17.52
N TYR C 496 -21.52 1.58 16.75
CA TYR C 496 -20.80 1.64 15.47
C TYR C 496 -19.31 1.54 15.78
N ARG C 497 -18.60 0.76 14.96
CA ARG C 497 -17.18 0.47 15.17
C ARG C 497 -16.17 1.25 14.31
N TYR C 498 -16.69 2.08 13.40
CA TYR C 498 -15.84 2.92 12.52
C TYR C 498 -14.75 2.09 11.83
N TYR D 4 -46.72 -20.09 -10.21
CA TYR D 4 -46.42 -19.18 -9.06
C TYR D 4 -47.00 -19.67 -7.70
N LYS D 5 -47.19 -20.98 -7.57
CA LYS D 5 -47.69 -21.62 -6.33
C LYS D 5 -46.59 -22.48 -5.68
N MET D 6 -46.60 -23.80 -5.91
CA MET D 6 -45.58 -24.70 -5.32
C MET D 6 -44.56 -25.23 -6.34
N GLU D 7 -44.51 -24.61 -7.53
CA GLU D 7 -43.57 -24.99 -8.59
C GLU D 7 -42.63 -23.79 -8.78
N SER D 8 -41.32 -24.02 -8.68
CA SER D 8 -40.34 -22.95 -8.83
C SER D 8 -40.48 -22.20 -10.15
N ARG D 9 -40.00 -20.96 -10.18
CA ARG D 9 -40.09 -20.15 -11.38
C ARG D 9 -38.68 -19.60 -11.61
N ILE D 10 -37.91 -20.28 -12.48
CA ILE D 10 -36.53 -19.89 -12.80
C ILE D 10 -36.32 -19.71 -14.31
N LYS D 11 -35.13 -19.24 -14.66
CA LYS D 11 -34.75 -18.99 -16.04
C LYS D 11 -34.52 -20.27 -16.84
N ASP D 12 -33.61 -21.12 -16.36
CA ASP D 12 -33.23 -22.34 -17.07
C ASP D 12 -32.70 -23.47 -16.15
N ILE D 13 -33.49 -24.55 -16.07
CA ILE D 13 -33.14 -25.71 -15.24
C ILE D 13 -31.89 -26.46 -15.71
N SER D 14 -31.58 -26.41 -17.01
CA SER D 14 -30.41 -27.13 -17.57
C SER D 14 -29.05 -26.66 -17.03
N LEU D 15 -29.02 -25.45 -16.48
CA LEU D 15 -27.79 -24.89 -15.90
C LEU D 15 -27.42 -25.50 -14.52
N ALA D 16 -28.27 -26.38 -13.99
CA ALA D 16 -28.05 -27.01 -12.68
C ALA D 16 -26.65 -27.58 -12.43
N GLU D 17 -26.14 -28.40 -13.35
CA GLU D 17 -24.79 -29.02 -13.16
C GLU D 17 -23.67 -28.01 -12.95
N PHE D 18 -23.70 -26.88 -13.67
CA PHE D 18 -22.69 -25.84 -13.49
C PHE D 18 -22.82 -25.25 -12.07
N GLY D 19 -24.06 -24.99 -11.67
CA GLY D 19 -24.36 -24.48 -10.33
C GLY D 19 -23.90 -25.44 -9.25
N LEU D 20 -24.17 -26.73 -9.45
CA LEU D 20 -23.76 -27.76 -8.49
C LEU D 20 -22.23 -27.88 -8.35
N GLN D 21 -21.51 -27.76 -9.47
N GLN D 21 -21.52 -27.76 -9.48
CA GLN D 21 -20.04 -27.85 -9.40
CA GLN D 21 -20.06 -27.82 -9.49
C GLN D 21 -19.42 -26.59 -8.77
C GLN D 21 -19.40 -26.60 -8.84
N ASP D 22 -19.99 -25.42 -9.04
CA ASP D 22 -19.48 -24.17 -8.44
C ASP D 22 -19.73 -24.18 -6.92
N MET D 23 -20.84 -24.80 -6.50
CA MET D 23 -21.16 -24.93 -5.06
C MET D 23 -20.07 -25.72 -4.35
N GLU D 24 -19.65 -26.83 -4.95
CA GLU D 24 -18.61 -27.69 -4.37
C GLU D 24 -17.26 -27.01 -4.30
N ILE D 25 -16.96 -26.19 -5.30
CA ILE D 25 -15.69 -25.44 -5.34
C ILE D 25 -15.72 -24.35 -4.27
N ALA D 26 -16.86 -23.65 -4.18
CA ALA D 26 -17.06 -22.60 -3.18
C ALA D 26 -16.92 -23.13 -1.77
N LYS D 27 -17.50 -24.31 -1.51
CA LYS D 27 -17.44 -24.94 -0.17
C LYS D 27 -16.03 -25.17 0.38
N THR D 28 -15.02 -25.20 -0.48
CA THR D 28 -13.63 -25.36 -0.05
C THR D 28 -13.29 -24.26 0.96
N ASP D 29 -13.77 -23.04 0.68
CA ASP D 29 -13.55 -21.88 1.55
C ASP D 29 -14.69 -21.56 2.50
N MET D 30 -15.89 -22.10 2.27
CA MET D 30 -17.02 -21.79 3.15
C MET D 30 -17.07 -22.81 4.28
N MET D 31 -15.98 -22.90 5.06
N MET D 31 -15.99 -22.88 5.06
CA MET D 31 -15.89 -23.89 6.14
CA MET D 31 -15.86 -23.83 6.19
C MET D 31 -16.91 -23.70 7.29
C MET D 31 -16.94 -23.70 7.25
N GLY D 32 -17.38 -22.47 7.49
CA GLY D 32 -18.38 -22.19 8.52
C GLY D 32 -19.67 -22.95 8.27
N LEU D 33 -20.14 -22.90 7.02
CA LEU D 33 -21.36 -23.59 6.63
C LEU D 33 -21.15 -25.10 6.56
N VAL D 34 -19.96 -25.50 6.14
CA VAL D 34 -19.61 -26.92 6.05
C VAL D 34 -19.66 -27.55 7.44
N GLU D 35 -19.11 -26.84 8.43
CA GLU D 35 -19.10 -27.34 9.81
C GLU D 35 -20.51 -27.44 10.39
N LEU D 36 -21.33 -26.43 10.16
CA LEU D 36 -22.73 -26.45 10.63
C LEU D 36 -23.50 -27.63 10.01
N GLN D 37 -23.25 -27.95 8.74
CA GLN D 37 -23.91 -29.09 8.11
C GLN D 37 -23.42 -30.38 8.72
N ARG D 38 -22.11 -30.49 8.93
CA ARG D 38 -21.54 -31.70 9.52
C ARG D 38 -22.08 -31.90 10.94
N LYS D 39 -22.14 -30.81 11.70
CA LYS D 39 -22.56 -30.86 13.09
C LYS D 39 -24.05 -31.10 13.36
N TYR D 40 -24.92 -30.35 12.68
CA TYR D 40 -26.36 -30.42 12.89
C TYR D 40 -27.25 -31.18 11.88
N ARG D 41 -26.70 -31.81 10.85
CA ARG D 41 -27.58 -32.51 9.89
C ARG D 41 -28.32 -33.73 10.47
N ASP D 42 -27.76 -34.35 11.53
CA ASP D 42 -28.40 -35.51 12.18
C ASP D 42 -29.54 -35.08 13.10
N SER D 43 -29.20 -34.22 14.07
CA SER D 43 -30.19 -33.71 15.03
C SER D 43 -31.25 -32.80 14.38
N LYS D 44 -30.86 -32.05 13.35
CA LYS D 44 -31.78 -31.14 12.62
C LYS D 44 -32.55 -30.16 13.52
N PRO D 45 -31.86 -29.16 14.07
CA PRO D 45 -32.52 -28.19 14.95
C PRO D 45 -33.64 -27.37 14.30
N LEU D 46 -33.63 -27.21 12.97
CA LEU D 46 -34.66 -26.42 12.28
C LEU D 46 -35.86 -27.26 11.75
N LYS D 47 -35.90 -28.56 12.06
CA LYS D 47 -36.98 -29.43 11.57
C LYS D 47 -38.36 -28.85 11.87
N GLY D 48 -39.16 -28.67 10.82
CA GLY D 48 -40.51 -28.14 10.92
C GLY D 48 -40.65 -26.65 10.63
N ALA D 49 -39.53 -25.94 10.55
CA ALA D 49 -39.58 -24.50 10.28
C ALA D 49 -39.76 -24.26 8.80
N ARG D 50 -40.63 -23.31 8.47
CA ARG D 50 -40.89 -22.90 7.09
C ARG D 50 -40.14 -21.61 6.95
N ILE D 51 -39.07 -21.60 6.16
CA ILE D 51 -38.25 -20.40 5.97
C ILE D 51 -38.40 -19.75 4.61
N THR D 52 -38.71 -18.46 4.61
CA THR D 52 -38.80 -17.68 3.38
C THR D 52 -37.59 -16.77 3.38
N GLY D 53 -36.83 -16.79 2.29
CA GLY D 53 -35.64 -15.97 2.16
C GLY D 53 -35.76 -14.98 1.01
N SER D 54 -35.32 -13.75 1.27
CA SER D 54 -35.29 -12.68 0.30
C SER D 54 -33.86 -12.17 0.32
N LEU D 55 -32.99 -12.82 -0.45
CA LEU D 55 -31.58 -12.46 -0.47
C LEU D 55 -30.92 -12.88 -1.79
N HIS D 56 -30.13 -11.98 -2.35
CA HIS D 56 -29.39 -12.20 -3.62
C HIS D 56 -29.07 -13.69 -3.80
N LEU D 57 -29.66 -14.32 -4.82
CA LEU D 57 -29.50 -15.75 -5.02
C LEU D 57 -28.28 -16.05 -5.92
N THR D 58 -27.13 -16.08 -5.24
CA THR D 58 -25.83 -16.35 -5.83
C THR D 58 -25.43 -17.76 -5.45
N ILE D 59 -24.24 -18.19 -5.91
CA ILE D 59 -23.73 -19.51 -5.56
C ILE D 59 -23.51 -19.59 -4.05
N GLU D 60 -23.04 -18.50 -3.45
CA GLU D 60 -22.79 -18.48 -2.00
C GLU D 60 -24.10 -18.65 -1.23
N THR D 61 -25.17 -17.99 -1.70
CA THR D 61 -26.49 -18.11 -1.07
C THR D 61 -27.06 -19.53 -1.21
N SER D 62 -26.80 -20.20 -2.32
CA SER D 62 -27.26 -21.58 -2.49
C SER D 62 -26.73 -22.48 -1.37
N VAL D 63 -25.48 -22.28 -0.99
CA VAL D 63 -24.85 -23.07 0.08
C VAL D 63 -25.56 -22.75 1.40
N LEU D 64 -26.01 -21.50 1.56
CA LEU D 64 -26.76 -21.10 2.76
C LEU D 64 -28.07 -21.89 2.81
N VAL D 65 -28.82 -21.86 1.71
CA VAL D 65 -30.09 -22.56 1.60
C VAL D 65 -29.88 -24.06 1.82
N GLU D 66 -28.79 -24.60 1.27
CA GLU D 66 -28.48 -26.02 1.46
C GLU D 66 -28.30 -26.32 2.94
N THR D 67 -27.52 -25.46 3.60
CA THR D 67 -27.24 -25.59 5.03
C THR D 67 -28.56 -25.58 5.83
N LEU D 68 -29.44 -24.62 5.56
CA LEU D 68 -30.72 -24.52 6.25
C LEU D 68 -31.57 -25.77 5.96
N TYR D 69 -31.47 -26.30 4.74
CA TYR D 69 -32.20 -27.52 4.34
C TYR D 69 -31.69 -28.75 5.07
N GLU D 70 -30.37 -28.87 5.16
CA GLU D 70 -29.75 -29.99 5.86
C GLU D 70 -30.09 -29.99 7.35
N LEU D 71 -30.40 -28.82 7.91
CA LEU D 71 -30.77 -28.72 9.33
C LEU D 71 -32.28 -28.94 9.57
N GLY D 72 -33.02 -29.32 8.54
CA GLY D 72 -34.46 -29.66 8.66
C GLY D 72 -35.53 -28.71 8.16
N ALA D 73 -35.15 -27.52 7.70
CA ALA D 73 -36.14 -26.55 7.24
C ALA D 73 -36.68 -26.79 5.83
N GLU D 74 -37.90 -26.32 5.62
CA GLU D 74 -38.55 -26.32 4.31
C GLU D 74 -38.28 -24.89 3.89
N ILE D 75 -37.92 -24.66 2.63
CA ILE D 75 -37.52 -23.32 2.21
C ILE D 75 -38.13 -22.83 0.90
N ARG D 76 -38.47 -21.52 0.87
CA ARG D 76 -38.99 -20.83 -0.33
C ARG D 76 -38.11 -19.60 -0.47
N TRP D 77 -37.48 -19.40 -1.62
CA TRP D 77 -36.53 -18.29 -1.76
C TRP D 77 -36.73 -17.39 -2.98
N CYS D 78 -36.28 -16.14 -2.86
CA CYS D 78 -36.30 -15.17 -3.97
C CYS D 78 -35.09 -14.24 -3.76
N SER D 79 -34.75 -13.43 -4.76
CA SER D 79 -33.63 -12.49 -4.63
C SER D 79 -34.15 -11.17 -4.15
N CYS D 80 -33.28 -10.36 -3.57
CA CYS D 80 -33.65 -9.04 -3.10
C CYS D 80 -33.21 -7.94 -4.08
N ASN D 81 -32.86 -8.34 -5.31
CA ASN D 81 -32.48 -7.39 -6.36
C ASN D 81 -32.80 -7.99 -7.72
N ILE D 82 -33.28 -7.16 -8.65
CA ILE D 82 -33.63 -7.63 -10.00
C ILE D 82 -32.48 -8.11 -10.88
N TYR D 83 -31.24 -7.75 -10.53
CA TYR D 83 -30.06 -8.15 -11.32
C TYR D 83 -29.10 -9.12 -10.62
N SER D 84 -29.30 -9.38 -9.32
CA SER D 84 -28.33 -10.18 -8.56
C SER D 84 -28.37 -11.69 -8.66
N THR D 85 -29.48 -12.25 -9.08
CA THR D 85 -29.62 -13.70 -9.16
C THR D 85 -28.63 -14.31 -10.16
N GLN D 86 -28.08 -15.47 -9.81
CA GLN D 86 -27.20 -16.23 -10.70
C GLN D 86 -28.03 -17.45 -11.10
N ASP D 87 -28.53 -17.42 -12.34
CA ASP D 87 -29.41 -18.47 -12.86
C ASP D 87 -28.93 -19.91 -12.67
N HIS D 88 -27.61 -20.14 -12.78
CA HIS D 88 -27.10 -21.51 -12.57
C HIS D 88 -27.20 -21.90 -11.08
N ALA D 89 -27.10 -20.91 -10.19
CA ALA D 89 -27.23 -21.15 -8.75
C ALA D 89 -28.68 -21.48 -8.40
N ALA D 90 -29.62 -20.77 -9.03
CA ALA D 90 -31.05 -21.00 -8.81
C ALA D 90 -31.46 -22.38 -9.30
N ALA D 91 -30.93 -22.78 -10.45
CA ALA D 91 -31.26 -24.10 -11.03
C ALA D 91 -30.79 -25.24 -10.13
N ALA D 92 -29.61 -25.08 -9.54
CA ALA D 92 -29.05 -26.08 -8.64
C ALA D 92 -30.02 -26.42 -7.51
N LEU D 93 -30.56 -25.37 -6.87
CA LEU D 93 -31.50 -25.54 -5.76
C LEU D 93 -32.78 -26.25 -6.19
N VAL D 94 -33.28 -25.91 -7.38
CA VAL D 94 -34.50 -26.52 -7.91
C VAL D 94 -34.24 -27.97 -8.35
N LYS D 95 -33.11 -28.21 -9.01
CA LYS D 95 -32.75 -29.56 -9.50
C LYS D 95 -32.65 -30.56 -8.37
N LYS D 96 -31.86 -30.23 -7.34
CA LYS D 96 -31.64 -31.14 -6.22
C LYS D 96 -32.78 -31.04 -5.18
N ASN D 97 -33.80 -30.24 -5.52
CA ASN D 97 -35.03 -30.10 -4.73
C ASN D 97 -34.81 -29.63 -3.28
N ILE D 98 -33.86 -28.72 -3.11
CA ILE D 98 -33.53 -28.16 -1.81
C ILE D 98 -34.55 -27.11 -1.37
N ALA D 99 -35.07 -26.34 -2.33
CA ALA D 99 -36.03 -25.29 -2.02
C ALA D 99 -36.86 -24.90 -3.22
N THR D 100 -37.92 -24.15 -2.96
CA THR D 100 -38.81 -23.66 -4.02
C THR D 100 -38.32 -22.25 -4.33
N VAL D 101 -37.85 -22.04 -5.55
CA VAL D 101 -37.27 -20.77 -5.95
C VAL D 101 -38.11 -19.92 -6.90
N PHE D 102 -38.08 -18.61 -6.68
CA PHE D 102 -38.78 -17.62 -7.50
C PHE D 102 -37.77 -16.51 -7.80
N ALA D 103 -36.83 -16.78 -8.71
CA ALA D 103 -35.79 -15.81 -9.05
C ALA D 103 -35.07 -16.07 -10.38
N TRP D 104 -34.67 -14.98 -11.03
CA TRP D 104 -33.92 -15.04 -12.27
C TRP D 104 -33.20 -13.70 -12.47
N LYS D 105 -32.15 -13.70 -13.26
CA LYS D 105 -31.39 -12.48 -13.50
C LYS D 105 -32.16 -11.62 -14.49
N ASN D 106 -32.19 -10.32 -14.24
CA ASN D 106 -32.87 -9.32 -15.09
C ASN D 106 -34.41 -9.40 -15.02
N GLU D 107 -34.95 -9.45 -13.81
CA GLU D 107 -36.39 -9.44 -13.60
C GLU D 107 -36.88 -8.02 -13.79
N THR D 108 -38.15 -7.86 -14.10
CA THR D 108 -38.76 -6.55 -14.16
C THR D 108 -39.13 -6.29 -12.71
N ILE D 109 -39.35 -5.04 -12.37
CA ILE D 109 -39.75 -4.69 -10.99
C ILE D 109 -41.12 -5.31 -10.65
N GLU D 110 -42.01 -5.43 -11.64
CA GLU D 110 -43.32 -6.04 -11.39
C GLU D 110 -43.15 -7.50 -10.94
N ASP D 111 -42.36 -8.25 -11.69
CA ASP D 111 -42.10 -9.67 -11.39
C ASP D 111 -41.34 -9.89 -10.09
N TYR D 112 -40.51 -8.92 -9.71
CA TYR D 112 -39.76 -8.98 -8.45
C TYR D 112 -40.69 -9.04 -7.25
N TRP D 113 -41.68 -8.15 -7.24
CA TRP D 113 -42.66 -8.12 -6.15
C TRP D 113 -43.57 -9.35 -6.18
N VAL D 114 -43.79 -9.91 -7.37
CA VAL D 114 -44.61 -11.10 -7.49
C VAL D 114 -43.78 -12.26 -6.90
N CYS D 115 -42.50 -12.33 -7.25
CA CYS D 115 -41.62 -13.38 -6.72
C CYS D 115 -41.55 -13.34 -5.19
N LEU D 116 -41.43 -12.14 -4.61
CA LEU D 116 -41.37 -12.00 -3.15
C LEU D 116 -42.68 -12.45 -2.52
N ASN D 117 -43.79 -12.04 -3.10
CA ASN D 117 -45.11 -12.42 -2.59
C ASN D 117 -45.32 -13.94 -2.70
N ASP D 118 -44.73 -14.55 -3.73
CA ASP D 118 -44.83 -16.00 -3.93
C ASP D 118 -43.97 -16.76 -2.92
N ALA D 119 -42.78 -16.25 -2.62
CA ALA D 119 -41.93 -16.91 -1.64
C ALA D 119 -42.56 -16.88 -0.25
N MET D 120 -43.37 -15.86 0.02
CA MET D 120 -44.04 -15.72 1.32
C MET D 120 -45.28 -16.62 1.44
N THR D 121 -45.81 -17.10 0.30
CA THR D 121 -47.02 -17.94 0.29
C THR D 121 -46.74 -19.44 0.50
N TRP D 122 -47.36 -20.03 1.52
CA TRP D 122 -47.22 -21.45 1.83
C TRP D 122 -48.57 -22.16 1.82
N ARG D 123 -48.52 -23.47 1.64
CA ARG D 123 -49.70 -24.33 1.65
C ARG D 123 -49.50 -25.46 2.64
N ASN D 124 -50.16 -25.33 3.79
CA ASN D 124 -50.10 -26.33 4.85
C ASN D 124 -50.95 -27.54 4.44
N PRO D 125 -50.32 -28.73 4.22
CA PRO D 125 -51.08 -29.91 3.81
C PRO D 125 -51.88 -30.61 4.92
N ASN D 126 -51.84 -30.08 6.15
CA ASN D 126 -52.56 -30.66 7.29
C ASN D 126 -53.91 -30.02 7.59
N ASP D 127 -54.01 -28.71 7.38
CA ASP D 127 -55.23 -27.94 7.69
C ASP D 127 -56.01 -27.47 6.42
N LYS D 128 -56.53 -28.45 5.66
CA LYS D 128 -57.31 -28.21 4.42
C LYS D 128 -56.63 -27.42 3.28
N ASP D 129 -55.29 -27.53 3.18
CA ASP D 129 -54.52 -26.84 2.13
C ASP D 129 -54.74 -25.32 2.05
N LYS D 130 -54.94 -24.67 3.20
CA LYS D 130 -55.15 -23.21 3.23
C LYS D 130 -53.83 -22.45 3.08
N ILE D 131 -53.95 -21.15 2.86
CA ILE D 131 -52.81 -20.27 2.70
C ILE D 131 -52.31 -19.82 4.08
N CYS D 132 -51.05 -20.13 4.37
CA CYS D 132 -50.39 -19.71 5.62
C CYS D 132 -49.07 -19.01 5.24
N GLY D 133 -48.34 -18.53 6.24
CA GLY D 133 -47.08 -17.84 6.02
C GLY D 133 -45.88 -18.59 6.57
N PRO D 134 -44.68 -18.00 6.44
CA PRO D 134 -43.46 -18.63 6.94
C PRO D 134 -43.32 -18.48 8.44
N ASN D 135 -42.45 -19.30 9.02
CA ASN D 135 -42.15 -19.26 10.46
C ASN D 135 -41.01 -18.28 10.73
N LEU D 136 -40.05 -18.26 9.81
CA LEU D 136 -38.86 -17.43 9.91
C LEU D 136 -38.57 -16.77 8.58
N ILE D 137 -37.94 -15.60 8.61
CA ILE D 137 -37.57 -14.89 7.39
C ILE D 137 -36.08 -14.54 7.40
N VAL D 138 -35.40 -14.79 6.27
CA VAL D 138 -34.00 -14.41 6.08
C VAL D 138 -34.15 -13.23 5.14
N ASP D 139 -33.86 -12.04 5.65
CA ASP D 139 -34.06 -10.84 4.84
C ASP D 139 -32.75 -10.11 4.56
N ASP D 140 -32.73 -9.34 3.47
CA ASP D 140 -31.56 -8.57 3.05
C ASP D 140 -32.09 -7.32 2.35
N GLY D 141 -32.14 -6.24 3.11
CA GLY D 141 -32.66 -4.97 2.59
C GLY D 141 -34.00 -4.65 3.22
N GLY D 142 -34.59 -5.61 3.92
CA GLY D 142 -35.86 -5.38 4.59
C GLY D 142 -37.12 -5.37 3.74
N ASP D 143 -37.06 -5.90 2.50
CA ASP D 143 -38.26 -5.94 1.62
C ASP D 143 -39.29 -6.97 2.05
N ALA D 144 -38.84 -8.14 2.51
CA ALA D 144 -39.77 -9.18 2.99
C ALA D 144 -40.46 -8.66 4.25
N THR D 145 -39.68 -7.95 5.07
CA THR D 145 -40.20 -7.36 6.28
C THR D 145 -41.14 -6.22 5.93
N LEU D 146 -40.83 -5.48 4.89
CA LEU D 146 -41.65 -4.35 4.47
C LEU D 146 -43.03 -4.78 3.96
N ILE D 147 -43.06 -5.78 3.06
CA ILE D 147 -44.32 -6.24 2.49
C ILE D 147 -45.23 -6.81 3.58
N LEU D 148 -44.63 -7.43 4.59
CA LEU D 148 -45.36 -7.99 5.72
C LEU D 148 -46.04 -6.88 6.51
N HIS D 149 -45.26 -5.87 6.90
CA HIS D 149 -45.79 -4.74 7.69
C HIS D 149 -46.74 -3.83 6.94
N GLU D 150 -46.46 -3.58 5.66
CA GLU D 150 -47.34 -2.76 4.83
C GLU D 150 -48.64 -3.50 4.57
N GLY D 151 -48.53 -4.81 4.41
CA GLY D 151 -49.68 -5.67 4.21
C GLY D 151 -50.59 -5.63 5.43
N VAL D 152 -50.00 -5.66 6.62
CA VAL D 152 -50.76 -5.59 7.86
C VAL D 152 -51.43 -4.22 7.96
N LYS D 153 -50.71 -3.14 7.65
CA LYS D 153 -51.32 -1.80 7.71
C LYS D 153 -52.41 -1.62 6.66
N ALA D 154 -52.28 -2.31 5.52
CA ALA D 154 -53.26 -2.24 4.44
C ALA D 154 -54.56 -2.93 4.84
N GLU D 155 -54.45 -4.04 5.57
CA GLU D 155 -55.62 -4.80 6.05
C GLU D 155 -56.38 -4.06 7.16
N ILE D 156 -55.67 -3.38 8.05
CA ILE D 156 -56.31 -2.60 9.14
C ILE D 156 -57.01 -1.38 8.55
N GLU D 157 -56.40 -0.79 7.52
CA GLU D 157 -56.97 0.38 6.82
C GLU D 157 -58.13 -0.07 5.91
N TYR D 158 -58.07 -1.32 5.44
CA TYR D 158 -59.12 -1.89 4.60
C TYR D 158 -60.42 -2.10 5.40
N GLU D 159 -60.28 -2.56 6.64
CA GLU D 159 -61.45 -2.76 7.52
C GLU D 159 -62.01 -1.49 8.13
N LYS D 160 -61.18 -0.45 8.26
CA LYS D 160 -61.65 0.82 8.82
C LYS D 160 -62.72 1.48 7.94
N TYR D 161 -62.68 1.24 6.62
CA TYR D 161 -63.65 1.82 5.69
C TYR D 161 -64.34 0.80 4.76
N ASN D 162 -63.94 -0.47 4.88
CA ASN D 162 -64.49 -1.57 4.06
C ASN D 162 -64.29 -1.30 2.56
N LYS D 163 -63.09 -0.86 2.20
CA LYS D 163 -62.73 -0.59 0.81
C LYS D 163 -61.21 -0.53 0.66
N ILE D 164 -60.74 -0.55 -0.58
CA ILE D 164 -59.32 -0.49 -0.86
C ILE D 164 -58.83 0.91 -0.44
N PRO D 165 -57.75 1.02 0.34
CA PRO D 165 -57.25 2.35 0.72
C PRO D 165 -56.73 3.17 -0.48
N GLU D 166 -57.01 4.48 -0.46
CA GLU D 166 -56.63 5.38 -1.58
C GLU D 166 -55.15 5.35 -1.97
N TYR D 167 -54.26 5.20 -0.99
CA TYR D 167 -52.81 5.20 -1.27
C TYR D 167 -52.36 4.01 -2.13
N LEU D 168 -53.13 2.93 -2.13
CA LEU D 168 -52.82 1.73 -2.94
C LEU D 168 -53.29 1.81 -4.40
N GLU D 169 -53.98 2.89 -4.79
CA GLU D 169 -54.48 3.05 -6.17
C GLU D 169 -53.87 4.26 -6.89
N THR D 170 -53.60 5.31 -6.13
CA THR D 170 -52.98 6.51 -6.69
C THR D 170 -51.52 6.24 -7.06
N GLU D 171 -51.02 6.95 -8.07
CA GLU D 171 -49.62 6.85 -8.51
C GLU D 171 -48.75 7.98 -7.95
N LEU D 172 -49.37 8.86 -7.15
CA LEU D 172 -48.69 10.00 -6.55
C LEU D 172 -48.54 9.78 -5.04
N ASP D 173 -47.65 10.54 -4.42
CA ASP D 173 -47.41 10.46 -2.97
C ASP D 173 -48.04 11.71 -2.32
N GLU D 174 -47.57 12.07 -1.13
CA GLU D 174 -48.10 13.25 -0.43
C GLU D 174 -47.66 14.59 -1.05
N ASN D 175 -46.54 14.60 -1.77
CA ASN D 175 -46.02 15.83 -2.40
C ASN D 175 -46.39 16.02 -3.89
N GLY D 176 -47.13 15.06 -4.46
CA GLY D 176 -47.53 15.14 -5.88
C GLY D 176 -46.52 14.53 -6.85
N LYS D 177 -45.37 14.09 -6.34
CA LYS D 177 -44.32 13.47 -7.18
C LYS D 177 -44.75 12.03 -7.50
N GLN D 178 -44.21 11.49 -8.60
CA GLN D 178 -44.53 10.14 -9.03
C GLN D 178 -43.91 9.13 -8.04
N LEU D 179 -44.67 8.10 -7.65
CA LEU D 179 -44.13 7.06 -6.75
C LEU D 179 -43.12 6.23 -7.49
N SER D 180 -42.15 5.69 -6.75
CA SER D 180 -41.13 4.82 -7.36
C SER D 180 -41.82 3.56 -7.85
N MET D 181 -41.27 2.96 -8.90
CA MET D 181 -41.83 1.75 -9.49
C MET D 181 -41.93 0.63 -8.44
N ASP D 182 -40.96 0.58 -7.51
CA ASP D 182 -40.96 -0.43 -6.44
C ASP D 182 -42.16 -0.33 -5.50
N LEU D 183 -42.58 0.90 -5.17
CA LEU D 183 -43.76 1.09 -4.32
C LEU D 183 -45.03 0.77 -5.09
N LYS D 184 -45.16 1.27 -6.31
CA LYS D 184 -46.35 0.98 -7.11
C LYS D 184 -46.51 -0.52 -7.34
N CYS D 185 -45.42 -1.20 -7.70
CA CYS D 185 -45.46 -2.65 -7.90
C CYS D 185 -45.72 -3.43 -6.60
N MET D 186 -45.33 -2.87 -5.45
CA MET D 186 -45.62 -3.53 -4.17
C MET D 186 -47.08 -3.29 -3.83
N TYR D 187 -47.56 -2.06 -4.03
CA TYR D 187 -48.96 -1.74 -3.77
C TYR D 187 -49.91 -2.50 -4.70
N LYS D 188 -49.43 -2.78 -5.91
CA LYS D 188 -50.20 -3.52 -6.90
C LYS D 188 -50.42 -4.94 -6.35
N VAL D 189 -49.40 -5.51 -5.70
CA VAL D 189 -49.50 -6.85 -5.11
C VAL D 189 -50.42 -6.84 -3.89
N LEU D 190 -50.25 -5.86 -3.00
CA LEU D 190 -51.08 -5.75 -1.78
C LEU D 190 -52.58 -5.59 -2.11
N LYS D 191 -52.88 -4.85 -3.16
CA LYS D 191 -54.27 -4.65 -3.60
C LYS D 191 -54.87 -5.99 -4.04
N MET D 192 -54.12 -6.72 -4.86
CA MET D 192 -54.53 -8.04 -5.38
C MET D 192 -54.76 -9.03 -4.22
N GLU D 193 -53.95 -8.93 -3.17
CA GLU D 193 -54.09 -9.81 -1.98
C GLU D 193 -55.23 -9.38 -1.03
N LEU D 194 -55.62 -8.11 -1.07
CA LEU D 194 -56.76 -7.63 -0.26
C LEU D 194 -58.07 -8.19 -0.84
N LEU D 195 -58.12 -8.35 -2.17
CA LEU D 195 -59.30 -8.90 -2.85
C LEU D 195 -59.40 -10.41 -2.65
N LYS D 196 -58.26 -11.11 -2.69
CA LYS D 196 -58.25 -12.57 -2.45
C LYS D 196 -58.61 -12.90 -1.01
N ASN D 197 -57.87 -12.32 -0.08
CA ASN D 197 -58.05 -12.58 1.34
C ASN D 197 -57.54 -11.41 2.17
N PRO D 198 -58.46 -10.63 2.78
CA PRO D 198 -58.05 -9.48 3.60
C PRO D 198 -57.53 -9.80 5.02
N PHE D 199 -57.25 -11.08 5.30
CA PHE D 199 -56.69 -11.51 6.61
C PHE D 199 -55.38 -12.29 6.40
N ARG D 200 -54.83 -12.22 5.19
CA ARG D 200 -53.61 -12.93 4.82
C ARG D 200 -52.39 -12.59 5.68
N TRP D 201 -52.03 -11.31 5.70
CA TRP D 201 -50.84 -10.85 6.43
C TRP D 201 -50.99 -10.98 7.95
N ARG D 202 -52.17 -10.66 8.47
CA ARG D 202 -52.43 -10.79 9.92
C ARG D 202 -52.47 -12.25 10.34
N GLY D 203 -52.81 -13.12 9.39
CA GLY D 203 -52.83 -14.56 9.63
C GLY D 203 -51.41 -15.11 9.73
N MET D 204 -50.47 -14.55 8.96
CA MET D 204 -49.07 -14.98 8.98
C MET D 204 -48.42 -14.71 10.32
N LEU D 205 -48.69 -13.54 10.89
CA LEU D 205 -48.11 -13.12 12.19
C LEU D 205 -48.25 -14.13 13.31
N LYS D 206 -49.33 -14.89 13.32
CA LYS D 206 -49.58 -15.88 14.36
C LYS D 206 -48.51 -16.98 14.41
N ASP D 207 -48.02 -17.39 13.25
CA ASP D 207 -47.01 -18.45 13.14
C ASP D 207 -45.61 -17.89 12.83
N LEU D 208 -45.46 -16.57 12.82
CA LEU D 208 -44.20 -15.95 12.45
C LEU D 208 -43.37 -15.62 13.69
N TYR D 209 -42.26 -16.36 13.85
CA TYR D 209 -41.40 -16.24 15.03
C TYR D 209 -40.13 -15.41 14.91
N GLY D 210 -39.80 -14.93 13.70
CA GLY D 210 -38.61 -14.08 13.56
C GLY D 210 -38.06 -13.75 12.18
N VAL D 211 -37.17 -12.77 12.15
CA VAL D 211 -36.48 -12.34 10.94
C VAL D 211 -35.01 -12.04 11.26
N SER D 212 -34.11 -12.53 10.39
CA SER D 212 -32.68 -12.25 10.53
C SER D 212 -32.33 -11.37 9.35
N GLU D 213 -31.84 -10.16 9.63
CA GLU D 213 -31.48 -9.15 8.60
C GLU D 213 -29.98 -9.07 8.35
N GLU D 214 -29.63 -9.07 7.06
CA GLU D 214 -28.26 -9.09 6.57
C GLU D 214 -27.53 -7.77 6.46
N THR D 215 -28.16 -6.73 5.91
CA THR D 215 -27.41 -5.51 5.63
C THR D 215 -27.78 -4.23 6.41
N THR D 216 -26.86 -3.27 6.38
CA THR D 216 -26.97 -1.99 7.09
C THR D 216 -28.30 -1.28 6.84
N THR D 217 -28.68 -1.14 5.57
CA THR D 217 -29.96 -0.52 5.14
C THR D 217 -31.22 -1.22 5.73
N GLY D 218 -31.18 -2.55 5.85
CA GLY D 218 -32.30 -3.30 6.43
C GLY D 218 -32.38 -3.10 7.93
N VAL D 219 -31.22 -3.02 8.59
CA VAL D 219 -31.14 -2.78 10.02
C VAL D 219 -31.66 -1.38 10.33
N LEU D 220 -31.35 -0.42 9.46
CA LEU D 220 -31.83 0.94 9.63
C LEU D 220 -33.34 0.93 9.76
N ARG D 221 -34.02 0.25 8.83
CA ARG D 221 -35.48 0.14 8.83
C ARG D 221 -36.02 -0.57 10.09
N LEU D 222 -35.31 -1.61 10.55
CA LEU D 222 -35.72 -2.34 11.75
C LEU D 222 -35.64 -1.45 12.99
N LYS D 223 -34.57 -0.66 13.08
CA LYS D 223 -34.38 0.25 14.22
C LYS D 223 -35.45 1.34 14.29
N ILE D 224 -35.91 1.80 13.13
CA ILE D 224 -36.94 2.82 13.10
C ILE D 224 -38.23 2.23 13.65
N MET D 225 -38.66 1.08 13.10
CA MET D 225 -39.90 0.39 13.55
C MET D 225 -39.90 0.09 15.05
N GLU D 226 -38.79 -0.44 15.50
CA GLU D 226 -38.54 -0.80 16.89
C GLU D 226 -38.76 0.38 17.85
N SER D 227 -38.15 1.50 17.53
CA SER D 227 -38.21 2.73 18.35
C SER D 227 -39.61 3.38 18.39
N GLU D 228 -40.46 2.99 17.45
CA GLU D 228 -41.83 3.51 17.40
C GLU D 228 -42.83 2.43 17.75
N GLY D 229 -42.34 1.29 18.25
CA GLY D 229 -43.18 0.17 18.63
C GLY D 229 -43.99 -0.42 17.48
N LYS D 230 -43.40 -0.47 16.29
CA LYS D 230 -44.05 -0.99 15.09
C LYS D 230 -43.44 -2.29 14.56
N LEU D 231 -42.47 -2.87 15.27
CA LEU D 231 -41.86 -4.12 14.84
C LEU D 231 -42.73 -5.26 15.39
N LEU D 232 -43.35 -6.01 14.48
CA LEU D 232 -44.30 -7.06 14.82
C LEU D 232 -43.75 -8.50 14.89
N LEU D 233 -42.43 -8.65 14.82
CA LEU D 233 -41.79 -9.96 14.98
C LEU D 233 -40.39 -9.75 15.54
N PRO D 234 -39.87 -10.75 16.28
CA PRO D 234 -38.52 -10.58 16.79
C PRO D 234 -37.52 -10.48 15.62
N ALA D 235 -36.41 -9.79 15.84
CA ALA D 235 -35.41 -9.64 14.81
C ALA D 235 -34.00 -9.79 15.34
N ILE D 236 -33.12 -10.30 14.47
CA ILE D 236 -31.70 -10.43 14.78
C ILE D 236 -30.92 -9.68 13.71
N ASN D 237 -30.11 -8.74 14.19
CA ASN D 237 -29.27 -7.90 13.36
C ASN D 237 -27.96 -8.63 13.06
N VAL D 238 -27.91 -9.32 11.93
CA VAL D 238 -26.71 -10.05 11.51
C VAL D 238 -25.62 -9.08 11.07
N ASN D 239 -26.02 -8.02 10.37
CA ASN D 239 -25.08 -7.02 9.84
C ASN D 239 -24.05 -6.55 10.86
N ASP D 240 -24.48 -6.26 12.09
CA ASP D 240 -23.56 -5.73 13.12
C ASP D 240 -22.70 -6.75 13.89
N SER D 241 -22.69 -8.02 13.45
CA SER D 241 -21.79 -9.00 14.07
C SER D 241 -20.43 -8.56 13.58
N VAL D 242 -19.42 -8.66 14.42
CA VAL D 242 -18.08 -8.29 14.01
C VAL D 242 -17.66 -9.10 12.76
N THR D 243 -17.94 -10.39 12.77
CA THR D 243 -17.58 -11.28 11.65
C THR D 243 -18.38 -11.03 10.36
N LYS D 244 -19.37 -10.15 10.43
CA LYS D 244 -20.11 -9.75 9.24
C LYS D 244 -19.64 -8.33 8.83
N SER D 245 -19.96 -7.33 9.66
CA SER D 245 -19.64 -5.92 9.35
C SER D 245 -18.19 -5.63 8.95
N LYS D 246 -17.22 -6.10 9.73
CA LYS D 246 -15.81 -5.78 9.40
C LYS D 246 -15.13 -6.64 8.33
N PHE D 247 -15.84 -7.59 7.75
CA PHE D 247 -15.27 -8.46 6.72
C PHE D 247 -16.05 -8.37 5.41
N ASP D 248 -17.35 -8.68 5.49
CA ASP D 248 -18.26 -8.60 4.36
C ASP D 248 -18.28 -7.18 3.80
N ASN D 249 -18.72 -6.23 4.62
CA ASN D 249 -18.85 -4.85 4.16
C ASN D 249 -17.56 -4.26 3.61
N THR D 250 -16.46 -4.42 4.34
CA THR D 250 -15.18 -3.85 3.93
C THR D 250 -14.39 -4.70 2.93
N TYR D 251 -13.88 -5.85 3.38
CA TYR D 251 -13.04 -6.69 2.51
C TYR D 251 -13.78 -7.36 1.37
N GLY D 252 -15.08 -7.57 1.54
CA GLY D 252 -15.87 -8.14 0.48
C GLY D 252 -15.91 -7.14 -0.67
N CYS D 253 -16.22 -5.88 -0.37
CA CYS D 253 -16.29 -4.84 -1.40
C CYS D 253 -14.92 -4.52 -2.01
N ARG D 254 -13.85 -4.64 -1.23
CA ARG D 254 -12.51 -4.39 -1.75
C ARG D 254 -12.28 -5.20 -3.02
N GLN D 255 -12.78 -6.43 -3.07
CA GLN D 255 -12.63 -7.28 -4.25
C GLN D 255 -13.82 -7.25 -5.22
N SER D 256 -15.05 -7.29 -4.72
CA SER D 256 -16.22 -7.33 -5.60
C SER D 256 -16.55 -6.00 -6.28
N LEU D 257 -16.13 -4.87 -5.71
CA LEU D 257 -16.34 -3.56 -6.37
C LEU D 257 -15.54 -3.57 -7.65
N LEU D 258 -14.27 -3.96 -7.52
CA LEU D 258 -13.34 -4.01 -8.66
C LEU D 258 -13.82 -4.98 -9.72
N HIS D 259 -14.36 -6.13 -9.31
CA HIS D 259 -14.88 -7.11 -10.27
C HIS D 259 -16.02 -6.43 -11.03
N GLY D 260 -16.84 -5.68 -10.29
CA GLY D 260 -17.97 -4.97 -10.86
C GLY D 260 -17.53 -3.94 -11.87
N LEU D 261 -16.58 -3.09 -11.47
CA LEU D 261 -16.07 -2.06 -12.37
C LEU D 261 -15.31 -2.66 -13.55
N PHE D 262 -14.52 -3.71 -13.34
CA PHE D 262 -13.80 -4.29 -14.46
C PHE D 262 -14.73 -4.85 -15.55
N ASN D 263 -15.86 -5.42 -15.14
CA ASN D 263 -16.84 -5.99 -16.08
C ASN D 263 -17.66 -4.93 -16.80
N GLY D 264 -18.11 -3.91 -16.08
CA GLY D 264 -18.95 -2.85 -16.64
C GLY D 264 -18.27 -1.62 -17.19
N CYS D 265 -17.08 -1.32 -16.68
CA CYS D 265 -16.30 -0.15 -17.11
C CYS D 265 -15.02 -0.60 -17.83
N ILE D 266 -14.89 -0.21 -19.09
CA ILE D 266 -13.75 -0.59 -19.91
C ILE D 266 -12.44 0.16 -19.58
N GLN D 267 -12.53 1.34 -18.98
CA GLN D 267 -11.32 2.15 -18.74
C GLN D 267 -10.39 1.68 -17.62
N MET D 268 -9.14 2.13 -17.70
CA MET D 268 -8.12 1.83 -16.72
C MET D 268 -8.39 2.67 -15.48
N LEU D 269 -8.35 2.06 -14.31
CA LEU D 269 -8.59 2.82 -13.09
C LEU D 269 -7.36 3.61 -12.64
N ALA D 270 -6.18 3.11 -12.98
CA ALA D 270 -4.92 3.76 -12.57
C ALA D 270 -4.81 5.21 -13.00
N GLY D 271 -4.50 6.06 -12.04
CA GLY D 271 -4.35 7.49 -12.27
C GLY D 271 -5.64 8.29 -12.33
N LYS D 272 -6.79 7.61 -12.33
CA LYS D 272 -8.06 8.31 -12.42
C LYS D 272 -8.46 8.88 -11.09
N LYS D 273 -9.20 9.99 -11.15
CA LYS D 273 -9.76 10.57 -9.94
C LYS D 273 -11.11 9.90 -9.78
N ILE D 274 -11.18 8.99 -8.82
CA ILE D 274 -12.40 8.22 -8.52
C ILE D 274 -12.96 8.69 -7.18
N VAL D 275 -14.21 9.14 -7.18
CA VAL D 275 -14.85 9.63 -5.97
C VAL D 275 -15.64 8.56 -5.24
N VAL D 276 -15.30 8.32 -3.98
CA VAL D 276 -16.02 7.37 -3.14
C VAL D 276 -16.88 8.21 -2.20
N LEU D 277 -18.20 8.17 -2.38
CA LEU D 277 -19.12 8.95 -1.56
C LEU D 277 -19.59 8.12 -0.38
N GLY D 278 -19.14 8.53 0.80
CA GLY D 278 -19.42 7.82 2.04
C GLY D 278 -18.20 6.99 2.33
N TYR D 279 -17.67 7.13 3.54
CA TYR D 279 -16.46 6.40 3.93
C TYR D 279 -16.76 5.56 5.18
N GLY D 280 -17.86 4.81 5.10
CA GLY D 280 -18.31 3.92 6.16
C GLY D 280 -17.58 2.61 6.00
N GLU D 281 -18.24 1.52 6.34
CA GLU D 281 -17.59 0.21 6.23
C GLU D 281 -17.45 -0.27 4.78
N VAL D 282 -18.39 0.11 3.92
CA VAL D 282 -18.32 -0.25 2.50
C VAL D 282 -17.32 0.67 1.79
N GLY D 283 -17.39 1.96 2.10
CA GLY D 283 -16.50 2.95 1.50
C GLY D 283 -15.03 2.68 1.77
N LYS D 284 -14.72 2.22 2.99
CA LYS D 284 -13.33 1.94 3.36
C LYS D 284 -12.76 0.87 2.45
N GLY D 285 -13.54 -0.19 2.24
CA GLY D 285 -13.11 -1.29 1.39
C GLY D 285 -12.98 -0.88 -0.07
N CYS D 286 -13.91 -0.05 -0.52
CA CYS D 286 -13.91 0.45 -1.88
C CYS D 286 -12.63 1.23 -2.15
N ALA D 287 -12.37 2.22 -1.30
CA ALA D 287 -11.16 3.05 -1.43
C ALA D 287 -9.87 2.22 -1.41
N GLN D 288 -9.85 1.22 -0.54
CA GLN D 288 -8.68 0.36 -0.37
C GLN D 288 -8.39 -0.45 -1.66
N GLY D 289 -9.44 -0.95 -2.30
CA GLY D 289 -9.31 -1.72 -3.54
C GLY D 289 -8.91 -0.84 -4.73
N LEU D 290 -9.57 0.31 -4.83
CA LEU D 290 -9.30 1.26 -5.90
C LEU D 290 -7.84 1.74 -5.84
N SER D 291 -7.35 2.10 -4.66
CA SER D 291 -5.95 2.53 -4.49
C SER D 291 -5.01 1.41 -4.90
N GLY D 292 -5.41 0.17 -4.58
CA GLY D 292 -4.61 -1.02 -4.88
C GLY D 292 -4.25 -1.16 -6.34
N VAL D 293 -5.13 -0.67 -7.22
CA VAL D 293 -4.90 -0.70 -8.67
C VAL D 293 -4.54 0.70 -9.26
N GLY D 294 -3.93 1.55 -8.43
CA GLY D 294 -3.46 2.89 -8.87
C GLY D 294 -4.39 4.09 -8.98
N ALA D 295 -5.63 3.97 -8.53
CA ALA D 295 -6.55 5.10 -8.63
C ALA D 295 -6.30 6.14 -7.55
N ARG D 296 -6.66 7.37 -7.86
CA ARG D 296 -6.54 8.46 -6.89
C ARG D 296 -7.94 8.68 -6.33
N VAL D 297 -8.16 8.17 -5.13
CA VAL D 297 -9.46 8.22 -4.48
C VAL D 297 -9.68 9.56 -3.78
N ILE D 298 -10.89 10.09 -3.93
CA ILE D 298 -11.32 11.32 -3.32
C ILE D 298 -12.59 10.91 -2.56
N VAL D 299 -12.71 11.34 -1.31
CA VAL D 299 -13.82 10.95 -0.44
C VAL D 299 -14.77 12.09 -0.09
N THR D 300 -16.06 11.78 0.03
CA THR D 300 -17.08 12.75 0.48
C THR D 300 -17.64 12.14 1.77
N GLU D 301 -17.88 12.98 2.77
CA GLU D 301 -18.44 12.54 4.05
C GLU D 301 -19.19 13.63 4.78
N ILE D 302 -20.13 13.16 5.59
CA ILE D 302 -20.94 14.00 6.46
C ILE D 302 -20.45 13.84 7.90
N ASP D 303 -19.81 12.69 8.18
CA ASP D 303 -19.32 12.35 9.51
C ASP D 303 -17.86 12.80 9.65
N PRO D 304 -17.59 13.75 10.57
CA PRO D 304 -16.21 14.25 10.71
C PRO D 304 -15.18 13.19 11.15
N ILE D 305 -15.62 12.18 11.89
CA ILE D 305 -14.72 11.11 12.33
C ILE D 305 -14.30 10.31 11.11
N CYS D 306 -15.26 9.90 10.29
CA CYS D 306 -14.97 9.14 9.07
C CYS D 306 -14.14 10.00 8.10
N ALA D 307 -14.39 11.31 8.07
CA ALA D 307 -13.65 12.23 7.20
C ALA D 307 -12.17 12.22 7.57
N LEU D 308 -11.89 12.23 8.88
CA LEU D 308 -10.51 12.15 9.36
C LEU D 308 -9.91 10.79 9.07
N GLN D 309 -10.70 9.72 9.20
CA GLN D 309 -10.18 8.38 8.91
C GLN D 309 -9.66 8.33 7.47
N ALA D 310 -10.46 8.89 6.56
CA ALA D 310 -10.09 8.95 5.15
C ALA D 310 -8.80 9.75 4.97
N SER D 311 -8.73 10.87 5.67
CA SER D 311 -7.58 11.75 5.60
C SER D 311 -6.29 11.03 6.06
N MET D 312 -6.40 10.26 7.14
CA MET D 312 -5.26 9.48 7.69
C MET D 312 -4.74 8.41 6.74
N GLU D 313 -5.57 7.99 5.78
CA GLU D 313 -5.16 7.02 4.76
C GLU D 313 -4.65 7.73 3.50
N GLY D 314 -4.38 9.03 3.59
CA GLY D 314 -3.89 9.81 2.47
C GLY D 314 -4.92 10.16 1.40
N TYR D 315 -6.20 10.15 1.75
CA TYR D 315 -7.23 10.49 0.79
C TYR D 315 -7.72 11.93 0.94
N GLN D 316 -7.93 12.57 -0.19
CA GLN D 316 -8.45 13.92 -0.23
C GLN D 316 -9.92 13.84 0.11
N VAL D 317 -10.40 14.75 0.98
CA VAL D 317 -11.81 14.78 1.36
C VAL D 317 -12.45 16.10 0.88
N SER D 318 -13.35 15.99 -0.10
CA SER D 318 -14.02 17.15 -0.71
C SER D 318 -15.52 16.94 -0.75
N VAL D 319 -16.24 18.04 -1.02
CA VAL D 319 -17.70 18.00 -1.21
C VAL D 319 -17.88 17.77 -2.70
N LEU D 320 -18.84 16.93 -3.08
CA LEU D 320 -19.07 16.60 -4.50
C LEU D 320 -19.06 17.77 -5.49
N GLU D 321 -19.63 18.91 -5.11
CA GLU D 321 -19.70 20.09 -6.01
C GLU D 321 -18.32 20.57 -6.51
N ASP D 322 -17.32 20.51 -5.63
CA ASP D 322 -15.97 20.97 -5.97
C ASP D 322 -15.17 20.02 -6.88
N VAL D 323 -15.53 18.74 -6.97
CA VAL D 323 -14.80 17.80 -7.84
C VAL D 323 -15.64 17.16 -8.96
N VAL D 324 -16.95 17.42 -9.00
CA VAL D 324 -17.83 16.78 -10.00
C VAL D 324 -17.48 17.01 -11.48
N SER D 325 -16.85 18.13 -11.78
CA SER D 325 -16.47 18.43 -13.17
C SER D 325 -15.16 17.78 -13.63
N GLU D 326 -14.20 17.64 -12.73
N GLU D 326 -14.23 17.64 -12.69
CA GLU D 326 -12.89 17.04 -13.08
CA GLU D 326 -12.90 17.09 -12.94
C GLU D 326 -12.77 15.53 -12.80
C GLU D 326 -12.78 15.56 -12.77
N ALA D 327 -13.61 14.98 -11.92
CA ALA D 327 -13.55 13.54 -11.61
C ALA D 327 -13.93 12.65 -12.78
N ASP D 328 -13.43 11.42 -12.75
CA ASP D 328 -13.62 10.42 -13.83
C ASP D 328 -14.70 9.37 -13.55
N ILE D 329 -14.72 8.85 -12.33
CA ILE D 329 -15.66 7.81 -11.94
C ILE D 329 -16.27 8.18 -10.59
N PHE D 330 -17.52 7.79 -10.35
CA PHE D 330 -18.21 8.10 -9.11
C PHE D 330 -18.85 6.83 -8.53
N ILE D 331 -18.56 6.55 -7.25
CA ILE D 331 -19.09 5.36 -6.57
C ILE D 331 -19.84 5.80 -5.31
N THR D 332 -21.16 5.57 -5.26
CA THR D 332 -21.96 5.93 -4.07
C THR D 332 -22.01 4.71 -3.12
N ALA D 333 -21.70 4.96 -1.85
CA ALA D 333 -21.66 3.93 -0.81
C ALA D 333 -22.17 4.47 0.52
N THR D 334 -23.21 5.29 0.45
CA THR D 334 -23.77 5.94 1.63
C THR D 334 -24.98 5.29 2.30
N GLY D 335 -25.81 4.61 1.51
CA GLY D 335 -27.06 4.06 2.05
C GLY D 335 -28.07 5.20 2.30
N ASN D 336 -27.93 6.27 1.53
CA ASN D 336 -28.74 7.48 1.67
C ASN D 336 -29.42 7.78 0.31
N LYS D 337 -30.12 8.90 0.17
CA LYS D 337 -30.78 9.24 -1.11
C LYS D 337 -30.31 10.59 -1.68
N ASP D 338 -30.45 10.73 -2.99
CA ASP D 338 -30.11 11.98 -3.70
C ASP D 338 -28.66 12.43 -3.49
N VAL D 339 -27.73 11.50 -3.60
CA VAL D 339 -26.31 11.79 -3.41
C VAL D 339 -25.71 12.31 -4.72
N ILE D 340 -26.25 11.82 -5.84
CA ILE D 340 -25.85 12.26 -7.17
C ILE D 340 -27.13 12.62 -7.88
N THR D 341 -27.43 13.92 -7.93
CA THR D 341 -28.63 14.40 -8.60
C THR D 341 -28.39 14.55 -10.09
N VAL D 342 -29.45 14.84 -10.84
CA VAL D 342 -29.38 15.08 -12.29
C VAL D 342 -28.47 16.27 -12.57
N GLU D 343 -28.59 17.31 -11.74
CA GLU D 343 -27.76 18.50 -11.91
C GLU D 343 -26.27 18.21 -11.77
N HIS D 344 -25.89 17.22 -10.97
CA HIS D 344 -24.48 16.86 -10.85
C HIS D 344 -24.06 16.12 -12.12
N MET D 345 -24.92 15.24 -12.61
CA MET D 345 -24.63 14.46 -13.81
C MET D 345 -24.43 15.33 -15.05
N ARG D 346 -25.08 16.49 -15.10
CA ARG D 346 -24.95 17.38 -16.24
C ARG D 346 -23.58 18.08 -16.28
N LYS D 347 -22.97 18.26 -15.10
CA LYS D 347 -21.65 18.91 -15.00
C LYS D 347 -20.49 17.95 -15.22
N MET D 348 -20.75 16.64 -15.22
CA MET D 348 -19.69 15.66 -15.41
C MET D 348 -19.03 15.73 -16.79
N LYS D 349 -17.76 15.35 -16.82
CA LYS D 349 -16.98 15.37 -18.06
C LYS D 349 -17.44 14.24 -18.96
N GLU D 350 -17.06 14.34 -20.23
CA GLU D 350 -17.44 13.36 -21.24
C GLU D 350 -17.04 11.93 -20.84
N ASN D 351 -18.05 11.05 -20.82
CA ASN D 351 -17.88 9.62 -20.47
C ASN D 351 -17.48 9.31 -19.02
N ALA D 352 -17.96 10.10 -18.08
CA ALA D 352 -17.71 9.82 -16.68
C ALA D 352 -18.55 8.59 -16.36
N TYR D 353 -18.03 7.70 -15.55
CA TYR D 353 -18.77 6.50 -15.15
C TYR D 353 -19.44 6.74 -13.81
N ILE D 354 -20.60 6.13 -13.59
CA ILE D 354 -21.34 6.29 -12.33
C ILE D 354 -21.83 4.92 -11.89
N ALA D 355 -21.57 4.57 -10.63
CA ALA D 355 -21.98 3.30 -10.09
C ALA D 355 -22.39 3.44 -8.62
N ASN D 356 -23.23 2.52 -8.17
CA ASN D 356 -23.72 2.50 -6.80
C ASN D 356 -23.43 1.15 -6.20
N ILE D 357 -22.99 1.14 -4.94
CA ILE D 357 -22.72 -0.11 -4.25
C ILE D 357 -23.54 -0.20 -2.94
N GLY D 358 -24.43 0.78 -2.71
CA GLY D 358 -25.32 0.75 -1.53
C GLY D 358 -26.46 -0.19 -1.86
N HIS D 359 -27.27 -0.56 -0.87
CA HIS D 359 -28.33 -1.55 -1.16
C HIS D 359 -29.42 -1.13 -2.18
N PHE D 360 -29.88 0.13 -2.12
CA PHE D 360 -30.92 0.61 -3.05
C PHE D 360 -30.39 1.60 -4.07
N ASP D 361 -31.15 1.73 -5.18
CA ASP D 361 -30.82 2.64 -6.29
C ASP D 361 -31.07 4.13 -6.00
N ASP D 362 -31.70 4.44 -4.86
CA ASP D 362 -32.02 5.82 -4.45
C ASP D 362 -30.83 6.79 -4.34
N GLU D 363 -29.61 6.26 -4.22
CA GLU D 363 -28.41 7.11 -4.06
C GLU D 363 -28.18 7.97 -5.28
N ILE D 364 -28.49 7.43 -6.45
CA ILE D 364 -28.35 8.14 -7.71
C ILE D 364 -29.77 8.40 -8.24
N ASP D 365 -30.04 9.62 -8.69
CA ASP D 365 -31.36 9.95 -9.25
C ASP D 365 -31.47 9.36 -10.65
N VAL D 366 -31.66 8.05 -10.73
CA VAL D 366 -31.77 7.32 -12.00
C VAL D 366 -33.06 7.68 -12.75
N TYR D 367 -34.13 7.90 -12.00
CA TYR D 367 -35.43 8.25 -12.59
C TYR D 367 -35.36 9.62 -13.30
N GLY D 368 -34.69 10.59 -12.68
CA GLY D 368 -34.55 11.93 -13.27
C GLY D 368 -33.75 11.89 -14.56
N LEU D 369 -32.71 11.06 -14.57
CA LEU D 369 -31.84 10.91 -15.74
C LEU D 369 -32.59 10.25 -16.90
N GLU D 370 -33.22 9.11 -16.64
CA GLU D 370 -33.98 8.40 -17.67
C GLU D 370 -35.15 9.20 -18.24
N ASN D 371 -35.77 10.04 -17.41
CA ASN D 371 -36.93 10.86 -17.81
C ASN D 371 -36.58 12.32 -18.13
N TYR D 372 -35.30 12.62 -18.28
CA TYR D 372 -34.89 13.99 -18.61
C TYR D 372 -35.36 14.31 -20.05
N PRO D 373 -35.97 15.50 -20.27
CA PRO D 373 -36.46 15.84 -21.62
C PRO D 373 -35.39 15.74 -22.71
N GLY D 374 -35.69 14.95 -23.74
CA GLY D 374 -34.78 14.76 -24.87
C GLY D 374 -33.51 13.96 -24.59
N ILE D 375 -33.47 13.21 -23.49
CA ILE D 375 -32.29 12.41 -23.17
C ILE D 375 -32.14 11.28 -24.19
N LYS D 376 -30.90 11.02 -24.60
CA LYS D 376 -30.58 9.99 -25.57
C LYS D 376 -29.95 8.83 -24.74
N VAL D 377 -30.41 7.59 -24.93
CA VAL D 377 -29.87 6.46 -24.16
C VAL D 377 -29.60 5.24 -25.04
N ILE D 378 -28.45 4.60 -24.82
CA ILE D 378 -28.08 3.41 -25.56
C ILE D 378 -27.47 2.39 -24.62
N GLU D 379 -27.58 1.12 -25.00
CA GLU D 379 -27.03 0.02 -24.23
C GLU D 379 -25.61 -0.24 -24.71
N VAL D 380 -24.64 -0.12 -23.81
CA VAL D 380 -23.24 -0.37 -24.14
C VAL D 380 -23.03 -1.88 -24.13
N LYS D 381 -23.49 -2.52 -23.07
CA LYS D 381 -23.45 -3.97 -22.93
C LYS D 381 -24.58 -4.31 -21.95
N GLN D 382 -24.78 -5.59 -21.65
CA GLN D 382 -25.85 -5.95 -20.70
C GLN D 382 -25.64 -5.18 -19.40
N ASN D 383 -26.69 -4.50 -18.95
CA ASN D 383 -26.69 -3.71 -17.70
C ASN D 383 -25.67 -2.54 -17.66
N VAL D 384 -25.40 -1.92 -18.81
CA VAL D 384 -24.49 -0.76 -18.89
C VAL D 384 -25.10 0.20 -19.93
N HIS D 385 -25.45 1.40 -19.49
CA HIS D 385 -26.11 2.36 -20.38
C HIS D 385 -25.43 3.72 -20.41
N LYS D 386 -25.39 4.31 -21.61
CA LYS D 386 -24.77 5.62 -21.84
C LYS D 386 -25.91 6.61 -22.11
N PHE D 387 -25.96 7.68 -21.33
CA PHE D 387 -26.98 8.69 -21.48
C PHE D 387 -26.37 9.98 -22.01
N THR D 388 -26.91 10.50 -23.09
CA THR D 388 -26.38 11.73 -23.68
C THR D 388 -27.38 12.87 -23.55
N PHE D 389 -26.95 13.94 -22.89
CA PHE D 389 -27.78 15.13 -22.72
C PHE D 389 -27.83 15.92 -24.04
N PRO D 390 -29.04 16.37 -24.44
CA PRO D 390 -29.20 17.09 -25.71
C PRO D 390 -28.59 18.49 -25.78
N ASP D 391 -28.53 19.20 -24.66
CA ASP D 391 -28.01 20.58 -24.65
C ASP D 391 -26.48 20.67 -24.74
N THR D 392 -25.77 19.73 -24.15
CA THR D 392 -24.29 19.74 -24.18
C THR D 392 -23.67 18.66 -25.06
N GLN D 393 -24.47 17.65 -25.45
CA GLN D 393 -23.99 16.50 -26.24
C GLN D 393 -22.98 15.67 -25.43
N LYS D 394 -22.90 15.92 -24.12
CA LYS D 394 -22.01 15.15 -23.26
C LYS D 394 -22.73 13.93 -22.74
N SER D 395 -21.96 12.86 -22.50
CA SER D 395 -22.52 11.60 -22.01
C SER D 395 -21.95 11.15 -20.68
N VAL D 396 -22.76 10.40 -19.93
CA VAL D 396 -22.33 9.76 -18.66
C VAL D 396 -22.71 8.31 -18.86
N ILE D 397 -21.93 7.41 -18.28
CA ILE D 397 -22.19 5.97 -18.43
C ILE D 397 -22.58 5.41 -17.07
N LEU D 398 -23.81 4.91 -16.97
CA LEU D 398 -24.35 4.38 -15.73
C LEU D 398 -24.24 2.86 -15.68
N LEU D 399 -23.73 2.32 -14.56
CA LEU D 399 -23.60 0.87 -14.41
C LEU D 399 -24.89 0.32 -13.79
N CYS D 400 -25.45 -0.69 -14.47
CA CYS D 400 -26.69 -1.41 -14.11
C CYS D 400 -27.77 -0.59 -13.42
N LYS D 401 -28.15 0.52 -14.07
CA LYS D 401 -29.21 1.40 -13.61
C LYS D 401 -29.14 1.79 -12.13
N GLY D 402 -27.95 2.03 -11.63
CA GLY D 402 -27.78 2.43 -10.22
C GLY D 402 -28.02 1.38 -9.15
N ARG D 403 -28.18 0.12 -9.55
CA ARG D 403 -28.34 -0.97 -8.58
C ARG D 403 -26.95 -1.41 -8.13
N LEU D 404 -26.85 -2.02 -6.95
CA LEU D 404 -25.53 -2.46 -6.43
C LEU D 404 -24.65 -3.14 -7.49
N VAL D 405 -23.63 -2.38 -7.92
CA VAL D 405 -22.73 -2.78 -9.00
C VAL D 405 -21.97 -4.08 -8.81
N ASN D 406 -21.56 -4.39 -7.59
CA ASN D 406 -20.81 -5.64 -7.36
C ASN D 406 -21.63 -6.87 -7.69
N LEU D 407 -22.94 -6.82 -7.44
CA LEU D 407 -23.86 -7.94 -7.72
C LEU D 407 -24.60 -7.79 -9.03
N GLY D 408 -24.67 -6.56 -9.56
CA GLY D 408 -25.36 -6.29 -10.83
C GLY D 408 -24.53 -6.51 -12.06
N CYS D 409 -23.25 -6.11 -12.01
CA CYS D 409 -22.32 -6.27 -13.14
C CYS D 409 -21.34 -7.44 -12.91
N ALA D 410 -21.26 -7.94 -11.68
CA ALA D 410 -20.40 -9.11 -11.36
C ALA D 410 -21.19 -10.08 -10.47
N THR D 411 -20.50 -10.94 -9.74
CA THR D 411 -21.17 -11.96 -8.90
C THR D 411 -21.11 -11.73 -7.38
N GLY D 412 -20.87 -10.49 -6.96
CA GLY D 412 -20.82 -10.18 -5.53
C GLY D 412 -19.54 -10.68 -4.84
N HIS D 413 -19.54 -10.60 -3.51
CA HIS D 413 -18.38 -11.03 -2.72
C HIS D 413 -18.07 -12.51 -2.89
N PRO D 414 -16.79 -12.88 -2.66
CA PRO D 414 -16.40 -14.28 -2.77
C PRO D 414 -16.90 -15.11 -1.60
N PRO D 415 -16.78 -16.45 -1.70
CA PRO D 415 -17.27 -17.37 -0.70
C PRO D 415 -16.77 -17.22 0.74
N LEU D 416 -15.50 -16.87 0.94
CA LEU D 416 -14.95 -16.78 2.32
C LEU D 416 -15.72 -15.83 3.23
N VAL D 417 -15.86 -14.56 2.84
CA VAL D 417 -16.60 -13.60 3.68
C VAL D 417 -18.11 -13.87 3.72
N MET D 418 -18.65 -14.49 2.67
CA MET D 418 -20.07 -14.80 2.66
C MET D 418 -20.33 -15.96 3.60
N SER D 419 -19.37 -16.86 3.73
CA SER D 419 -19.50 -17.98 4.67
C SER D 419 -19.58 -17.40 6.09
N MET D 420 -18.76 -16.39 6.34
CA MET D 420 -18.76 -15.72 7.63
C MET D 420 -20.10 -15.02 7.86
N SER D 421 -20.59 -14.32 6.85
CA SER D 421 -21.86 -13.61 6.94
C SER D 421 -23.04 -14.59 7.06
N PHE D 422 -22.92 -15.73 6.37
CA PHE D 422 -23.99 -16.74 6.38
C PHE D 422 -23.94 -17.70 7.57
N THR D 423 -22.79 -17.80 8.22
CA THR D 423 -22.71 -18.62 9.42
C THR D 423 -23.48 -17.86 10.52
N ASN D 424 -23.44 -16.53 10.49
CA ASN D 424 -24.21 -15.73 11.43
C ASN D 424 -25.72 -15.88 11.16
N GLN D 425 -26.08 -15.92 9.86
CA GLN D 425 -27.49 -16.12 9.46
C GLN D 425 -28.07 -17.43 9.98
N VAL D 426 -27.38 -18.54 9.74
CA VAL D 426 -27.87 -19.83 10.21
C VAL D 426 -27.97 -19.87 11.74
N LEU D 427 -26.97 -19.31 12.41
CA LEU D 427 -27.00 -19.26 13.88
C LEU D 427 -28.16 -18.38 14.38
N ALA D 428 -28.48 -17.34 13.61
CA ALA D 428 -29.58 -16.44 13.95
C ALA D 428 -30.94 -17.13 13.78
N GLN D 429 -31.06 -17.92 12.72
CA GLN D 429 -32.29 -18.69 12.46
C GLN D 429 -32.50 -19.70 13.60
N MET D 430 -31.44 -20.40 13.98
CA MET D 430 -31.51 -21.38 15.06
C MET D 430 -31.90 -20.71 16.40
N ASP D 431 -31.42 -19.48 16.63
CA ASP D 431 -31.75 -18.74 17.85
C ASP D 431 -33.23 -18.40 17.85
N LEU D 432 -33.70 -17.77 16.76
CA LEU D 432 -35.10 -17.39 16.61
C LEU D 432 -36.06 -18.57 16.76
N TRP D 433 -35.67 -19.71 16.17
CA TRP D 433 -36.48 -20.92 16.22
C TRP D 433 -36.49 -21.54 17.62
N LYS D 434 -35.31 -21.72 18.23
CA LYS D 434 -35.25 -22.29 19.59
C LYS D 434 -36.03 -21.52 20.66
N SER D 435 -36.08 -20.20 20.52
CA SER D 435 -36.79 -19.35 21.48
C SER D 435 -38.21 -19.01 21.03
N ARG D 436 -38.77 -19.77 20.09
CA ARG D 436 -40.11 -19.47 19.57
C ARG D 436 -41.20 -19.54 20.64
N GLU D 437 -41.00 -20.37 21.66
CA GLU D 437 -41.99 -20.51 22.74
C GLU D 437 -42.17 -19.22 23.55
N LEU D 438 -41.12 -18.40 23.62
CA LEU D 438 -41.19 -17.13 24.34
C LEU D 438 -42.02 -16.05 23.62
N VAL D 439 -42.38 -16.30 22.35
CA VAL D 439 -43.19 -15.35 21.58
C VAL D 439 -44.66 -15.65 21.90
N ASP D 440 -45.27 -14.81 22.74
CA ASP D 440 -46.66 -15.00 23.14
C ASP D 440 -47.43 -13.73 22.81
N ARG D 441 -48.20 -13.78 21.73
CA ARG D 441 -48.97 -12.60 21.27
C ARG D 441 -50.22 -12.24 22.09
N SER D 442 -50.65 -13.14 22.99
CA SER D 442 -51.77 -12.83 23.86
C SER D 442 -51.23 -11.92 24.99
N LYS D 443 -49.90 -11.72 25.00
CA LYS D 443 -49.20 -10.88 25.97
C LYS D 443 -48.48 -9.69 25.32
N ASN D 444 -47.55 -9.98 24.41
CA ASN D 444 -46.73 -8.96 23.73
C ASN D 444 -46.76 -9.13 22.22
N THR D 445 -47.15 -8.06 21.54
CA THR D 445 -47.25 -8.02 20.08
C THR D 445 -46.16 -7.16 19.43
N ARG D 446 -45.45 -6.36 20.23
CA ARG D 446 -44.37 -5.48 19.77
C ARG D 446 -43.02 -6.06 20.20
N PHE D 447 -42.08 -6.17 19.26
CA PHE D 447 -40.76 -6.77 19.53
C PHE D 447 -39.56 -5.86 19.29
N PHE D 448 -38.38 -6.38 19.60
CA PHE D 448 -37.13 -5.64 19.45
C PHE D 448 -36.09 -6.36 18.60
N VAL D 449 -35.02 -5.64 18.29
CA VAL D 449 -33.92 -6.17 17.52
C VAL D 449 -32.80 -6.50 18.50
N LYS D 450 -32.16 -7.66 18.33
CA LYS D 450 -31.01 -8.00 19.16
C LYS D 450 -29.91 -8.49 18.24
N LYS D 451 -28.69 -8.49 18.75
CA LYS D 451 -27.53 -8.96 18.01
C LYS D 451 -27.12 -10.30 18.61
N LEU D 452 -26.21 -10.99 17.94
CA LEU D 452 -25.68 -12.26 18.45
C LEU D 452 -24.58 -11.98 19.47
N SER D 453 -24.36 -12.93 20.38
CA SER D 453 -23.33 -12.75 21.39
C SER D 453 -21.91 -12.73 20.80
N LYS D 454 -20.99 -12.17 21.57
CA LYS D 454 -19.60 -12.13 21.15
C LYS D 454 -19.02 -13.56 21.17
N GLU D 455 -19.54 -14.44 22.04
CA GLU D 455 -19.07 -15.84 22.07
C GLU D 455 -19.24 -16.47 20.68
N LEU D 456 -20.44 -16.33 20.10
CA LEU D 456 -20.76 -16.87 18.77
C LEU D 456 -20.02 -16.13 17.65
N ASP D 457 -19.81 -14.84 17.87
CA ASP D 457 -19.14 -14.01 16.90
C ASP D 457 -17.69 -14.52 16.74
N GLU D 458 -17.00 -14.75 17.86
CA GLU D 458 -15.65 -15.29 17.85
C GLU D 458 -15.66 -16.71 17.31
N TYR D 459 -16.75 -17.44 17.56
CA TYR D 459 -16.88 -18.80 17.05
C TYR D 459 -16.86 -18.80 15.51
N VAL D 460 -17.60 -17.89 14.90
CA VAL D 460 -17.63 -17.77 13.44
C VAL D 460 -16.19 -17.62 12.90
N ALA D 461 -15.35 -16.88 13.62
CA ALA D 461 -13.98 -16.65 13.20
C ALA D 461 -13.11 -17.91 13.34
N ARG D 462 -13.31 -18.69 14.40
CA ARG D 462 -12.54 -19.94 14.57
C ARG D 462 -12.74 -20.87 13.40
N LEU D 463 -13.99 -20.95 12.97
CA LEU D 463 -14.37 -21.83 11.87
C LEU D 463 -13.65 -21.59 10.54
N HIS D 464 -13.17 -20.37 10.30
CA HIS D 464 -12.51 -20.04 9.02
C HIS D 464 -11.01 -19.85 9.11
N LEU D 465 -10.42 -20.13 10.26
CA LEU D 465 -8.98 -19.96 10.42
C LEU D 465 -8.18 -20.91 9.50
N ASP D 466 -8.49 -22.21 9.54
CA ASP D 466 -7.78 -23.21 8.71
C ASP D 466 -7.80 -22.93 7.20
N VAL D 467 -8.82 -22.21 6.72
CA VAL D 467 -8.91 -21.84 5.30
C VAL D 467 -7.65 -21.09 4.88
N LEU D 468 -7.18 -20.19 5.74
CA LEU D 468 -6.03 -19.36 5.47
C LEU D 468 -4.73 -19.78 6.15
N GLY D 469 -4.72 -20.96 6.77
CA GLY D 469 -3.52 -21.47 7.45
C GLY D 469 -3.07 -20.67 8.66
N ILE D 470 -4.04 -20.02 9.31
CA ILE D 470 -3.81 -19.18 10.48
C ILE D 470 -3.56 -19.99 11.75
N LYS D 471 -2.47 -19.67 12.44
CA LYS D 471 -2.09 -20.33 13.71
C LYS D 471 -2.39 -19.41 14.90
N LEU D 472 -3.36 -19.82 15.70
CA LEU D 472 -3.80 -19.03 16.84
C LEU D 472 -2.97 -19.37 18.11
N THR D 473 -2.54 -18.33 18.81
CA THR D 473 -1.78 -18.50 20.04
C THR D 473 -2.78 -18.77 21.16
N LYS D 474 -2.33 -19.51 22.18
CA LYS D 474 -3.19 -19.84 23.30
C LYS D 474 -2.64 -19.21 24.58
N LEU D 475 -3.51 -18.52 25.32
CA LEU D 475 -3.12 -17.89 26.58
C LEU D 475 -2.84 -18.91 27.66
N THR D 476 -1.84 -18.62 28.48
CA THR D 476 -1.51 -19.45 29.64
C THR D 476 -2.41 -18.90 30.75
N GLU D 477 -2.55 -19.63 31.88
CA GLU D 477 -3.39 -19.14 32.99
C GLU D 477 -2.98 -17.78 33.51
N THR D 478 -1.67 -17.56 33.64
CA THR D 478 -1.14 -16.29 34.15
C THR D 478 -1.50 -15.12 33.24
N GLN D 479 -1.39 -15.35 31.93
CA GLN D 479 -1.72 -14.33 30.93
C GLN D 479 -3.22 -14.06 30.91
N ALA D 480 -4.01 -15.13 31.00
CA ALA D 480 -5.47 -15.01 31.02
C ALA D 480 -5.92 -14.20 32.24
N LYS D 481 -5.29 -14.45 33.38
CA LYS D 481 -5.61 -13.74 34.61
C LYS D 481 -5.12 -12.29 34.56
N TYR D 482 -3.94 -12.07 33.97
CA TYR D 482 -3.36 -10.73 33.88
C TYR D 482 -4.24 -9.76 33.08
N ILE D 483 -4.78 -10.22 31.94
CA ILE D 483 -5.67 -9.37 31.10
C ILE D 483 -7.18 -9.58 31.43
N ASN D 484 -7.44 -10.33 32.49
CA ASN D 484 -8.79 -10.55 33.02
C ASN D 484 -9.79 -11.18 32.03
N VAL D 485 -9.36 -12.23 31.35
CA VAL D 485 -10.22 -12.94 30.39
C VAL D 485 -10.09 -14.46 30.56
N SER D 486 -10.99 -15.19 29.93
CA SER D 486 -10.97 -16.64 29.96
C SER D 486 -10.08 -17.13 28.80
N ILE D 487 -9.38 -18.24 29.01
CA ILE D 487 -8.51 -18.83 27.97
C ILE D 487 -9.28 -19.07 26.67
N ASN D 488 -10.54 -19.47 26.80
CA ASN D 488 -11.43 -19.74 25.65
C ASN D 488 -12.21 -18.53 25.15
N GLY D 489 -12.00 -17.36 25.75
CA GLY D 489 -12.71 -16.13 25.36
C GLY D 489 -14.04 -16.00 26.07
N PRO D 490 -14.79 -14.90 25.81
CA PRO D 490 -14.47 -13.79 24.88
C PRO D 490 -13.25 -12.98 25.31
N TYR D 491 -12.51 -12.48 24.34
CA TYR D 491 -11.25 -11.76 24.61
C TYR D 491 -11.33 -10.23 24.66
N LYS D 492 -12.47 -9.66 24.30
CA LYS D 492 -12.65 -8.23 24.28
C LYS D 492 -13.94 -7.86 24.97
N SER D 493 -14.00 -6.63 25.45
CA SER D 493 -15.21 -6.13 26.07
C SER D 493 -16.25 -5.82 24.96
N GLU D 494 -17.53 -5.71 25.33
CA GLU D 494 -18.61 -5.47 24.36
C GLU D 494 -18.53 -4.19 23.52
N ASP D 495 -17.85 -3.18 24.04
CA ASP D 495 -17.70 -1.91 23.33
C ASP D 495 -16.43 -1.84 22.42
N TYR D 496 -15.65 -2.93 22.35
CA TYR D 496 -14.43 -2.94 21.54
C TYR D 496 -14.79 -2.79 20.06
N ARG D 497 -13.99 -2.00 19.34
CA ARG D 497 -14.27 -1.69 17.94
C ARG D 497 -13.46 -2.43 16.89
N TYR D 498 -12.55 -3.30 17.32
CA TYR D 498 -11.72 -4.08 16.40
C TYR D 498 -11.17 -3.22 15.28
N1 7CY E . -5.50 -5.83 -26.55
C2 7CY E . -4.43 -6.18 -27.29
C4 7CY E . -3.13 -6.72 -25.42
C5 7CY E . -4.25 -6.36 -24.54
C6 7CY E . -5.48 -5.89 -25.19
C8 7CY E . -2.53 -7.02 -23.36
O2' 7CY E . 0.83 -5.78 -25.39
C2' 7CY E . 0.36 -6.85 -24.56
C3' 7CY E . 1.42 -7.93 -24.37
O3' 7CY E . 2.70 -7.53 -24.85
C4' 7CY E . 0.86 -9.16 -25.11
C5' 7CY E . 1.30 -10.59 -24.72
O5' 7CY E . 0.86 -11.47 -25.76
C1' 7CY E . -0.84 -7.55 -25.19
C6' 7CY E . -0.64 -9.02 -24.98
N9 7CY E . -2.14 -7.10 -24.65
N7 7CY E . -3.81 -6.56 -23.28
N3 7CY E . -3.28 -6.62 -26.75
N6 7CY E . -6.57 -5.53 -24.48
PA NAD F . 10.98 -10.28 -18.14
O1A NAD F . 12.26 -10.85 -18.69
O2A NAD F . 10.94 -8.84 -17.68
O5B NAD F . 10.48 -11.18 -16.91
C5B NAD F . 10.68 -12.60 -16.83
C4B NAD F . 11.26 -12.92 -15.46
O4B NAD F . 11.15 -14.32 -15.19
C3B NAD F . 12.74 -12.57 -15.34
O3B NAD F . 12.94 -11.68 -14.24
C2B NAD F . 13.45 -13.90 -15.12
O2B NAD F . 14.56 -13.77 -14.23
C1B NAD F . 12.33 -14.78 -14.56
N9A NAD F . 12.47 -16.24 -14.79
C8A NAD F . 12.90 -16.88 -15.89
N7A NAD F . 12.85 -18.23 -15.72
C5A NAD F . 12.35 -18.46 -14.50
C6A NAD F . 12.05 -19.66 -13.68
N6A NAD F . 12.25 -20.90 -14.16
N1A NAD F . 11.54 -19.46 -12.43
C2A NAD F . 11.33 -18.23 -11.94
N3A NAD F . 11.59 -17.10 -12.63
C4A NAD F . 12.10 -17.15 -13.89
O3 NAD F . 9.80 -10.50 -19.22
PN NAD F . 8.37 -9.79 -19.02
O1N NAD F . 8.34 -8.53 -19.84
O2N NAD F . 8.07 -9.73 -17.55
O5D NAD F . 7.34 -10.81 -19.73
C5D NAD F . 7.20 -12.17 -19.31
C4D NAD F . 6.21 -12.87 -20.23
O4D NAD F . 4.96 -12.19 -20.23
C3D NAD F . 6.65 -12.88 -21.69
O3D NAD F . 6.27 -14.13 -22.26
C2D NAD F . 5.89 -11.75 -22.33
O2D NAD F . 5.69 -11.94 -23.73
C1D NAD F . 4.58 -11.82 -21.57
N1N NAD F . 3.74 -10.63 -21.44
C2N NAD F . 2.43 -10.88 -21.30
C3N NAD F . 1.52 -9.85 -21.14
C7N NAD F . 0.04 -10.13 -21.02
O7N NAD F . -0.75 -9.25 -21.34
N7N NAD F . -0.41 -11.32 -20.57
C4N NAD F . 1.99 -8.54 -21.10
C5N NAD F . 3.34 -8.30 -21.24
C6N NAD F . 4.22 -9.37 -21.41
S SO4 G . 3.07 -20.22 5.86
O1 SO4 G . 3.52 -18.85 6.21
O2 SO4 G . 3.45 -21.15 6.94
O3 SO4 G . 3.72 -20.64 4.59
O4 SO4 G . 1.60 -20.23 5.69
S SO4 H . -13.33 13.01 -44.82
O1 SO4 H . -12.40 14.16 -44.90
O2 SO4 H . -13.86 12.91 -43.43
O3 SO4 H . -12.62 11.76 -45.16
O4 SO4 H . -14.46 13.22 -45.75
S SO4 I . -13.65 -15.99 -50.07
O1 SO4 I . -14.89 -15.83 -49.27
O2 SO4 I . -12.48 -15.93 -49.17
O3 SO4 I . -13.56 -14.92 -51.08
O4 SO4 I . -13.67 -17.31 -50.74
O1 P6G J . 21.12 13.78 -24.80
C2 P6G J . 21.55 14.01 -23.45
C3 P6G J . 20.44 13.59 -22.49
O4 P6G J . 20.62 14.28 -21.24
C5 P6G J . 21.56 13.66 -20.35
C6 P6G J . 22.36 14.75 -19.63
O7 P6G J . 23.62 14.95 -20.30
C8 P6G J . 24.68 14.15 -19.76
C9 P6G J . 25.57 13.66 -20.90
O10 P6G J . 26.27 14.77 -21.46
C11 P6G J . 26.63 14.57 -22.83
C12 P6G J . 27.26 15.84 -23.39
O13 P6G J . 26.27 16.63 -24.05
C14 P6G J . 26.75 17.93 -24.45
C15 P6G J . 25.70 18.59 -25.34
O16 P6G J . 24.70 19.19 -24.53
C17 P6G J . 23.36 18.89 -24.93
C18 P6G J . 22.39 19.86 -24.25
O19 P6G J . 21.28 20.10 -25.10
C1 GOL K . -17.42 -20.45 -36.06
O1 GOL K . -17.26 -19.46 -35.05
C2 GOL K . -16.50 -20.17 -37.24
O2 GOL K . -16.57 -21.23 -38.19
C3 GOL K . -16.88 -18.85 -37.90
O3 GOL K . -16.14 -18.65 -39.12
N1 7CY L . 26.64 6.50 4.33
C2 7CY L . 27.31 6.88 3.23
C4 7CY L . 25.35 7.37 2.04
C5 7CY L . 24.55 6.98 3.20
C6 7CY L . 25.29 6.51 4.40
C8 7CY L . 23.25 7.62 1.58
O2' 7CY L . 24.93 6.47 -1.94
C2' 7CY L . 24.19 7.59 -1.42
C3' 7CY L . 24.02 8.71 -2.45
O3' 7CY L . 24.52 8.38 -3.73
C4' 7CY L . 24.76 9.93 -1.87
C5' 7CY L . 24.26 11.33 -2.27
O5' 7CY L . 25.34 12.26 -2.12
C1' 7CY L . 24.94 8.22 -0.24
C6' 7CY L . 24.73 9.71 -0.36
N9 7CY L . 24.50 7.74 1.09
N7 7CY L . 23.26 7.14 2.85
N3 7CY L . 26.70 7.31 2.11
N6 7CY L . 24.64 6.11 5.51
PA NAD M . 17.20 11.14 -11.50
O1A NAD M . 17.67 11.78 -12.78
O2A NAD M . 16.80 9.69 -11.48
O5B NAD M . 15.96 12.02 -10.92
C5B NAD M . 15.85 13.43 -11.06
C4B NAD M . 14.47 13.72 -11.63
O4B NAD M . 14.13 15.10 -11.40
C3B NAD M . 14.36 13.49 -13.13
O3B NAD M . 13.33 12.55 -13.38
C2B NAD M . 14.01 14.84 -13.74
O2B NAD M . 13.05 14.70 -14.78
C1B NAD M . 13.45 15.62 -12.54
N9A NAD M . 13.64 17.09 -12.59
C8A NAD M . 14.75 17.78 -12.95
N7A NAD M . 14.52 19.11 -12.83
C5A NAD M . 13.27 19.29 -12.38
C6A NAD M . 12.41 20.45 -12.03
N6A NAD M . 12.85 21.72 -12.15
N1A NAD M . 11.16 20.19 -11.58
C2A NAD M . 10.69 18.93 -11.46
N3A NAD M . 11.42 17.84 -11.75
C4A NAD M . 12.70 17.96 -12.21
O3 NAD M . 18.31 11.36 -10.37
PN NAD M . 18.19 10.64 -8.95
O1N NAD M . 16.74 10.64 -8.51
O2N NAD M . 18.96 9.36 -8.96
O5D NAD M . 18.96 11.66 -7.99
C5D NAD M . 18.46 12.97 -7.77
C4D NAD M . 19.40 13.67 -6.81
O4D NAD M . 19.45 12.97 -5.58
C3D NAD M . 20.83 13.73 -7.34
O3D NAD M . 21.39 15.01 -7.07
C2D NAD M . 21.57 12.64 -6.57
O2D NAD M . 22.95 12.94 -6.38
C1D NAD M . 20.80 12.63 -5.25
N1N NAD M . 20.80 11.40 -4.47
C2N NAD M . 20.72 11.56 -3.14
C3N NAD M . 20.69 10.48 -2.27
C7N NAD M . 20.62 10.67 -0.79
O7N NAD M . 21.00 9.77 -0.08
N7N NAD M . 20.17 11.80 -0.26
C4N NAD M . 20.73 9.20 -2.81
C5N NAD M . 20.81 9.04 -4.20
C6N NAD M . 20.84 10.15 -5.01
S SO4 N . -6.51 20.02 -2.02
O1 SO4 N . -6.67 19.82 -0.56
O2 SO4 N . -5.58 21.14 -2.26
O3 SO4 N . -7.82 20.33 -2.63
O4 SO4 N . -5.98 18.78 -2.64
S SO4 O . 37.37 20.55 15.29
O1 SO4 O . 36.15 19.85 15.77
O2 SO4 O . 38.10 21.10 16.46
O3 SO4 O . 36.99 21.66 14.39
O4 SO4 O . 38.24 19.60 14.58
S SO4 P . 49.94 17.26 12.18
O1 SO4 P . 50.36 18.60 11.70
O2 SO4 P . 49.13 17.39 13.41
O3 SO4 P . 49.14 16.61 11.12
O4 SO4 P . 51.13 16.43 12.47
S SO4 Q . 38.14 -18.16 -1.47
O1 SO4 Q . 38.25 -17.27 -0.29
O2 SO4 Q . 39.47 -18.24 -2.13
O3 SO4 Q . 37.71 -19.51 -1.02
O4 SO4 Q . 37.15 -17.61 -2.43
S SO4 R . 7.39 42.77 -2.92
O1 SO4 R . 8.59 43.42 -3.51
O2 SO4 R . 7.52 42.77 -1.45
O3 SO4 R . 6.16 43.53 -3.30
O4 SO4 R . 7.28 41.39 -3.42
O1 P6G S . 26.13 -18.27 -22.90
C2 P6G S . 25.09 -19.12 -23.40
C3 P6G S . 23.95 -18.26 -23.94
O4 P6G S . 24.05 -18.16 -25.37
C5 P6G S . 24.41 -16.85 -25.81
C6 P6G S . 24.71 -16.87 -27.32
O7 P6G S . 23.62 -16.32 -28.05
C8 P6G S . 23.66 -14.90 -28.20
C9 P6G S . 22.23 -14.37 -28.13
O10 P6G S . 22.15 -12.99 -28.48
C11 P6G S . 21.35 -12.21 -27.60
C12 P6G S . 19.86 -12.63 -27.63
O13 P6G S . 19.52 -13.36 -26.45
C14 P6G S . 19.06 -12.50 -25.39
C15 P6G S . 18.90 -13.31 -24.11
O16 P6G S . 20.16 -13.42 -23.42
C17 P6G S . 20.44 -12.36 -22.50
C18 P6G S . 21.68 -12.70 -21.69
O19 P6G S . 22.86 -12.31 -22.40
N1 7CY T . 3.09 12.71 24.37
C2 7CY T . 2.30 12.23 25.36
C4 7CY T . 1.90 10.20 24.25
C5 7CY T . 2.75 10.64 23.14
C6 7CY T . 3.35 12.00 23.25
C8 7CY T . 1.96 8.65 22.74
O2' 7CY T . -1.81 8.51 24.30
C2' 7CY T . -0.67 7.64 24.15
C3' 7CY T . -0.90 6.28 24.80
O3' 7CY T . -2.26 6.12 25.25
C4' 7CY T . 0.11 6.18 25.95
C5' 7CY T . 0.62 4.80 26.41
O5' 7CY T . 1.33 4.99 27.64
C1' 7CY T . 0.55 8.23 24.86
C6' 7CY T . 1.26 7.07 25.52
N9 7CY T . 1.46 9.00 23.95
N7 7CY T . 2.74 9.65 22.24
N3 7CY T . 1.72 11.03 25.31
N6 7CY T . 4.14 12.50 22.28
PA NAD U . -5.93 -3.95 22.33
O1A NAD U . -6.72 -4.72 23.34
O2A NAD U . -6.67 -3.26 21.20
O5B NAD U . -4.82 -4.88 21.65
C5B NAD U . -4.11 -5.92 22.32
C4B NAD U . -4.16 -7.15 21.44
O4B NAD U . -3.18 -8.09 21.85
C3B NAD U . -5.51 -7.87 21.48
O3B NAD U . -6.09 -7.94 20.17
C2B NAD U . -5.21 -9.25 22.03
O2B NAD U . -5.95 -10.27 21.35
C1B NAD U . -3.72 -9.41 21.78
N9A NAD U . -3.00 -10.27 22.75
C8A NAD U . -3.10 -10.28 24.09
N7A NAD U . -2.26 -11.20 24.62
C5A NAD U . -1.58 -11.77 23.61
C6A NAD U . -0.55 -12.84 23.46
N6A NAD U . -0.04 -13.45 24.55
N1A NAD U . -0.11 -13.15 22.22
C2A NAD U . -0.62 -12.54 21.12
N3A NAD U . -1.57 -11.58 21.19
C4A NAD U . -2.08 -11.16 22.38
O3 NAD U . -5.02 -2.88 23.11
PN NAD U . -4.26 -1.69 22.34
O1N NAD U . -3.69 -2.19 21.04
O2N NAD U . -5.09 -0.43 22.37
O5D NAD U . -3.03 -1.42 23.35
C5D NAD U . -2.08 -2.43 23.62
C4D NAD U . -1.03 -1.82 24.55
O4D NAD U . -0.46 -0.65 23.95
C3D NAD U . -1.64 -1.36 25.87
O3D NAD U . -0.75 -1.69 26.93
C2D NAD U . -1.78 0.14 25.72
O2D NAD U . -1.74 0.81 26.99
C1D NAD U . -0.58 0.47 24.85
N1N NAD U . -0.61 1.68 24.03
C2N NAD U . 0.59 2.23 23.78
C3N NAD U . 0.73 3.36 22.98
C7N NAD U . 2.08 3.96 22.73
O7N NAD U . 2.17 5.16 22.51
N7N NAD U . 3.17 3.19 22.77
C4N NAD U . -0.42 3.93 22.45
C5N NAD U . -1.64 3.36 22.73
C6N NAD U . -1.73 2.22 23.52
S SO4 V . 10.39 -17.69 5.60
O1 SO4 V . 9.52 -16.71 6.30
O2 SO4 V . 11.22 -18.40 6.60
O3 SO4 V . 9.54 -18.66 4.87
O4 SO4 V . 11.26 -16.98 4.65
C1 GOL W . 19.19 15.14 38.91
O1 GOL W . 18.91 14.00 39.72
C2 GOL W . 17.92 15.53 38.14
O2 GOL W . 18.22 15.65 36.74
C3 GOL W . 17.32 16.84 38.65
O3 GOL W . 17.10 16.80 40.06
N1 7CY X . -24.04 -13.54 -2.32
C2 7CY X . -25.03 -13.12 -1.51
C4 7CY X . -24.03 -11.04 -1.13
C5 7CY X . -22.92 -11.41 -2.01
C6 7CY X . -22.97 -12.76 -2.63
C8 7CY X . -22.62 -9.40 -1.23
O2' 7CY X . -24.13 -9.47 2.57
C2' 7CY X . -23.96 -8.57 1.48
C3' 7CY X . -24.57 -7.20 1.73
O3' 7CY X . -24.98 -7.00 3.09
C4' 7CY X . -25.77 -7.12 0.76
C5' 7CY X . -26.29 -5.74 0.34
O5' 7CY X . -27.66 -5.92 -0.04
C1' 7CY X . -24.67 -9.11 0.23
C6' 7CY X . -25.34 -7.93 -0.43
N9 7CY X . -23.77 -9.82 -0.69
N7 7CY X . -22.09 -10.36 -2.02
N3 7CY X . -25.04 -11.92 -0.92
N6 7CY X . -22.00 -13.20 -3.45
PA NAD Y . -22.11 2.90 7.03
O1A NAD Y . -23.07 3.67 7.91
O2A NAD Y . -20.90 2.23 7.64
O5B NAD Y . -21.59 3.85 5.85
C5B NAD Y . -22.35 4.94 5.33
C4B NAD Y . -21.47 6.18 5.37
O4B NAD Y . -21.98 7.14 4.44
C3B NAD Y . -21.44 6.86 6.73
O3B NAD Y . -20.10 6.95 7.20
C2B NAD Y . -22.04 8.23 6.51
O2B NAD Y . -21.34 9.25 7.24
C1B NAD Y . -21.91 8.43 5.01
N9A NAD Y . -22.95 9.29 4.39
C8A NAD Y . -24.27 9.26 4.63
N7A NAD Y . -24.91 10.16 3.85
C5A NAD Y . -23.98 10.79 3.10
C6A NAD Y . -23.97 11.85 2.07
N6A NAD Y . -25.12 12.46 1.69
N1A NAD Y . -22.78 12.20 1.54
C2A NAD Y . -21.63 11.61 1.91
N3A NAD Y . -21.57 10.64 2.85
C4A NAD Y . -22.69 10.19 3.46
O3 NAD Y . -22.95 1.81 6.20
PN NAD Y . -22.20 0.68 5.34
O1N NAD Y . -20.92 1.26 4.79
O2N NAD Y . -22.15 -0.59 6.17
O5D NAD Y . -23.22 0.39 4.13
C5D NAD Y . -23.57 1.40 3.18
C4D NAD Y . -24.56 0.80 2.18
O4D NAD Y . -23.97 -0.30 1.51
C3D NAD Y . -25.82 0.25 2.83
O3D NAD Y . -26.95 0.55 2.01
C2D NAD Y . -25.60 -1.25 2.90
O2D NAD Y . -26.81 -2.01 2.87
C1D NAD Y . -24.80 -1.46 1.64
N1N NAD Y . -23.92 -2.64 1.56
C2N NAD Y . -23.76 -3.16 0.33
C3N NAD Y . -22.93 -4.25 0.12
C7N NAD Y . -22.77 -4.84 -1.25
O7N NAD Y . -22.43 -6.01 -1.35
N7N NAD Y . -23.01 -4.11 -2.34
C4N NAD Y . -22.24 -4.79 1.20
C5N NAD Y . -22.41 -4.23 2.46
C6N NAD Y . -23.25 -3.14 2.62
S SO4 Z . -6.74 17.84 -9.29
O1 SO4 Z . -6.12 19.16 -9.05
O2 SO4 Z . -6.84 17.11 -8.00
O3 SO4 Z . -8.11 17.99 -9.85
O4 SO4 Z . -5.91 17.06 -10.24
S SO4 AA . -20.05 -22.70 20.62
O1 SO4 AA . -20.16 -21.47 21.44
O2 SO4 AA . -20.34 -23.89 21.46
O3 SO4 AA . -21.01 -22.65 19.50
O4 SO4 AA . -18.68 -22.82 20.11
S SO4 BA . -47.55 -24.10 -9.86
O1 SO4 BA . -47.55 -25.04 -8.72
O2 SO4 BA . -46.59 -23.00 -9.60
O3 SO4 BA . -48.90 -23.51 -10.04
O4 SO4 BA . -47.15 -24.82 -11.10
C1 PEG CA . -39.84 -17.97 -15.84
O1 PEG CA . -40.54 -19.15 -16.22
C2 PEG CA . -38.99 -17.49 -17.02
O2 PEG CA . -38.45 -16.21 -16.73
C3 PEG CA . -39.31 -15.12 -17.03
C4 PEG CA . -38.85 -14.44 -18.31
O4 PEG CA . -39.98 -13.96 -19.04
C1 PEG DA . -13.83 -9.96 28.84
O1 PEG DA . -15.20 -10.24 29.15
C2 PEG DA . -13.54 -8.48 29.06
O2 PEG DA . -12.14 -8.27 29.29
C3 PEG DA . -11.80 -7.94 30.65
C4 PEG DA . -12.01 -6.45 30.91
O4 PEG DA . -12.66 -6.25 32.16
C1 PEG EA . -13.03 -13.47 33.32
O1 PEG EA . -13.64 -14.73 33.03
C2 PEG EA . -12.65 -13.38 34.79
O2 PEG EA . -13.66 -12.66 35.51
C3 PEG EA . -13.46 -11.24 35.52
C4 PEG EA . -14.79 -10.52 35.65
O4 PEG EA . -14.58 -9.11 35.59
#